data_9MT6
#
_entry.id   9MT6
#
_cell.length_a   1.00
_cell.length_b   1.00
_cell.length_c   1.00
_cell.angle_alpha   90.00
_cell.angle_beta   90.00
_cell.angle_gamma   90.00
#
_symmetry.space_group_name_H-M   'P 1'
#
loop_
_entity.id
_entity.type
_entity.pdbx_description
1 polymer 'JUNV GP1'
2 polymer 'Pre-glycoprotein polyprotein GP complex'
3 polymer 'JUNV GP2'
4 branched 2-acetamido-2-deoxy-beta-D-glucopyranose-(1-4)-2-acetamido-2-deoxy-beta-D-glucopyranose
5 non-polymer 2-acetamido-2-deoxy-beta-D-glucopyranose
6 non-polymer 'ZINC ION'
#
loop_
_entity_poly.entity_id
_entity_poly.type
_entity_poly.pdbx_seq_one_letter_code
_entity_poly.pdbx_strand_id
1 'polypeptide(L)'
;EEAFKIGLHTEFQTVSFSMVGLFSNNPHDLPLLCTLNKSHLYIKGGNASFKISFDDIAVLLPEYDVIIQHPADMSWCSKS
DDQIWLSQWFMNAVGHDWYLDPPFLCRNRTKTEGFIFQVNTSKTGINENYAKKFKTGMHHLYREYPDSCLDGKLCLMKAQ
PTSWPLQCPLDHVNTLHFLTRGKNIQLPRRSLK
;
B,E,H
2 'polypeptide(L)' MGQFISFMQEIPTFLQEALNIALVAVSLIAIIAGVVNLYKSGLFQFFVFLALAGRSCT D,G,A
3 'polypeptide(L)'
;AFFSWSLTDSSGKDTPGGYCLEEWMLVAAKMKCFGNTAVAKCNLNHDSEFCDMLRLFDYNKNAIKTLNDETKKQVNLMGQ
TINALISDNLLMKNKIRELMSVPYCNYTKFWYVNHTLSGQHSLPRCWLIKNNSYLNISDFRNDWILESDFLISEMLSKEY
SDRQGKTPLTLVDICFWSTVFFTASLFLHLVGIPTHRHIRGEACPLPHRLNSLGGCRCGKYPNLKKPTVWRRGH
;
I,C,F
#
loop_
_chem_comp.id
_chem_comp.type
_chem_comp.name
_chem_comp.formula
NAG D-saccharide, beta linking 2-acetamido-2-deoxy-beta-D-glucopyranose 'C8 H15 N O6'
ZN non-polymer 'ZINC ION' 'Zn 2'
#
# COMPACT_ATOMS: atom_id res chain seq x y z
N GLU A 2 16.14 -22.15 -16.61
CA GLU A 2 16.70 -21.74 -17.89
C GLU A 2 15.78 -20.73 -18.57
N ALA A 3 16.37 -19.84 -19.38
CA ALA A 3 15.60 -18.81 -20.05
C ALA A 3 14.87 -19.38 -21.25
N PHE A 4 13.58 -19.07 -21.35
CA PHE A 4 12.79 -19.50 -22.48
C PHE A 4 11.67 -18.49 -22.73
N LYS A 5 11.28 -18.37 -24.00
CA LYS A 5 10.25 -17.42 -24.39
C LYS A 5 8.87 -17.95 -24.02
N ILE A 6 8.02 -17.04 -23.53
CA ILE A 6 6.67 -17.40 -23.14
C ILE A 6 5.61 -16.60 -23.88
N GLY A 7 5.98 -15.53 -24.59
CA GLY A 7 5.07 -14.79 -25.43
C GLY A 7 5.75 -14.38 -26.71
N LEU A 8 5.32 -13.27 -27.31
CA LEU A 8 5.98 -12.78 -28.51
C LEU A 8 7.35 -12.21 -28.18
N HIS A 9 7.42 -11.36 -27.15
CA HIS A 9 8.69 -10.81 -26.69
C HIS A 9 8.99 -11.12 -25.22
N THR A 10 8.00 -11.49 -24.43
CA THR A 10 8.22 -11.79 -23.03
C THR A 10 9.02 -13.09 -22.90
N GLU A 11 10.06 -13.05 -22.07
CA GLU A 11 10.94 -14.18 -21.88
C GLU A 11 11.09 -14.47 -20.40
N PHE A 12 10.93 -15.73 -20.03
CA PHE A 12 11.14 -16.16 -18.64
C PHE A 12 12.63 -16.18 -18.34
N GLN A 13 13.05 -15.37 -17.37
CA GLN A 13 14.45 -15.21 -17.02
C GLN A 13 14.64 -15.38 -15.52
N THR A 14 15.85 -15.77 -15.13
CA THR A 14 16.15 -16.08 -13.74
C THR A 14 17.41 -15.37 -13.28
N VAL A 15 17.42 -15.01 -12.00
CA VAL A 15 18.60 -14.46 -11.33
C VAL A 15 18.84 -15.26 -10.05
N SER A 16 20.09 -15.63 -9.81
CA SER A 16 20.46 -16.43 -8.65
C SER A 16 21.55 -15.70 -7.87
N PHE A 17 21.39 -15.64 -6.55
CA PHE A 17 22.31 -14.93 -5.67
C PHE A 17 23.42 -15.87 -5.21
N SER A 18 24.64 -15.36 -5.15
CA SER A 18 25.77 -16.11 -4.65
C SER A 18 25.93 -15.85 -3.16
N MET A 19 26.19 -16.91 -2.41
CA MET A 19 26.32 -16.82 -0.95
C MET A 19 27.77 -16.77 -0.51
N VAL A 20 28.67 -17.40 -1.28
CA VAL A 20 30.10 -17.30 -1.00
C VAL A 20 30.52 -15.84 -1.04
N GLY A 21 30.08 -15.11 -2.06
CA GLY A 21 30.38 -13.69 -2.14
C GLY A 21 29.77 -12.91 -0.99
N LEU A 22 28.56 -13.28 -0.58
CA LEU A 22 27.91 -12.56 0.52
C LEU A 22 28.67 -12.73 1.82
N PHE A 23 29.13 -13.96 2.08
CA PHE A 23 29.85 -14.26 3.34
C PHE A 23 31.28 -13.72 3.25
N SER A 24 31.91 -13.84 2.07
CA SER A 24 33.28 -13.31 1.88
C SER A 24 33.29 -11.82 2.23
N ASN A 25 32.52 -11.04 1.49
CA ASN A 25 32.43 -9.58 1.72
C ASN A 25 31.51 -9.34 2.89
N ASN A 26 32.05 -8.99 4.05
CA ASN A 26 31.16 -8.83 5.23
C ASN A 26 31.81 -7.92 6.25
N PRO A 27 31.06 -6.94 6.80
CA PRO A 27 31.57 -6.06 7.87
C PRO A 27 31.73 -6.84 9.17
N HIS A 28 31.09 -8.01 9.28
CA HIS A 28 31.15 -8.79 10.53
C HIS A 28 31.44 -10.26 10.24
N ASP A 29 31.44 -11.09 11.28
CA ASP A 29 31.69 -12.55 11.12
C ASP A 29 30.38 -13.27 11.37
N LEU A 30 29.48 -13.22 10.40
CA LEU A 30 28.16 -13.85 10.54
C LEU A 30 28.34 -15.30 10.98
N PRO A 31 27.53 -15.82 11.92
CA PRO A 31 27.58 -17.24 12.33
C PRO A 31 27.20 -18.18 11.19
N LEU A 32 27.76 -19.38 11.14
CA LEU A 32 27.45 -20.39 10.13
C LEU A 32 26.78 -21.58 10.80
N LEU A 33 25.70 -22.06 10.19
CA LEU A 33 24.96 -23.22 10.67
C LEU A 33 24.72 -24.14 9.47
N CYS A 34 25.33 -25.31 9.49
CA CYS A 34 25.33 -26.19 8.33
C CYS A 34 24.97 -27.61 8.75
N THR A 35 24.29 -28.33 7.86
CA THR A 35 23.84 -29.70 8.11
C THR A 35 24.41 -30.60 7.02
N LEU A 36 25.57 -31.19 7.28
CA LEU A 36 26.17 -32.12 6.35
C LEU A 36 25.46 -33.46 6.42
N ASN A 37 25.01 -33.96 5.28
CA ASN A 37 24.22 -35.19 5.18
C ASN A 37 23.00 -34.99 6.08
N LYS A 38 22.71 -35.92 7.00
CA LYS A 38 21.63 -35.75 7.95
C LYS A 38 22.11 -36.23 9.31
N SER A 39 21.49 -35.69 10.36
CA SER A 39 21.85 -35.99 11.75
C SER A 39 23.30 -35.62 12.07
N HIS A 40 23.88 -34.71 11.29
CA HIS A 40 25.25 -34.21 11.52
C HIS A 40 25.19 -32.69 11.43
N LEU A 41 24.92 -32.05 12.57
CA LEU A 41 24.76 -30.60 12.61
C LEU A 41 26.04 -29.93 13.07
N TYR A 42 26.40 -28.84 12.41
CA TYR A 42 27.59 -28.08 12.71
C TYR A 42 27.24 -26.62 12.93
N ILE A 43 28.11 -25.92 13.66
CA ILE A 43 27.95 -24.50 13.91
C ILE A 43 29.33 -23.86 13.93
N LYS A 44 29.40 -22.64 13.41
CA LYS A 44 30.67 -21.92 13.31
C LYS A 44 30.44 -20.45 13.63
N GLY A 45 31.24 -19.92 14.56
CA GLY A 45 31.21 -18.52 14.89
C GLY A 45 32.50 -18.09 15.54
N GLY A 46 33.10 -17.03 15.04
CA GLY A 46 34.44 -16.68 15.49
C GLY A 46 35.41 -17.77 15.09
N ASN A 47 36.35 -18.09 15.98
CA ASN A 47 37.27 -19.18 15.75
C ASN A 47 36.74 -20.53 16.23
N ALA A 48 35.59 -20.54 16.90
CA ALA A 48 35.04 -21.78 17.43
C ALA A 48 34.11 -22.45 16.43
N SER A 49 34.17 -23.78 16.40
CA SER A 49 33.35 -24.59 15.50
C SER A 49 33.00 -25.88 16.21
N PHE A 50 31.72 -26.09 16.49
CA PHE A 50 31.26 -27.25 17.24
C PHE A 50 30.63 -28.28 16.30
N LYS A 51 30.24 -29.41 16.90
CA LYS A 51 29.51 -30.46 16.19
C LYS A 51 28.39 -30.92 17.11
N ILE A 52 27.20 -30.35 16.91
CA ILE A 52 26.04 -30.72 17.70
C ILE A 52 25.66 -32.17 17.40
N SER A 53 25.59 -32.99 18.44
CA SER A 53 25.26 -34.40 18.30
C SER A 53 24.27 -34.79 19.38
N PHE A 54 23.17 -35.42 18.97
CA PHE A 54 22.14 -35.87 19.89
C PHE A 54 22.25 -37.38 20.06
N ASP A 55 22.61 -37.81 21.27
CA ASP A 55 22.82 -39.22 21.57
C ASP A 55 22.09 -39.57 22.86
N ASP A 56 21.88 -40.87 23.06
CA ASP A 56 21.28 -41.35 24.31
C ASP A 56 22.29 -41.44 25.44
N ILE A 57 23.59 -41.37 25.14
CA ILE A 57 24.60 -41.44 26.19
C ILE A 57 24.67 -40.12 26.93
N ALA A 58 25.28 -40.17 28.12
CA ALA A 58 25.39 -39.02 29.02
C ALA A 58 26.86 -38.89 29.44
N VAL A 59 27.63 -38.16 28.63
CA VAL A 59 29.06 -38.00 28.93
C VAL A 59 29.25 -37.17 30.19
N LEU A 60 28.38 -36.19 30.43
CA LEU A 60 28.51 -35.27 31.54
C LEU A 60 27.37 -35.50 32.53
N LEU A 61 27.72 -35.72 33.80
CA LEU A 61 26.74 -35.98 34.83
C LEU A 61 26.63 -34.77 35.77
N PRO A 62 25.45 -34.53 36.34
CA PRO A 62 25.27 -33.32 37.15
C PRO A 62 26.18 -33.23 38.36
N GLU A 63 26.57 -34.36 38.95
CA GLU A 63 27.36 -34.36 40.18
C GLU A 63 28.85 -34.45 39.93
N TYR A 64 29.29 -34.45 38.67
CA TYR A 64 30.70 -34.48 38.35
C TYR A 64 31.19 -33.30 37.52
N ASP A 65 30.28 -32.54 36.91
CA ASP A 65 30.66 -31.49 35.98
C ASP A 65 29.99 -30.17 36.37
N VAL A 66 30.34 -29.11 35.64
CA VAL A 66 29.95 -27.76 36.02
C VAL A 66 28.48 -27.54 35.72
N ILE A 67 27.72 -27.10 36.73
CA ILE A 67 26.32 -26.74 36.56
C ILE A 67 26.26 -25.29 36.11
N ILE A 68 25.55 -25.04 35.01
CA ILE A 68 25.53 -23.72 34.39
C ILE A 68 24.11 -23.18 34.49
N GLN A 69 23.90 -22.25 35.40
CA GLN A 69 22.64 -21.54 35.53
C GLN A 69 22.75 -20.07 35.20
N HIS A 70 23.96 -19.51 35.16
CA HIS A 70 24.25 -18.15 34.76
C HIS A 70 25.33 -18.19 33.68
N PRO A 71 25.28 -17.28 32.71
CA PRO A 71 26.33 -17.28 31.68
C PRO A 71 27.72 -17.06 32.24
N ALA A 72 27.84 -16.35 33.36
CA ALA A 72 29.16 -16.12 33.94
C ALA A 72 29.76 -17.37 34.55
N ASP A 73 28.96 -18.40 34.78
CA ASP A 73 29.47 -19.65 35.33
C ASP A 73 30.26 -20.47 34.31
N MET A 74 30.25 -20.08 33.05
CA MET A 74 30.98 -20.80 32.01
C MET A 74 32.46 -20.43 31.97
N SER A 75 32.94 -19.68 32.97
CA SER A 75 34.37 -19.42 33.05
C SER A 75 35.16 -20.70 33.29
N TRP A 76 34.55 -21.68 33.96
CA TRP A 76 35.18 -22.98 34.16
C TRP A 76 34.77 -23.97 33.07
N CYS A 77 34.77 -23.52 31.83
CA CYS A 77 34.34 -24.39 30.74
C CYS A 77 35.35 -24.50 29.61
N SER A 78 36.05 -23.41 29.28
CA SER A 78 37.05 -23.44 28.23
C SER A 78 37.99 -22.26 28.40
N LYS A 79 39.28 -22.50 28.15
CA LYS A 79 40.25 -21.41 28.16
C LYS A 79 39.92 -20.40 27.07
N SER A 80 39.54 -20.88 25.88
CA SER A 80 39.23 -19.99 24.77
C SER A 80 37.90 -19.29 25.01
N ASP A 81 37.95 -17.95 25.02
CA ASP A 81 36.74 -17.17 25.25
C ASP A 81 35.81 -17.21 24.05
N ASP A 82 36.34 -17.46 22.85
CA ASP A 82 35.50 -17.53 21.66
C ASP A 82 34.55 -18.73 21.73
N GLN A 83 35.03 -19.85 22.28
CA GLN A 83 34.16 -21.01 22.45
C GLN A 83 33.03 -20.71 23.41
N ILE A 84 33.33 -20.04 24.53
CA ILE A 84 32.29 -19.67 25.48
C ILE A 84 31.30 -18.72 24.82
N TRP A 85 31.80 -17.77 24.03
CA TRP A 85 30.92 -16.83 23.32
C TRP A 85 29.98 -17.56 22.38
N LEU A 86 30.52 -18.48 21.58
CA LEU A 86 29.69 -19.22 20.64
C LEU A 86 28.66 -20.07 21.37
N SER A 87 29.06 -20.72 22.46
CA SER A 87 28.13 -21.55 23.21
C SER A 87 27.01 -20.72 23.82
N GLN A 88 27.37 -19.58 24.42
CA GLN A 88 26.37 -18.71 25.03
C GLN A 88 25.37 -18.21 23.99
N TRP A 89 25.87 -17.78 22.84
CA TRP A 89 24.95 -17.22 21.85
C TRP A 89 24.16 -18.30 21.14
N PHE A 90 24.71 -19.51 21.00
CA PHE A 90 23.91 -20.62 20.51
C PHE A 90 22.77 -20.96 21.46
N MET A 91 23.06 -20.98 22.77
CA MET A 91 22.02 -21.29 23.73
C MET A 91 20.96 -20.20 23.76
N ASN A 92 21.38 -18.94 23.61
CA ASN A 92 20.42 -17.85 23.49
C ASN A 92 19.57 -17.99 22.24
N ALA A 93 20.18 -18.38 21.12
CA ALA A 93 19.44 -18.51 19.87
C ALA A 93 18.43 -19.65 19.93
N VAL A 94 18.78 -20.75 20.59
CA VAL A 94 17.83 -21.86 20.72
C VAL A 94 16.62 -21.42 21.55
N GLY A 95 16.84 -20.58 22.56
CA GLY A 95 15.75 -20.09 23.37
C GLY A 95 15.90 -20.42 24.83
N HIS A 96 17.14 -20.53 25.29
CA HIS A 96 17.43 -20.92 26.67
C HIS A 96 17.36 -19.69 27.55
N ASP A 97 16.29 -19.59 28.34
CA ASP A 97 16.16 -18.53 29.33
C ASP A 97 16.98 -18.91 30.56
N TRP A 98 17.97 -18.08 30.89
CA TRP A 98 18.94 -18.42 31.91
C TRP A 98 18.37 -18.39 33.31
N TYR A 99 17.15 -17.90 33.50
CA TYR A 99 16.53 -17.87 34.82
C TYR A 99 15.42 -18.89 35.01
N LEU A 100 14.69 -19.24 33.95
CA LEU A 100 13.51 -20.09 34.06
C LEU A 100 13.72 -21.48 33.49
N ASP A 101 14.92 -21.79 33.01
CA ASP A 101 15.17 -23.06 32.37
C ASP A 101 16.15 -23.88 33.20
N PRO A 102 16.06 -25.21 33.14
CA PRO A 102 16.96 -26.05 33.92
C PRO A 102 18.41 -25.85 33.50
N PRO A 103 19.33 -25.93 34.44
CA PRO A 103 20.75 -25.76 34.10
C PRO A 103 21.27 -26.89 33.24
N PHE A 104 22.30 -26.60 32.46
CA PHE A 104 22.94 -27.59 31.61
C PHE A 104 24.40 -27.76 32.03
N LEU A 105 24.90 -28.99 31.89
CA LEU A 105 26.22 -29.34 32.35
C LEU A 105 27.28 -28.92 31.35
N CYS A 106 28.52 -28.81 31.86
CA CYS A 106 29.66 -28.41 31.07
C CYS A 106 30.92 -28.94 31.74
N ARG A 107 31.88 -29.38 30.94
CA ARG A 107 33.07 -30.01 31.48
C ARG A 107 33.99 -28.99 32.13
N ASN A 108 34.64 -29.41 33.21
CA ASN A 108 35.59 -28.56 33.90
C ASN A 108 36.74 -28.17 32.98
N ARG A 109 37.12 -26.89 33.03
CA ARG A 109 38.20 -26.42 32.18
C ARG A 109 39.52 -27.09 32.52
N THR A 110 39.78 -27.32 33.82
CA THR A 110 41.05 -27.87 34.24
C THR A 110 41.27 -29.27 33.69
N LYS A 111 40.22 -30.09 33.65
CA LYS A 111 40.33 -31.42 33.08
C LYS A 111 40.74 -31.34 31.61
N THR A 112 41.72 -32.15 31.23
CA THR A 112 42.25 -32.13 29.87
C THR A 112 41.54 -33.13 28.96
N GLU A 113 40.21 -33.08 28.95
CA GLU A 113 39.41 -33.96 28.10
C GLU A 113 38.55 -33.16 27.12
N GLY A 114 39.00 -31.96 26.74
CA GLY A 114 38.29 -31.17 25.76
C GLY A 114 37.16 -30.35 26.34
N PHE A 115 36.60 -29.49 25.49
CA PHE A 115 35.48 -28.64 25.87
C PHE A 115 34.20 -29.28 25.36
N ILE A 116 33.39 -29.79 26.29
CA ILE A 116 32.11 -30.41 25.96
C ILE A 116 31.07 -29.84 26.92
N PHE A 117 29.97 -29.32 26.37
CA PHE A 117 28.82 -28.95 27.17
C PHE A 117 27.59 -29.70 26.68
N GLN A 118 26.81 -30.20 27.62
CA GLN A 118 25.70 -31.09 27.33
C GLN A 118 24.41 -30.50 27.85
N VAL A 119 23.39 -30.47 26.99
CA VAL A 119 22.09 -29.88 27.30
C VAL A 119 21.05 -30.98 27.26
N ASN A 120 20.19 -31.02 28.28
CA ASN A 120 19.18 -32.06 28.40
C ASN A 120 17.97 -31.68 27.56
N THR A 121 17.83 -32.30 26.40
CA THR A 121 16.74 -32.03 25.47
C THR A 121 15.82 -33.23 25.37
N SER A 122 15.57 -33.89 26.49
CA SER A 122 14.74 -35.08 26.52
C SER A 122 13.29 -34.71 26.78
N LYS A 123 12.38 -35.35 26.03
CA LYS A 123 10.94 -35.08 26.15
C LYS A 123 10.34 -36.09 27.13
N THR A 124 10.57 -35.84 28.42
CA THR A 124 10.13 -36.76 29.46
C THR A 124 9.94 -36.01 30.75
N GLY A 125 8.74 -36.06 31.30
CA GLY A 125 8.50 -35.51 32.64
C GLY A 125 8.65 -34.01 32.69
N ILE A 126 9.47 -33.54 33.64
CA ILE A 126 9.59 -32.12 33.90
C ILE A 126 10.33 -31.41 32.78
N ASN A 127 10.99 -32.15 31.90
CA ASN A 127 11.78 -31.58 30.82
C ASN A 127 10.97 -31.39 29.54
N GLU A 128 9.66 -31.63 29.57
CA GLU A 128 8.86 -31.62 28.34
C GLU A 128 8.84 -30.24 27.70
N ASN A 129 8.50 -29.21 28.47
CA ASN A 129 8.41 -27.87 27.90
C ASN A 129 9.77 -27.37 27.42
N TYR A 130 10.82 -27.65 28.19
CA TYR A 130 12.15 -27.22 27.80
C TYR A 130 12.59 -27.92 26.51
N ALA A 131 12.32 -29.21 26.38
CA ALA A 131 12.67 -29.92 25.17
C ALA A 131 11.86 -29.43 23.98
N LYS A 132 10.60 -29.09 24.19
CA LYS A 132 9.79 -28.53 23.12
C LYS A 132 10.34 -27.19 22.66
N LYS A 133 10.73 -26.34 23.61
CA LYS A 133 11.33 -25.07 23.27
C LYS A 133 12.65 -25.26 22.53
N PHE A 134 13.43 -26.26 22.95
CA PHE A 134 14.70 -26.54 22.28
C PHE A 134 14.45 -27.01 20.85
N LYS A 135 13.43 -27.84 20.64
CA LYS A 135 13.09 -28.28 19.30
C LYS A 135 12.62 -27.12 18.44
N THR A 136 11.83 -26.21 19.02
CA THR A 136 11.46 -24.98 18.32
C THR A 136 12.70 -24.22 17.86
N GLY A 137 13.63 -24.00 18.79
CA GLY A 137 14.83 -23.26 18.45
C GLY A 137 15.64 -23.94 17.37
N MET A 138 15.75 -25.27 17.44
CA MET A 138 16.56 -25.98 16.45
C MET A 138 15.90 -25.99 15.08
N HIS A 139 14.57 -26.05 15.02
CA HIS A 139 13.90 -25.88 13.74
C HIS A 139 14.12 -24.47 13.18
N HIS A 140 14.13 -23.47 14.06
CA HIS A 140 14.41 -22.11 13.60
C HIS A 140 15.82 -22.00 13.05
N LEU A 141 16.81 -22.45 13.82
CA LEU A 141 18.21 -22.27 13.43
C LEU A 141 18.57 -23.13 12.23
N TYR A 142 18.08 -24.37 12.19
CA TYR A 142 18.41 -25.29 11.10
C TYR A 142 17.17 -25.61 10.29
N ARG A 143 17.22 -25.36 8.99
CA ARG A 143 16.17 -25.82 8.11
C ARG A 143 16.46 -27.24 7.65
N GLU A 144 15.39 -28.02 7.49
CA GLU A 144 15.49 -29.47 7.34
C GLU A 144 16.21 -30.09 8.53
N TYR A 145 15.75 -29.72 9.73
CA TYR A 145 16.36 -30.18 10.97
C TYR A 145 16.04 -31.64 11.20
N PRO A 146 17.03 -32.53 11.29
CA PRO A 146 16.80 -33.96 11.53
C PRO A 146 16.62 -34.29 13.01
N ASP A 147 15.40 -34.12 13.50
CA ASP A 147 15.12 -34.39 14.90
C ASP A 147 15.31 -35.87 15.21
N SER A 148 16.03 -36.15 16.30
CA SER A 148 16.26 -37.50 16.75
C SER A 148 15.86 -37.72 18.20
N CYS A 149 15.32 -36.71 18.87
CA CYS A 149 14.95 -36.82 20.28
C CYS A 149 13.51 -37.29 20.34
N LEU A 150 13.31 -38.60 20.45
CA LEU A 150 11.98 -39.19 20.46
C LEU A 150 11.25 -38.84 21.76
N ASP A 151 9.93 -38.96 21.71
CA ASP A 151 9.13 -38.75 22.91
C ASP A 151 9.39 -39.87 23.91
N GLY A 152 9.38 -39.51 25.18
CA GLY A 152 9.64 -40.47 26.24
C GLY A 152 11.10 -40.80 26.40
N LYS A 153 11.74 -41.26 25.34
CA LYS A 153 13.14 -41.64 25.42
C LYS A 153 14.01 -40.42 25.69
N LEU A 154 15.02 -40.60 26.54
CA LEU A 154 15.90 -39.50 26.88
C LEU A 154 16.83 -39.17 25.72
N CYS A 155 17.05 -37.87 25.53
CA CYS A 155 17.88 -37.39 24.42
C CYS A 155 18.73 -36.25 24.92
N LEU A 156 20.05 -36.41 24.84
CA LEU A 156 21.00 -35.41 25.33
C LEU A 156 21.93 -35.00 24.19
N MET A 157 22.15 -33.70 24.05
CA MET A 157 23.06 -33.20 23.04
C MET A 157 24.43 -32.93 23.65
N LYS A 158 25.47 -33.10 22.82
CA LYS A 158 26.83 -32.75 23.17
C LYS A 158 27.36 -31.84 22.08
N ALA A 159 28.03 -30.77 22.48
CA ALA A 159 28.65 -29.84 21.53
C ALA A 159 30.14 -29.78 21.83
N GLN A 160 30.94 -30.34 20.93
CA GLN A 160 32.37 -30.43 21.11
C GLN A 160 33.08 -29.89 19.88
N PRO A 161 34.28 -29.33 20.04
CA PRO A 161 34.96 -28.71 18.91
C PRO A 161 35.35 -29.73 17.86
N THR A 162 35.27 -29.30 16.60
CA THR A 162 35.61 -30.16 15.48
C THR A 162 36.04 -29.29 14.31
N SER A 163 36.76 -29.90 13.38
CA SER A 163 37.17 -29.19 12.18
C SER A 163 35.95 -28.88 11.32
N TRP A 164 35.87 -27.62 10.89
CA TRP A 164 34.76 -27.21 10.06
C TRP A 164 34.81 -27.94 8.72
N PRO A 165 33.73 -28.60 8.30
CA PRO A 165 33.74 -29.32 7.03
C PRO A 165 33.62 -28.37 5.86
N LEU A 166 34.69 -28.26 5.07
CA LEU A 166 34.69 -27.40 3.90
C LEU A 166 33.71 -27.88 2.83
N GLN A 167 33.36 -29.16 2.84
CA GLN A 167 32.40 -29.70 1.89
C GLN A 167 30.96 -29.46 2.30
N CYS A 168 30.72 -28.89 3.48
CA CYS A 168 29.36 -28.62 3.92
C CYS A 168 28.85 -27.35 3.24
N PRO A 169 27.57 -27.30 2.86
CA PRO A 169 27.07 -26.13 2.12
C PRO A 169 27.11 -24.83 2.90
N LEU A 170 26.66 -23.74 2.28
CA LEU A 170 26.83 -22.40 2.80
C LEU A 170 25.49 -21.70 2.94
N ASP A 171 24.56 -22.37 3.60
CA ASP A 171 23.24 -21.83 3.83
C ASP A 171 23.31 -20.52 4.59
N HIS A 172 22.44 -19.57 4.24
CA HIS A 172 22.39 -18.27 4.88
C HIS A 172 21.07 -17.96 5.57
N VAL A 173 20.01 -18.73 5.29
CA VAL A 173 18.77 -18.57 6.03
C VAL A 173 18.97 -18.95 7.49
N ASN A 174 19.81 -19.97 7.73
CA ASN A 174 20.13 -20.35 9.09
C ASN A 174 20.79 -19.20 9.84
N THR A 175 21.72 -18.50 9.18
CA THR A 175 22.33 -17.34 9.80
C THR A 175 21.31 -16.25 10.08
N LEU A 176 20.34 -16.08 9.18
CA LEU A 176 19.32 -15.06 9.38
C LEU A 176 18.47 -15.37 10.61
N HIS A 177 18.05 -16.63 10.76
CA HIS A 177 17.29 -17.00 11.95
C HIS A 177 18.13 -16.87 13.21
N PHE A 178 19.40 -17.27 13.15
CA PHE A 178 20.29 -17.15 14.29
C PHE A 178 20.43 -15.70 14.73
N LEU A 179 20.62 -14.80 13.78
CA LEU A 179 20.75 -13.38 14.11
C LEU A 179 19.46 -12.81 14.65
N THR A 180 18.31 -13.23 14.08
CA THR A 180 17.03 -12.74 14.57
C THR A 180 16.80 -13.17 16.01
N ARG A 181 17.11 -14.41 16.34
CA ARG A 181 16.88 -14.91 17.69
C ARG A 181 18.00 -14.53 18.67
N GLY A 182 19.14 -14.06 18.18
CA GLY A 182 20.26 -13.76 19.05
C GLY A 182 20.15 -12.48 19.84
N LYS A 183 19.15 -11.65 19.56
CA LYS A 183 18.90 -10.39 20.28
C LYS A 183 20.12 -9.48 20.08
N ASN A 184 20.78 -9.01 21.15
CA ASN A 184 21.90 -8.08 21.01
C ASN A 184 23.22 -8.85 21.04
N ILE A 185 23.50 -9.51 19.93
CA ILE A 185 24.75 -10.25 19.75
C ILE A 185 25.80 -9.31 19.16
N GLN A 186 27.02 -9.43 19.65
CA GLN A 186 28.14 -8.60 19.17
C GLN A 186 29.04 -9.47 18.30
N LEU A 187 29.11 -9.15 17.02
CA LEU A 187 29.93 -9.90 16.08
C LEU A 187 31.29 -9.25 15.92
N PRO A 188 32.38 -9.99 16.09
CA PRO A 188 33.71 -9.39 15.90
C PRO A 188 33.92 -8.96 14.45
N ARG A 189 34.73 -7.92 14.28
CA ARG A 189 35.04 -7.40 12.95
C ARG A 189 35.97 -8.34 12.20
N GLY B 2 -24.24 -8.86 -23.82
CA GLY B 2 -22.92 -8.36 -23.45
C GLY B 2 -23.04 -7.28 -22.37
N GLN B 3 -22.11 -6.32 -22.40
CA GLN B 3 -22.14 -5.22 -21.44
C GLN B 3 -23.37 -4.33 -21.62
N PHE B 4 -23.97 -4.33 -22.82
CA PHE B 4 -25.15 -3.49 -23.04
C PHE B 4 -26.33 -3.95 -22.17
N ILE B 5 -26.48 -5.26 -22.00
CA ILE B 5 -27.59 -5.78 -21.19
C ILE B 5 -27.43 -5.32 -19.75
N SER B 6 -26.22 -5.45 -19.20
CA SER B 6 -25.97 -4.96 -17.84
C SER B 6 -26.05 -3.44 -17.76
N PHE B 7 -25.57 -2.75 -18.80
CA PHE B 7 -25.67 -1.30 -18.84
C PHE B 7 -27.12 -0.83 -18.88
N MET B 8 -28.00 -1.66 -19.46
CA MET B 8 -29.42 -1.29 -19.54
C MET B 8 -30.03 -1.16 -18.16
N GLN B 9 -29.67 -2.05 -17.24
CA GLN B 9 -30.27 -2.04 -15.90
C GLN B 9 -29.76 -0.88 -15.06
N GLU B 10 -28.52 -0.44 -15.29
CA GLU B 10 -27.88 0.56 -14.45
C GLU B 10 -28.06 1.98 -14.97
N ILE B 11 -28.86 2.19 -16.03
CA ILE B 11 -29.06 3.53 -16.55
C ILE B 11 -29.69 4.48 -15.53
N PRO B 12 -30.73 4.09 -14.77
CA PRO B 12 -31.29 5.04 -13.79
C PRO B 12 -30.28 5.52 -12.76
N THR B 13 -29.26 4.73 -12.46
CA THR B 13 -28.22 5.19 -11.56
C THR B 13 -27.28 6.18 -12.22
N PHE B 14 -27.14 6.11 -13.55
CA PHE B 14 -26.19 6.97 -14.25
C PHE B 14 -26.77 8.34 -14.58
N LEU B 15 -28.10 8.44 -14.72
CA LEU B 15 -28.71 9.70 -15.09
C LEU B 15 -28.88 10.62 -13.89
N GLN B 16 -27.80 10.82 -13.14
CA GLN B 16 -27.77 11.79 -12.06
C GLN B 16 -26.75 12.88 -12.27
N GLU B 17 -25.90 12.78 -13.29
CA GLU B 17 -24.92 13.78 -13.61
C GLU B 17 -25.20 14.36 -14.98
N ALA B 18 -24.79 15.62 -15.18
CA ALA B 18 -25.06 16.28 -16.45
C ALA B 18 -24.34 15.60 -17.60
N LEU B 19 -23.12 15.13 -17.36
CA LEU B 19 -22.33 14.54 -18.43
C LEU B 19 -22.98 13.27 -18.97
N ASN B 20 -23.52 12.43 -18.10
CA ASN B 20 -24.14 11.19 -18.55
C ASN B 20 -25.38 11.46 -19.39
N ILE B 21 -26.21 12.41 -18.96
CA ILE B 21 -27.38 12.78 -19.74
C ILE B 21 -26.95 13.36 -21.08
N ALA B 22 -25.90 14.17 -21.09
CA ALA B 22 -25.40 14.74 -22.34
C ALA B 22 -24.91 13.65 -23.27
N LEU B 23 -24.20 12.65 -22.75
CA LEU B 23 -23.70 11.57 -23.59
C LEU B 23 -24.84 10.74 -24.16
N VAL B 24 -25.86 10.45 -23.33
CA VAL B 24 -27.02 9.72 -23.83
C VAL B 24 -27.72 10.49 -24.93
N ALA B 25 -27.90 11.80 -24.72
CA ALA B 25 -28.57 12.63 -25.71
C ALA B 25 -27.78 12.68 -27.02
N VAL B 26 -26.46 12.84 -26.92
CA VAL B 26 -25.63 12.89 -28.12
C VAL B 26 -25.68 11.56 -28.85
N SER B 27 -25.63 10.45 -28.12
CA SER B 27 -25.70 9.14 -28.75
C SER B 27 -27.01 8.94 -29.49
N LEU B 28 -28.13 9.29 -28.84
CA LEU B 28 -29.43 9.12 -29.48
C LEU B 28 -29.58 10.02 -30.70
N ILE B 29 -29.16 11.28 -30.58
CA ILE B 29 -29.27 12.21 -31.69
C ILE B 29 -28.38 11.76 -32.85
N ALA B 30 -27.17 11.27 -32.54
CA ALA B 30 -26.27 10.80 -33.57
C ALA B 30 -26.84 9.58 -34.30
N ILE B 31 -27.43 8.64 -33.55
CA ILE B 31 -28.03 7.47 -34.18
C ILE B 31 -29.19 7.89 -35.07
N ILE B 32 -30.04 8.80 -34.59
CA ILE B 32 -31.19 9.24 -35.37
C ILE B 32 -30.73 9.94 -36.65
N ALA B 33 -29.75 10.83 -36.53
CA ALA B 33 -29.25 11.54 -37.69
C ALA B 33 -28.57 10.60 -38.67
N GLY B 34 -27.84 9.60 -38.16
CA GLY B 34 -27.25 8.60 -39.04
C GLY B 34 -28.29 7.83 -39.81
N VAL B 35 -29.39 7.47 -39.15
CA VAL B 35 -30.47 6.76 -39.84
C VAL B 35 -31.09 7.65 -40.92
N VAL B 36 -31.34 8.93 -40.58
CA VAL B 36 -32.04 9.78 -41.54
C VAL B 36 -31.16 10.08 -42.75
N ASN B 37 -29.86 10.28 -42.55
CA ASN B 37 -29.04 10.57 -43.72
C ASN B 37 -28.53 9.31 -44.43
N LEU B 38 -28.63 8.13 -43.82
CA LEU B 38 -28.51 6.91 -44.61
C LEU B 38 -29.74 6.72 -45.48
N TYR B 39 -30.92 7.07 -44.96
CA TYR B 39 -32.11 7.05 -45.80
C TYR B 39 -31.99 8.06 -46.94
N LYS B 40 -31.46 9.26 -46.65
CA LYS B 40 -31.27 10.26 -47.68
C LYS B 40 -30.24 9.81 -48.71
N SER B 41 -29.17 9.15 -48.27
CA SER B 41 -28.12 8.73 -49.20
C SER B 41 -28.66 7.75 -50.23
N GLY B 42 -29.44 6.77 -49.79
CA GLY B 42 -30.01 5.80 -50.70
C GLY B 42 -29.64 4.37 -50.37
N LEU B 43 -29.01 4.18 -49.21
CA LEU B 43 -28.60 2.83 -48.81
C LEU B 43 -29.81 1.93 -48.61
N PHE B 44 -30.85 2.44 -47.94
CA PHE B 44 -32.07 1.65 -47.77
C PHE B 44 -32.73 1.37 -49.11
N GLN B 45 -32.78 2.37 -50.00
CA GLN B 45 -33.33 2.16 -51.33
C GLN B 45 -32.52 1.11 -52.09
N PHE B 46 -31.20 1.16 -51.97
CA PHE B 46 -30.35 0.17 -52.60
C PHE B 46 -30.64 -1.23 -52.06
N PHE B 47 -30.80 -1.36 -50.75
CA PHE B 47 -31.10 -2.66 -50.16
C PHE B 47 -32.45 -3.19 -50.64
N VAL B 48 -33.45 -2.31 -50.71
CA VAL B 48 -34.77 -2.72 -51.20
C VAL B 48 -34.69 -3.16 -52.65
N PHE B 49 -33.93 -2.43 -53.47
CA PHE B 49 -33.76 -2.81 -54.87
C PHE B 49 -33.06 -4.15 -54.99
N LEU B 50 -32.04 -4.39 -54.15
CA LEU B 50 -31.38 -5.69 -54.15
C LEU B 50 -32.35 -6.80 -53.77
N ALA B 51 -33.22 -6.54 -52.80
CA ALA B 51 -34.27 -7.51 -52.47
C ALA B 51 -35.22 -7.72 -53.65
N LEU B 52 -35.61 -6.64 -54.31
CA LEU B 52 -36.49 -6.73 -55.48
C LEU B 52 -35.67 -6.73 -56.77
N ALA B 53 -34.80 -7.73 -56.88
CA ALA B 53 -33.87 -7.82 -58.00
C ALA B 53 -34.62 -8.33 -59.23
N GLY B 54 -35.36 -7.41 -59.86
CA GLY B 54 -36.09 -7.74 -61.06
C GLY B 54 -37.31 -8.61 -60.85
N ARG B 55 -37.71 -8.84 -59.60
CA ARG B 55 -38.84 -9.70 -59.28
C ARG B 55 -40.17 -8.97 -59.33
N SER B 56 -40.18 -7.66 -59.52
CA SER B 56 -41.41 -6.89 -59.57
C SER B 56 -41.13 -5.56 -60.27
N CYS B 57 -42.20 -4.81 -60.50
CA CYS B 57 -42.09 -3.49 -61.11
C CYS B 57 -43.17 -2.56 -60.57
N GLY C 2 -17.40 26.80 -14.10
CA GLY C 2 -16.93 25.76 -13.21
C GLY C 2 -15.44 25.50 -13.42
N GLN C 3 -15.12 24.36 -14.04
CA GLN C 3 -13.73 24.02 -14.29
C GLN C 3 -13.11 24.85 -15.39
N PHE C 4 -13.91 25.61 -16.14
CA PHE C 4 -13.38 26.40 -17.24
C PHE C 4 -12.53 27.57 -16.73
N ILE C 5 -12.89 28.15 -15.58
CA ILE C 5 -12.10 29.25 -15.03
C ILE C 5 -10.74 28.75 -14.59
N SER C 6 -10.71 27.63 -13.85
CA SER C 6 -9.44 27.05 -13.41
C SER C 6 -8.60 26.63 -14.61
N PHE C 7 -9.23 26.06 -15.62
CA PHE C 7 -8.50 25.70 -16.84
C PHE C 7 -7.92 26.93 -17.52
N MET C 8 -8.69 28.02 -17.54
CA MET C 8 -8.19 29.26 -18.11
C MET C 8 -6.96 29.77 -17.36
N GLN C 9 -6.98 29.65 -16.03
CA GLN C 9 -5.81 30.06 -15.25
C GLN C 9 -4.63 29.14 -15.50
N GLU C 10 -4.87 27.85 -15.68
CA GLU C 10 -3.80 26.86 -15.75
C GLU C 10 -3.31 26.56 -17.16
N ILE C 11 -3.90 27.17 -18.20
CA ILE C 11 -3.43 26.94 -19.58
C ILE C 11 -1.94 27.17 -19.77
N PRO C 12 -1.34 28.25 -19.25
CA PRO C 12 0.10 28.47 -19.53
C PRO C 12 0.99 27.29 -19.15
N THR C 13 0.61 26.52 -18.13
CA THR C 13 1.37 25.34 -17.76
C THR C 13 1.15 24.18 -18.73
N PHE C 14 -0.05 24.09 -19.32
CA PHE C 14 -0.35 22.97 -20.20
C PHE C 14 0.33 23.11 -21.56
N LEU C 15 0.57 24.33 -22.02
CA LEU C 15 1.10 24.54 -23.35
C LEU C 15 2.60 24.32 -23.41
N GLN C 16 3.07 23.20 -22.87
CA GLN C 16 4.45 22.79 -22.99
C GLN C 16 4.60 21.42 -23.65
N GLU C 17 3.51 20.69 -23.84
CA GLU C 17 3.53 19.43 -24.54
C GLU C 17 2.90 19.59 -25.93
N ALA C 18 3.40 18.79 -26.88
CA ALA C 18 2.90 18.88 -28.25
C ALA C 18 1.42 18.50 -28.31
N LEU C 19 1.01 17.48 -27.54
CA LEU C 19 -0.36 17.02 -27.61
C LEU C 19 -1.33 18.10 -27.12
N ASN C 20 -0.96 18.83 -26.07
CA ASN C 20 -1.86 19.87 -25.57
C ASN C 20 -2.04 21.00 -26.58
N ILE C 21 -0.95 21.43 -27.22
CA ILE C 21 -1.06 22.45 -28.26
C ILE C 21 -1.89 21.94 -29.42
N ALA C 22 -1.71 20.67 -29.77
CA ALA C 22 -2.51 20.08 -30.85
C ALA C 22 -3.98 20.08 -30.49
N LEU C 23 -4.32 19.72 -29.26
CA LEU C 23 -5.71 19.70 -28.84
C LEU C 23 -6.32 21.10 -28.83
N VAL C 24 -5.55 22.09 -28.37
CA VAL C 24 -6.05 23.47 -28.38
C VAL C 24 -6.29 23.94 -29.80
N ALA C 25 -5.34 23.65 -30.71
CA ALA C 25 -5.50 24.06 -32.10
C ALA C 25 -6.71 23.39 -32.74
N VAL C 26 -6.89 22.09 -32.50
CA VAL C 26 -8.03 21.38 -33.06
C VAL C 26 -9.33 21.94 -32.50
N SER C 27 -9.37 22.24 -31.20
CA SER C 27 -10.59 22.80 -30.62
C SER C 27 -10.93 24.14 -31.24
N LEU C 28 -9.94 25.03 -31.36
CA LEU C 28 -10.20 26.35 -31.93
C LEU C 28 -10.63 26.23 -33.39
N ILE C 29 -9.96 25.40 -34.18
CA ILE C 29 -10.31 25.25 -35.58
C ILE C 29 -11.70 24.65 -35.73
N ALA C 30 -12.03 23.67 -34.89
CA ALA C 30 -13.36 23.06 -34.94
C ALA C 30 -14.44 24.08 -34.60
N ILE C 31 -14.21 24.91 -33.58
CA ILE C 31 -15.21 25.92 -33.22
C ILE C 31 -15.37 26.93 -34.35
N ILE C 32 -14.27 27.39 -34.93
CA ILE C 32 -14.34 28.37 -36.01
C ILE C 32 -15.07 27.78 -37.21
N ALA C 33 -14.74 26.55 -37.59
CA ALA C 33 -15.38 25.93 -38.74
C ALA C 33 -16.86 25.67 -38.47
N GLY C 34 -17.20 25.28 -37.24
CA GLY C 34 -18.60 25.13 -36.89
C GLY C 34 -19.36 26.43 -37.01
N VAL C 35 -18.75 27.54 -36.57
CA VAL C 35 -19.40 28.84 -36.72
C VAL C 35 -19.60 29.17 -38.19
N VAL C 36 -18.57 28.96 -39.01
CA VAL C 36 -18.66 29.40 -40.40
C VAL C 36 -19.67 28.55 -41.17
N ASN C 37 -19.73 27.25 -40.91
CA ASN C 37 -20.70 26.45 -41.67
C ASN C 37 -22.10 26.45 -41.05
N LEU C 38 -22.26 26.88 -39.79
CA LEU C 38 -23.59 27.24 -39.33
C LEU C 38 -24.08 28.51 -40.00
N TYR C 39 -23.18 29.49 -40.19
CA TYR C 39 -23.55 30.68 -40.94
C TYR C 39 -23.90 30.33 -42.38
N LYS C 40 -23.13 29.44 -43.01
CA LYS C 40 -23.43 29.00 -44.36
C LYS C 40 -24.73 28.22 -44.44
N SER C 41 -25.03 27.40 -43.42
CA SER C 41 -26.26 26.63 -43.43
C SER C 41 -27.49 27.53 -43.43
N GLY C 42 -27.48 28.58 -42.62
CA GLY C 42 -28.59 29.50 -42.53
C GLY C 42 -29.24 29.58 -41.17
N LEU C 43 -28.65 28.95 -40.15
CA LEU C 43 -29.25 29.01 -38.81
C LEU C 43 -29.30 30.44 -38.28
N PHE C 44 -28.21 31.18 -38.45
CA PHE C 44 -28.19 32.57 -38.00
C PHE C 44 -29.23 33.40 -38.73
N GLN C 45 -29.35 33.20 -40.05
CA GLN C 45 -30.39 33.89 -40.81
C GLN C 45 -31.77 33.50 -40.32
N PHE C 46 -31.96 32.21 -39.97
CA PHE C 46 -33.26 31.77 -39.48
C PHE C 46 -33.63 32.47 -38.18
N PHE C 47 -32.68 32.54 -37.23
CA PHE C 47 -32.97 33.23 -35.97
C PHE C 47 -33.19 34.73 -36.18
N VAL C 48 -32.40 35.34 -37.07
CA VAL C 48 -32.59 36.77 -37.34
C VAL C 48 -33.96 37.03 -37.92
N PHE C 49 -34.39 36.20 -38.87
CA PHE C 49 -35.73 36.36 -39.44
C PHE C 49 -36.80 36.13 -38.39
N LEU C 50 -36.62 35.13 -37.53
CA LEU C 50 -37.61 34.87 -36.48
C LEU C 50 -37.72 36.04 -35.51
N ALA C 51 -36.59 36.69 -35.21
CA ALA C 51 -36.65 37.90 -34.39
C ALA C 51 -37.44 38.99 -35.09
N LEU C 52 -37.23 39.18 -36.39
CA LEU C 52 -37.99 40.13 -37.19
C LEU C 52 -39.18 39.44 -37.86
N ALA C 53 -40.08 38.91 -37.03
CA ALA C 53 -41.24 38.18 -37.51
C ALA C 53 -42.29 39.16 -38.03
N GLY C 54 -41.99 39.71 -39.20
CA GLY C 54 -42.88 40.67 -39.83
C GLY C 54 -42.80 42.09 -39.30
N ARG C 55 -41.91 42.35 -38.35
CA ARG C 55 -41.80 43.66 -37.74
C ARG C 55 -41.05 44.66 -38.61
N SER C 56 -40.46 44.22 -39.71
CA SER C 56 -39.74 45.11 -40.61
C SER C 56 -39.72 44.47 -41.99
N CYS C 57 -39.14 45.19 -42.95
CA CYS C 57 -39.03 44.71 -44.31
C CYS C 57 -37.78 45.29 -44.99
N GLY D 18 -4.72 14.66 12.72
CA GLY D 18 -4.39 16.07 12.76
C GLY D 18 -4.66 16.77 11.44
N TYR D 19 -5.93 16.85 11.06
CA TYR D 19 -6.30 17.53 9.82
C TYR D 19 -5.98 19.01 9.90
N CYS D 20 -6.24 19.63 11.04
CA CYS D 20 -5.82 21.00 11.34
C CYS D 20 -4.84 20.98 12.51
N LEU D 21 -4.07 22.05 12.64
CA LEU D 21 -3.07 22.17 13.69
C LEU D 21 -3.21 23.52 14.38
N GLU D 22 -3.24 23.50 15.71
CA GLU D 22 -3.38 24.72 16.49
C GLU D 22 -2.03 25.43 16.63
N GLU D 23 -2.08 26.64 17.20
CA GLU D 23 -0.91 27.51 17.22
C GLU D 23 0.21 26.97 18.09
N TRP D 24 -0.12 26.35 19.22
CA TRP D 24 0.90 25.91 20.16
C TRP D 24 1.73 24.76 19.59
N MET D 25 1.27 24.12 18.51
CA MET D 25 2.03 23.04 17.90
C MET D 25 2.95 23.51 16.78
N LEU D 26 2.94 24.80 16.46
CA LEU D 26 3.80 25.34 15.42
C LEU D 26 4.69 26.44 15.99
N VAL D 27 5.91 26.54 15.46
CA VAL D 27 6.87 27.52 15.95
C VAL D 27 6.33 28.93 15.75
N ALA D 28 5.81 29.21 14.55
CA ALA D 28 5.10 30.46 14.32
C ALA D 28 3.73 30.41 14.98
N ALA D 29 3.39 31.49 15.70
CA ALA D 29 2.14 31.53 16.47
C ALA D 29 0.95 31.78 15.55
N LYS D 30 0.73 30.82 14.65
CA LYS D 30 -0.36 30.87 13.68
C LYS D 30 -0.97 29.48 13.54
N MET D 31 -2.22 29.46 13.09
CA MET D 31 -2.93 28.21 12.86
C MET D 31 -2.79 27.82 11.39
N LYS D 32 -2.29 26.62 11.15
CA LYS D 32 -2.14 26.08 9.80
C LYS D 32 -2.87 24.74 9.72
N CYS D 33 -3.77 24.61 8.76
CA CYS D 33 -4.56 23.40 8.59
C CYS D 33 -4.29 22.80 7.20
N PHE D 34 -4.19 21.49 7.15
CA PHE D 34 -3.80 20.76 5.95
C PHE D 34 -5.01 20.09 5.30
N GLY D 35 -4.88 19.80 4.01
CA GLY D 35 -5.98 19.22 3.28
C GLY D 35 -6.19 17.75 3.61
N ASN D 36 -7.37 17.26 3.25
CA ASN D 36 -7.74 15.88 3.57
C ASN D 36 -7.03 14.89 2.67
N THR D 37 -6.85 15.24 1.40
CA THR D 37 -6.23 14.30 0.45
C THR D 37 -4.80 13.99 0.83
N ALA D 38 -4.04 15.01 1.26
CA ALA D 38 -2.64 14.79 1.63
C ALA D 38 -2.54 13.95 2.90
N VAL D 39 -3.31 14.30 3.92
CA VAL D 39 -3.27 13.58 5.19
C VAL D 39 -3.91 12.21 5.12
N ALA D 40 -4.65 11.92 4.04
CA ALA D 40 -5.18 10.58 3.86
C ALA D 40 -4.09 9.56 3.58
N LYS D 41 -2.92 10.01 3.12
CA LYS D 41 -1.79 9.12 2.93
C LYS D 41 -1.16 8.67 4.23
N CYS D 42 -1.50 9.33 5.34
CA CYS D 42 -0.93 8.97 6.63
C CYS D 42 -1.42 7.60 7.08
N ASN D 43 -2.67 7.25 6.78
CA ASN D 43 -3.19 5.96 7.17
C ASN D 43 -2.52 4.83 6.40
N LEU D 44 -2.11 5.10 5.17
CA LEU D 44 -1.52 4.06 4.33
C LEU D 44 0.01 4.02 4.49
N ASN D 45 0.65 5.17 4.58
CA ASN D 45 2.11 5.25 4.65
C ASN D 45 2.57 5.21 6.09
N HIS D 46 3.58 4.40 6.37
CA HIS D 46 4.24 4.36 7.67
C HIS D 46 5.73 4.65 7.54
N ASP D 47 6.11 5.33 6.47
CA ASP D 47 7.49 5.74 6.21
C ASP D 47 7.54 7.26 6.05
N SER D 48 6.83 7.96 6.93
CA SER D 48 6.77 9.42 6.88
C SER D 48 6.79 9.95 8.31
N GLU D 49 7.76 10.80 8.60
CA GLU D 49 7.88 11.37 9.94
C GLU D 49 6.75 12.33 10.25
N PHE D 50 6.22 13.01 9.23
CA PHE D 50 5.14 13.97 9.45
C PHE D 50 3.90 13.28 9.98
N CYS D 51 3.58 12.10 9.47
CA CYS D 51 2.43 11.36 9.97
C CYS D 51 2.62 10.93 11.41
N ASP D 52 3.84 10.52 11.77
CA ASP D 52 4.11 10.17 13.17
C ASP D 52 3.96 11.37 14.07
N MET D 53 4.44 12.54 13.63
CA MET D 53 4.27 13.74 14.42
C MET D 53 2.80 14.13 14.54
N LEU D 54 2.03 13.98 13.46
CA LEU D 54 0.60 14.25 13.54
C LEU D 54 -0.08 13.33 14.53
N ARG D 55 0.25 12.03 14.50
CA ARG D 55 -0.35 11.10 15.46
C ARG D 55 0.00 11.48 16.89
N LEU D 56 1.28 11.78 17.14
CA LEU D 56 1.70 12.11 18.50
C LEU D 56 1.01 13.38 18.99
N PHE D 57 0.95 14.41 18.15
CA PHE D 57 0.35 15.67 18.59
C PHE D 57 -1.16 15.58 18.67
N ASP D 58 -1.79 14.75 17.83
CA ASP D 58 -3.22 14.50 17.96
C ASP D 58 -3.53 13.81 19.28
N TYR D 59 -2.71 12.83 19.65
CA TYR D 59 -2.88 12.20 20.96
C TYR D 59 -2.67 13.21 22.09
N ASN D 60 -1.65 14.06 21.97
CA ASN D 60 -1.37 15.03 23.02
C ASN D 60 -2.50 16.03 23.19
N LYS D 61 -3.05 16.54 22.08
CA LYS D 61 -4.12 17.52 22.17
C LYS D 61 -5.44 16.86 22.55
N ASN D 62 -5.67 15.61 22.14
CA ASN D 62 -6.89 14.92 22.49
C ASN D 62 -6.99 14.67 23.99
N ALA D 63 -5.88 14.26 24.61
CA ALA D 63 -5.89 13.80 25.99
C ALA D 63 -5.37 14.83 26.97
N ILE D 64 -5.33 16.10 26.58
CA ILE D 64 -4.89 17.14 27.51
C ILE D 64 -5.87 17.25 28.68
N LYS D 65 -7.16 17.37 28.38
CA LYS D 65 -8.21 17.31 29.40
C LYS D 65 -9.31 16.36 28.96
N THR D 66 -9.53 16.28 27.66
CA THR D 66 -10.56 15.39 27.13
C THR D 66 -10.09 13.94 27.18
N LEU D 67 -11.02 13.03 27.44
CA LEU D 67 -10.72 11.60 27.57
C LEU D 67 -9.65 11.35 28.62
N GLN D 80 1.25 1.33 25.71
CA GLN D 80 2.40 2.00 25.08
C GLN D 80 1.86 2.91 24.00
N THR D 81 0.92 3.79 24.34
CA THR D 81 0.27 4.59 23.29
C THR D 81 1.33 5.40 22.56
N ILE D 82 2.30 6.00 23.27
CA ILE D 82 3.28 6.89 22.59
C ILE D 82 4.07 6.06 21.55
N ASN D 83 4.49 4.85 21.91
CA ASN D 83 5.30 4.02 20.99
C ASN D 83 4.44 3.39 19.89
N ALA D 84 3.13 3.27 20.08
CA ALA D 84 2.26 2.77 18.98
C ALA D 84 1.87 3.93 18.07
N LEU D 85 2.04 5.17 18.54
CA LEU D 85 1.80 6.38 17.73
C LEU D 85 3.00 6.68 16.81
N ILE D 86 4.21 6.28 17.17
CA ILE D 86 5.43 6.55 16.41
C ILE D 86 5.93 5.25 15.82
N SER D 87 6.24 5.26 14.53
CA SER D 87 6.81 4.09 13.87
C SER D 87 8.22 3.86 14.37
N ASP D 88 8.44 2.73 15.04
CA ASP D 88 9.77 2.40 15.54
C ASP D 88 10.76 2.22 14.40
N ASN D 89 10.27 1.78 13.23
CA ASN D 89 11.15 1.62 12.08
C ASN D 89 11.75 2.95 11.64
N LEU D 90 10.95 4.02 11.65
CA LEU D 90 11.49 5.33 11.26
C LEU D 90 12.52 5.83 12.25
N LEU D 91 12.26 5.67 13.56
CA LEU D 91 13.27 6.07 14.54
C LEU D 91 14.55 5.27 14.38
N MET D 92 14.43 3.95 14.17
CA MET D 92 15.62 3.13 13.98
C MET D 92 16.38 3.53 12.74
N LYS D 93 15.68 3.78 11.64
CA LYS D 93 16.35 4.18 10.40
C LYS D 93 17.02 5.53 10.55
N ASN D 94 16.36 6.48 11.20
CA ASN D 94 16.98 7.79 11.42
C ASN D 94 18.19 7.69 12.34
N LYS D 95 18.13 6.83 13.35
CA LYS D 95 19.28 6.67 14.24
C LYS D 95 20.44 6.02 13.51
N ILE D 96 20.16 5.02 12.66
CA ILE D 96 21.22 4.41 11.86
C ILE D 96 21.84 5.43 10.91
N ARG D 97 20.99 6.25 10.28
CA ARG D 97 21.50 7.29 9.38
C ARG D 97 22.35 8.30 10.15
N GLU D 98 21.96 8.62 11.38
CA GLU D 98 22.78 9.47 12.22
C GLU D 98 24.13 8.82 12.50
N LEU D 99 24.13 7.50 12.74
CA LEU D 99 25.38 6.81 13.01
C LEU D 99 26.23 6.64 11.75
N MET D 100 25.60 6.70 10.57
CA MET D 100 26.34 6.65 9.32
C MET D 100 26.81 8.01 8.85
N SER D 101 26.52 9.08 9.59
CA SER D 101 26.87 10.44 9.21
C SER D 101 26.32 10.79 7.82
N VAL D 102 25.07 10.45 7.61
CA VAL D 102 24.35 10.79 6.38
C VAL D 102 23.11 11.57 6.79
N PRO D 103 22.53 12.36 5.88
CA PRO D 103 21.40 13.21 6.25
C PRO D 103 20.26 12.40 6.88
N TYR D 104 19.71 12.95 7.96
CA TYR D 104 18.63 12.32 8.70
C TYR D 104 17.65 13.39 9.16
N CYS D 105 16.55 12.96 9.76
CA CYS D 105 15.46 13.84 10.14
C CYS D 105 15.45 14.05 11.65
N ASN D 106 15.41 15.30 12.07
CA ASN D 106 15.31 15.62 13.50
C ASN D 106 13.88 15.64 13.99
N TYR D 107 12.91 15.39 13.11
CA TYR D 107 11.49 15.48 13.43
C TYR D 107 11.10 16.88 13.93
N THR D 108 11.71 17.91 13.35
CA THR D 108 11.43 19.28 13.77
C THR D 108 10.79 20.11 12.66
N LYS D 109 11.42 20.21 11.50
CA LYS D 109 10.96 21.09 10.43
C LYS D 109 10.61 20.26 9.21
N PHE D 110 9.44 20.55 8.62
CA PHE D 110 8.95 19.83 7.47
C PHE D 110 8.65 20.81 6.34
N TRP D 111 8.98 20.40 5.11
CA TRP D 111 8.74 21.21 3.93
C TRP D 111 7.77 20.50 3.00
N TYR D 112 6.97 21.28 2.29
CA TYR D 112 5.97 20.74 1.39
C TYR D 112 5.78 21.69 0.22
N VAL D 113 5.23 21.15 -0.86
CA VAL D 113 4.96 21.89 -2.09
C VAL D 113 3.46 22.14 -2.17
N ASN D 114 3.08 23.41 -2.34
CA ASN D 114 1.69 23.84 -2.23
C ASN D 114 1.28 24.57 -3.50
N HIS D 115 0.15 24.19 -4.06
CA HIS D 115 -0.45 24.90 -5.19
C HIS D 115 -1.31 26.04 -4.64
N THR D 116 -0.85 27.28 -4.85
CA THR D 116 -1.47 28.42 -4.19
C THR D 116 -2.92 28.60 -4.61
N LEU D 117 -3.20 28.48 -5.91
CA LEU D 117 -4.53 28.78 -6.42
C LEU D 117 -5.56 27.75 -5.95
N SER D 118 -5.26 26.47 -6.10
CA SER D 118 -6.21 25.42 -5.76
C SER D 118 -6.16 25.06 -4.28
N GLY D 119 -5.03 25.28 -3.63
CA GLY D 119 -4.85 24.89 -2.25
C GLY D 119 -4.40 23.46 -2.05
N GLN D 120 -4.32 22.66 -3.11
CA GLN D 120 -3.80 21.30 -2.99
C GLN D 120 -2.30 21.34 -2.77
N HIS D 121 -1.82 20.44 -1.92
CA HIS D 121 -0.41 20.42 -1.55
C HIS D 121 0.04 18.98 -1.35
N SER D 122 1.35 18.78 -1.39
CA SER D 122 1.91 17.47 -1.15
C SER D 122 2.08 17.22 0.34
N LEU D 123 2.24 15.95 0.68
CA LEU D 123 2.47 15.58 2.08
C LEU D 123 3.84 16.07 2.51
N PRO D 124 3.93 16.83 3.60
CA PRO D 124 5.23 17.42 3.97
C PRO D 124 6.29 16.37 4.25
N ARG D 125 7.51 16.67 3.82
CA ARG D 125 8.67 15.83 4.03
C ARG D 125 9.64 16.53 4.97
N CYS D 126 10.45 15.74 5.67
CA CYS D 126 11.36 16.31 6.65
C CYS D 126 12.47 17.10 5.98
N TRP D 127 12.80 18.24 6.57
CA TRP D 127 13.97 19.01 6.15
C TRP D 127 15.18 18.36 6.79
N LEU D 128 15.84 17.48 6.03
CA LEU D 128 16.88 16.64 6.60
C LEU D 128 18.05 17.48 7.10
N ILE D 129 18.74 16.97 8.12
CA ILE D 129 19.88 17.66 8.71
C ILE D 129 21.11 16.79 8.58
N LYS D 130 22.25 17.45 8.37
CA LYS D 130 23.56 16.81 8.32
C LYS D 130 24.55 17.74 9.00
N ASN D 131 25.44 17.18 9.82
CA ASN D 131 26.37 17.96 10.63
C ASN D 131 25.62 18.96 11.52
N ASN D 132 24.51 18.49 12.10
CA ASN D 132 23.73 19.28 13.06
C ASN D 132 23.33 20.64 12.48
N SER D 133 22.98 20.65 11.20
CA SER D 133 22.60 21.87 10.51
C SER D 133 21.55 21.54 9.46
N TYR D 134 20.59 22.45 9.28
CA TYR D 134 19.58 22.27 8.26
C TYR D 134 20.21 22.31 6.87
N LEU D 135 19.82 21.36 6.02
CA LEU D 135 20.47 21.31 4.69
C LEU D 135 20.07 22.60 3.97
N ASN D 136 20.74 22.91 2.87
CA ASN D 136 20.40 24.15 2.13
C ASN D 136 19.40 23.74 1.04
N ILE D 137 18.72 24.71 0.44
CA ILE D 137 17.65 24.35 -0.53
C ILE D 137 18.25 23.92 -1.88
N SER D 138 19.58 23.93 -2.08
CA SER D 138 20.18 23.42 -3.30
C SER D 138 20.46 21.92 -3.24
N ASP D 139 20.54 21.34 -2.05
CA ASP D 139 20.82 19.90 -1.96
C ASP D 139 19.61 19.07 -2.37
N PHE D 140 18.41 19.43 -1.90
CA PHE D 140 17.19 18.74 -2.28
C PHE D 140 16.35 19.56 -3.25
N ARG D 141 17.01 20.42 -4.05
CA ARG D 141 16.34 21.07 -5.17
C ARG D 141 15.66 20.07 -6.08
N ASN D 142 16.35 18.97 -6.41
CA ASN D 142 15.75 17.93 -7.22
C ASN D 142 14.54 17.33 -6.52
N ASP D 143 14.65 17.12 -5.21
CA ASP D 143 13.54 16.55 -4.45
C ASP D 143 12.29 17.42 -4.56
N TRP D 144 12.43 18.73 -4.31
CA TRP D 144 11.20 19.52 -4.36
C TRP D 144 10.73 19.84 -5.78
N ILE D 145 11.64 19.86 -6.77
CA ILE D 145 11.18 19.99 -8.16
C ILE D 145 10.35 18.78 -8.55
N LEU D 146 10.85 17.58 -8.23
CA LEU D 146 10.09 16.37 -8.52
C LEU D 146 8.79 16.33 -7.72
N GLU D 147 8.80 16.87 -6.49
CA GLU D 147 7.59 16.91 -5.69
C GLU D 147 6.54 17.81 -6.33
N SER D 148 6.95 18.96 -6.85
CA SER D 148 6.02 19.84 -7.54
C SER D 148 5.45 19.19 -8.79
N ASP D 149 6.32 18.56 -9.59
CA ASP D 149 5.85 17.89 -10.80
C ASP D 149 4.87 16.77 -10.45
N PHE D 150 5.18 16.02 -9.40
CA PHE D 150 4.30 14.95 -8.97
C PHE D 150 2.98 15.49 -8.46
N LEU D 151 2.98 16.66 -7.81
CA LEU D 151 1.74 17.26 -7.35
C LEU D 151 0.84 17.65 -8.52
N ILE D 152 1.44 18.26 -9.56
CA ILE D 152 0.65 18.61 -10.75
C ILE D 152 0.07 17.35 -11.39
N SER D 153 0.91 16.32 -11.55
CA SER D 153 0.44 15.07 -12.13
C SER D 153 -0.65 14.43 -11.28
N GLU D 154 -0.53 14.53 -9.96
CA GLU D 154 -1.53 13.96 -9.07
C GLU D 154 -2.86 14.68 -9.19
N MET D 155 -2.84 16.01 -9.34
CA MET D 155 -4.09 16.73 -9.53
C MET D 155 -4.76 16.33 -10.84
N LEU D 156 -4.00 16.27 -11.94
CA LEU D 156 -4.61 15.86 -13.21
C LEU D 156 -5.13 14.43 -13.15
N SER D 157 -4.36 13.53 -12.55
CA SER D 157 -4.81 12.14 -12.41
C SER D 157 -6.03 12.03 -11.51
N LYS D 158 -6.14 12.90 -10.50
CA LYS D 158 -7.32 12.91 -9.66
C LYS D 158 -8.54 13.35 -10.44
N GLU D 159 -8.39 14.35 -11.31
CA GLU D 159 -9.51 14.74 -12.16
C GLU D 159 -9.94 13.57 -13.04
N TYR D 160 -8.98 12.87 -13.65
CA TYR D 160 -9.30 11.72 -14.48
C TYR D 160 -9.99 10.62 -13.67
N SER D 161 -9.50 10.34 -12.46
CA SER D 161 -10.06 9.27 -11.65
C SER D 161 -11.47 9.61 -11.18
N ASP D 162 -11.71 10.88 -10.84
CA ASP D 162 -13.05 11.31 -10.47
C ASP D 162 -14.00 11.18 -11.66
N ARG D 163 -13.52 11.50 -12.86
CA ARG D 163 -14.34 11.29 -14.05
C ARG D 163 -14.65 9.82 -14.27
N GLN D 164 -13.65 8.95 -14.10
CA GLN D 164 -13.82 7.54 -14.43
C GLN D 164 -14.74 6.82 -13.44
N GLY D 165 -14.72 7.23 -12.18
CA GLY D 165 -15.60 6.62 -11.21
C GLY D 165 -17.02 7.16 -11.20
N LYS D 166 -17.31 8.11 -12.08
CA LYS D 166 -18.62 8.75 -12.16
C LYS D 166 -19.32 8.47 -13.48
N THR D 167 -18.58 8.42 -14.58
CA THR D 167 -19.15 8.16 -15.89
C THR D 167 -18.83 6.74 -16.32
N PRO D 168 -19.82 5.94 -16.70
CA PRO D 168 -19.53 4.57 -17.14
C PRO D 168 -18.75 4.55 -18.44
N LEU D 169 -17.91 3.52 -18.58
CA LEU D 169 -17.14 3.35 -19.80
C LEU D 169 -18.02 2.95 -20.97
N THR D 170 -19.07 2.16 -20.72
CA THR D 170 -19.95 1.72 -21.79
C THR D 170 -20.66 2.89 -22.45
N LEU D 171 -21.06 3.88 -21.66
CA LEU D 171 -21.71 5.06 -22.22
C LEU D 171 -20.74 5.86 -23.08
N VAL D 172 -19.49 5.97 -22.65
CA VAL D 172 -18.47 6.64 -23.45
C VAL D 172 -18.26 5.91 -24.77
N ASP D 173 -18.19 4.58 -24.72
CA ASP D 173 -18.03 3.79 -25.93
C ASP D 173 -19.22 3.96 -26.86
N ILE D 174 -20.43 3.97 -26.29
CA ILE D 174 -21.64 4.13 -27.10
C ILE D 174 -21.62 5.49 -27.79
N CYS D 175 -21.24 6.54 -27.07
CA CYS D 175 -21.16 7.86 -27.68
C CYS D 175 -20.12 7.91 -28.79
N PHE D 176 -18.95 7.31 -28.55
CA PHE D 176 -17.89 7.34 -29.55
C PHE D 176 -18.32 6.61 -30.82
N TRP D 177 -18.90 5.42 -30.67
CA TRP D 177 -19.32 4.65 -31.83
C TRP D 177 -20.50 5.29 -32.53
N SER D 178 -21.40 5.94 -31.79
CA SER D 178 -22.48 6.68 -32.42
C SER D 178 -21.94 7.83 -33.26
N THR D 179 -20.95 8.56 -32.73
CA THR D 179 -20.36 9.65 -33.50
C THR D 179 -19.64 9.14 -34.75
N VAL D 180 -18.93 8.02 -34.64
CA VAL D 180 -18.26 7.45 -35.80
C VAL D 180 -19.28 7.02 -36.85
N PHE D 181 -20.36 6.38 -36.41
CA PHE D 181 -21.41 5.96 -37.32
C PHE D 181 -22.07 7.15 -38.00
N PHE D 182 -22.30 8.23 -37.24
CA PHE D 182 -22.87 9.43 -37.82
C PHE D 182 -21.96 10.07 -38.85
N THR D 183 -20.65 10.10 -38.58
CA THR D 183 -19.71 10.66 -39.54
C THR D 183 -19.67 9.82 -40.82
N ALA D 184 -19.66 8.50 -40.68
CA ALA D 184 -19.71 7.63 -41.85
C ALA D 184 -21.00 7.84 -42.62
N SER D 185 -22.11 8.08 -41.90
CA SER D 185 -23.38 8.33 -42.54
C SER D 185 -23.35 9.64 -43.32
N LEU D 186 -22.72 10.69 -42.79
CA LEU D 186 -22.55 11.92 -43.56
C LEU D 186 -21.73 11.65 -44.82
N PHE D 187 -20.67 10.86 -44.70
CA PHE D 187 -19.86 10.56 -45.87
C PHE D 187 -20.67 9.84 -46.94
N LEU D 188 -21.49 8.86 -46.53
CA LEU D 188 -22.34 8.17 -47.48
C LEU D 188 -23.39 9.12 -48.07
N HIS D 189 -23.84 10.08 -47.28
CA HIS D 189 -24.78 11.08 -47.76
C HIS D 189 -24.17 11.91 -48.88
N LEU D 190 -22.91 12.32 -48.72
CA LEU D 190 -22.26 13.12 -49.75
C LEU D 190 -21.99 12.31 -51.01
N VAL D 191 -21.39 11.13 -50.86
CA VAL D 191 -21.04 10.34 -52.03
C VAL D 191 -22.28 9.85 -52.75
N GLY D 192 -23.26 9.34 -52.00
CA GLY D 192 -24.46 8.80 -52.60
C GLY D 192 -24.29 7.36 -53.03
N ILE D 193 -25.29 6.53 -52.77
CA ILE D 193 -25.27 5.11 -53.08
C ILE D 193 -26.24 4.86 -54.22
N PRO D 194 -25.83 4.19 -55.30
CA PRO D 194 -26.77 3.94 -56.40
C PRO D 194 -27.93 3.08 -55.96
N THR D 195 -29.10 3.34 -56.57
CA THR D 195 -30.34 2.70 -56.16
C THR D 195 -30.93 1.76 -57.21
N HIS D 196 -30.62 1.95 -58.48
CA HIS D 196 -31.17 1.10 -59.54
C HIS D 196 -30.05 0.81 -60.53
N ARG D 197 -30.42 0.18 -61.65
CA ARG D 197 -29.46 -0.24 -62.67
C ARG D 197 -29.79 0.44 -63.99
N HIS D 198 -28.78 1.03 -64.62
CA HIS D 198 -28.93 1.72 -65.89
C HIS D 198 -27.97 1.10 -66.91
N ILE D 199 -28.02 1.63 -68.13
CA ILE D 199 -27.16 1.17 -69.22
C ILE D 199 -26.67 2.40 -69.98
N ARG D 200 -25.40 2.37 -70.38
CA ARG D 200 -24.79 3.52 -71.06
C ARG D 200 -25.58 3.88 -72.30
N GLY D 201 -25.86 5.17 -72.46
CA GLY D 201 -26.64 5.66 -73.58
C GLY D 201 -28.08 5.21 -73.59
N GLU D 202 -28.74 5.23 -72.43
CA GLU D 202 -30.13 4.83 -72.32
C GLU D 202 -30.80 5.62 -71.21
N ALA D 203 -32.12 5.82 -71.34
CA ALA D 203 -32.88 6.57 -70.37
C ALA D 203 -33.13 5.72 -69.12
N CYS D 204 -33.93 6.26 -68.21
CA CYS D 204 -34.20 5.58 -66.94
C CYS D 204 -35.21 4.46 -67.13
N PRO D 205 -34.87 3.22 -66.80
CA PRO D 205 -35.86 2.12 -66.91
C PRO D 205 -36.98 2.20 -65.89
N LEU D 206 -36.89 3.08 -64.90
CA LEU D 206 -37.90 3.15 -63.85
C LEU D 206 -39.25 3.54 -64.45
N PRO D 207 -40.37 3.08 -63.85
CA PRO D 207 -40.45 2.17 -62.70
C PRO D 207 -40.27 0.70 -63.04
N HIS D 208 -39.50 0.35 -64.08
CA HIS D 208 -39.28 -1.04 -64.45
C HIS D 208 -37.83 -1.41 -64.12
N ARG D 209 -37.67 -2.44 -63.30
CA ARG D 209 -36.36 -2.81 -62.77
C ARG D 209 -35.59 -3.70 -63.74
N LEU D 210 -34.30 -3.85 -63.46
CA LEU D 210 -33.38 -4.66 -64.25
C LEU D 210 -32.67 -5.65 -63.34
N ASN D 211 -32.29 -6.79 -63.91
CA ASN D 211 -31.54 -7.80 -63.17
C ASN D 211 -30.05 -7.57 -63.36
N SER D 212 -29.25 -8.57 -63.00
CA SER D 212 -27.81 -8.49 -63.25
C SER D 212 -27.53 -8.46 -64.75
N LEU D 213 -28.32 -9.16 -65.55
CA LEU D 213 -28.13 -9.15 -66.99
C LEU D 213 -28.58 -7.84 -67.62
N GLY D 214 -29.63 -7.21 -67.09
CA GLY D 214 -30.10 -5.95 -67.63
C GLY D 214 -31.54 -5.97 -68.07
N GLY D 215 -32.35 -6.85 -67.50
CA GLY D 215 -33.76 -6.91 -67.82
C GLY D 215 -34.53 -7.90 -66.98
N CYS D 216 -35.69 -7.50 -66.49
CA CYS D 216 -36.49 -8.34 -65.61
C CYS D 216 -37.32 -9.31 -66.44
N ARG D 217 -38.27 -9.98 -65.80
CA ARG D 217 -39.08 -11.02 -66.43
C ARG D 217 -40.40 -10.52 -66.98
N CYS D 218 -40.70 -9.22 -66.87
CA CYS D 218 -42.00 -8.72 -67.33
C CYS D 218 -42.12 -8.77 -68.84
N GLY D 219 -41.00 -8.80 -69.56
CA GLY D 219 -40.99 -8.82 -71.00
C GLY D 219 -40.76 -7.47 -71.65
N LYS D 220 -40.97 -6.38 -70.91
CA LYS D 220 -40.67 -5.06 -71.45
C LYS D 220 -39.17 -4.89 -71.68
N TYR D 221 -38.35 -5.45 -70.79
CA TYR D 221 -36.89 -5.45 -70.91
C TYR D 221 -36.40 -6.90 -70.87
N PRO D 222 -36.25 -7.55 -72.01
CA PRO D 222 -35.74 -8.92 -72.02
C PRO D 222 -34.26 -8.96 -71.66
N ASN D 223 -33.82 -10.15 -71.24
CA ASN D 223 -32.44 -10.34 -70.81
C ASN D 223 -31.48 -10.26 -71.98
N LEU D 224 -30.90 -9.08 -72.20
CA LEU D 224 -29.96 -8.87 -73.29
C LEU D 224 -28.50 -9.02 -72.85
N LYS D 225 -28.26 -9.28 -71.56
CA LYS D 225 -26.90 -9.45 -71.01
C LYS D 225 -26.04 -8.21 -71.25
N LYS D 226 -26.66 -7.05 -71.39
CA LYS D 226 -25.91 -5.82 -71.57
C LYS D 226 -25.21 -5.43 -70.27
N PRO D 227 -24.01 -4.86 -70.34
CA PRO D 227 -23.39 -4.30 -69.14
C PRO D 227 -24.26 -3.21 -68.54
N THR D 228 -24.32 -3.16 -67.21
CA THR D 228 -25.17 -2.23 -66.50
C THR D 228 -24.33 -1.24 -65.71
N VAL D 229 -24.76 0.01 -65.72
CA VAL D 229 -24.09 1.08 -65.00
C VAL D 229 -25.01 1.53 -63.87
N TRP D 230 -24.52 1.40 -62.64
CA TRP D 230 -25.26 1.86 -61.47
C TRP D 230 -25.37 3.37 -61.48
N ARG D 231 -26.57 3.88 -61.19
CA ARG D 231 -26.79 5.31 -61.07
C ARG D 231 -27.62 5.60 -59.84
N ARG D 232 -27.48 6.81 -59.32
CA ARG D 232 -28.13 7.22 -58.08
C ARG D 232 -29.59 7.60 -58.35
N GLY D 233 -30.28 8.01 -57.29
CA GLY D 233 -31.67 8.41 -57.45
C GLY D 233 -31.79 9.70 -58.24
N HIS D 234 -32.82 9.76 -59.08
CA HIS D 234 -33.05 10.94 -59.91
C HIS D 234 -33.80 12.02 -59.15
N GLU E 2 -29.41 -5.81 10.25
CA GLU E 2 -30.40 -6.42 9.37
C GLU E 2 -30.19 -5.98 7.93
N ALA E 3 -30.53 -6.86 7.00
CA ALA E 3 -30.34 -6.60 5.58
C ALA E 3 -31.41 -5.63 5.07
N PHE E 4 -30.96 -4.59 4.37
CA PHE E 4 -31.89 -3.62 3.80
C PHE E 4 -31.21 -2.92 2.63
N LYS E 5 -32.04 -2.37 1.75
CA LYS E 5 -31.55 -1.71 0.55
C LYS E 5 -31.15 -0.28 0.82
N ILE E 6 -30.03 0.13 0.24
CA ILE E 6 -29.53 1.49 0.42
C ILE E 6 -29.35 2.23 -0.91
N GLY E 7 -29.36 1.54 -2.04
CA GLY E 7 -29.33 2.13 -3.35
C GLY E 7 -30.42 1.52 -4.22
N LEU E 8 -30.12 1.42 -5.51
CA LEU E 8 -31.06 0.78 -6.43
C LEU E 8 -30.89 -0.73 -6.40
N HIS E 9 -29.71 -1.22 -6.76
CA HIS E 9 -29.38 -2.64 -6.70
C HIS E 9 -28.48 -2.96 -5.52
N THR E 10 -28.24 -2.00 -4.64
CA THR E 10 -27.26 -2.11 -3.57
C THR E 10 -27.97 -2.39 -2.26
N GLU E 11 -27.53 -3.45 -1.57
CA GLU E 11 -28.18 -3.90 -0.35
C GLU E 11 -27.17 -3.99 0.78
N PHE E 12 -27.54 -3.47 1.95
CA PHE E 12 -26.74 -3.62 3.15
C PHE E 12 -26.86 -5.06 3.67
N GLN E 13 -25.73 -5.68 3.99
CA GLN E 13 -25.72 -7.07 4.41
C GLN E 13 -24.70 -7.27 5.52
N THR E 14 -24.92 -8.31 6.33
CA THR E 14 -24.09 -8.59 7.49
C THR E 14 -23.65 -10.05 7.50
N VAL E 15 -22.47 -10.27 8.06
CA VAL E 15 -21.95 -11.62 8.32
C VAL E 15 -21.48 -11.69 9.76
N SER E 16 -21.84 -12.77 10.44
CA SER E 16 -21.46 -12.98 11.84
C SER E 16 -20.68 -14.29 11.96
N PHE E 17 -19.63 -14.24 12.77
CA PHE E 17 -18.76 -15.38 12.97
C PHE E 17 -19.18 -16.15 14.21
N SER E 18 -19.21 -17.48 14.11
CA SER E 18 -19.51 -18.34 15.24
C SER E 18 -18.24 -18.58 16.04
N MET E 19 -18.33 -18.38 17.35
CA MET E 19 -17.17 -18.51 18.23
C MET E 19 -17.03 -19.92 18.79
N VAL E 20 -18.15 -20.58 19.07
CA VAL E 20 -18.11 -21.95 19.57
C VAL E 20 -17.49 -22.86 18.52
N GLY E 21 -17.79 -22.62 17.25
CA GLY E 21 -17.16 -23.39 16.19
C GLY E 21 -15.65 -23.19 16.16
N LEU E 22 -15.21 -21.94 16.34
CA LEU E 22 -13.78 -21.65 16.32
C LEU E 22 -13.06 -22.32 17.48
N PHE E 23 -13.64 -22.26 18.69
CA PHE E 23 -13.00 -22.86 19.85
C PHE E 23 -13.01 -24.38 19.77
N SER E 24 -14.17 -24.97 19.48
CA SER E 24 -14.28 -26.43 19.48
C SER E 24 -13.52 -27.04 18.31
N ASN E 25 -13.65 -26.45 17.12
CA ASN E 25 -12.97 -26.96 15.94
C ASN E 25 -11.46 -26.83 16.03
N ASN E 26 -10.97 -26.04 16.98
CA ASN E 26 -9.50 -25.78 17.03
C ASN E 26 -8.75 -27.04 17.44
N PRO E 27 -7.60 -27.34 16.82
CA PRO E 27 -6.78 -28.51 17.24
C PRO E 27 -6.25 -28.31 18.64
N HIS E 28 -5.66 -27.14 18.93
CA HIS E 28 -5.02 -26.95 20.25
C HIS E 28 -6.11 -26.65 21.28
N ASP E 29 -5.75 -26.62 22.56
CA ASP E 29 -6.71 -26.29 23.65
C ASP E 29 -6.44 -24.86 24.05
N LEU E 30 -7.25 -23.95 23.53
CA LEU E 30 -7.04 -22.53 23.78
C LEU E 30 -7.62 -22.13 25.13
N PRO E 31 -6.97 -21.22 25.84
CA PRO E 31 -7.52 -20.76 27.12
C PRO E 31 -8.80 -19.98 26.94
N LEU E 32 -9.66 -20.04 27.96
CA LEU E 32 -10.91 -19.30 27.98
C LEU E 32 -10.91 -18.31 29.13
N LEU E 33 -11.46 -17.13 28.88
CA LEU E 33 -11.54 -16.06 29.87
C LEU E 33 -12.90 -15.38 29.70
N CYS E 34 -13.80 -15.58 30.66
CA CYS E 34 -15.13 -14.99 30.58
C CYS E 34 -15.45 -14.21 31.85
N THR E 35 -16.09 -13.06 31.65
CA THR E 35 -16.47 -12.14 32.72
C THR E 35 -17.98 -12.25 32.91
N LEU E 36 -18.40 -13.13 33.82
CA LEU E 36 -19.82 -13.25 34.14
C LEU E 36 -20.18 -12.18 35.17
N ASN E 37 -21.25 -11.43 34.88
CA ASN E 37 -21.73 -10.34 35.73
C ASN E 37 -20.59 -9.34 35.87
N LYS E 38 -20.08 -9.07 37.07
CA LYS E 38 -18.98 -8.13 37.26
C LYS E 38 -18.24 -8.51 38.53
N SER E 39 -16.92 -8.30 38.52
CA SER E 39 -16.04 -8.70 39.61
C SER E 39 -16.16 -10.19 39.92
N HIS E 40 -16.46 -10.98 38.88
CA HIS E 40 -16.68 -12.43 39.00
C HIS E 40 -15.92 -13.14 37.90
N LEU E 41 -14.64 -12.81 37.75
CA LEU E 41 -13.85 -13.28 36.62
C LEU E 41 -13.58 -14.77 36.72
N TYR E 42 -13.52 -15.43 35.56
CA TYR E 42 -13.15 -16.83 35.46
C TYR E 42 -12.04 -17.01 34.44
N ILE E 43 -11.44 -18.19 34.46
CA ILE E 43 -10.39 -18.55 33.51
C ILE E 43 -10.35 -20.07 33.44
N LYS E 44 -10.06 -20.57 32.24
CA LYS E 44 -10.01 -22.01 32.01
C LYS E 44 -9.00 -22.31 30.90
N GLY E 45 -8.03 -23.16 31.21
CA GLY E 45 -7.05 -23.58 30.25
C GLY E 45 -6.59 -24.99 30.55
N GLY E 46 -6.60 -25.85 29.53
CA GLY E 46 -6.37 -27.26 29.78
C GLY E 46 -7.51 -27.86 30.58
N ASN E 47 -7.19 -28.43 31.74
CA ASN E 47 -8.22 -28.99 32.61
C ASN E 47 -8.56 -28.07 33.78
N ALA E 48 -7.60 -27.31 34.28
CA ALA E 48 -7.84 -26.45 35.43
C ALA E 48 -8.76 -25.29 35.08
N SER E 49 -9.59 -24.91 36.03
CA SER E 49 -10.51 -23.79 35.86
C SER E 49 -10.60 -23.03 37.18
N PHE E 50 -10.06 -21.82 37.20
CA PHE E 50 -10.00 -21.01 38.41
C PHE E 50 -11.16 -20.04 38.47
N LYS E 51 -11.20 -19.28 39.56
CA LYS E 51 -12.15 -18.18 39.74
C LYS E 51 -11.37 -17.03 40.38
N ILE E 52 -10.96 -16.07 39.56
CA ILE E 52 -10.21 -14.92 40.06
C ILE E 52 -11.13 -14.07 40.93
N SER E 53 -10.68 -13.79 42.15
CA SER E 53 -11.47 -13.03 43.12
C SER E 53 -10.59 -11.97 43.76
N PHE E 54 -11.13 -10.76 43.87
CA PHE E 54 -10.45 -9.64 44.50
C PHE E 54 -11.19 -9.27 45.78
N ASP E 55 -10.45 -9.19 46.88
CA ASP E 55 -11.04 -8.93 48.18
C ASP E 55 -9.97 -8.40 49.11
N ASP E 56 -10.41 -7.70 50.16
CA ASP E 56 -9.48 -7.06 51.08
C ASP E 56 -8.85 -8.05 52.06
N ILE E 57 -9.44 -9.23 52.23
CA ILE E 57 -8.90 -10.17 53.20
C ILE E 57 -7.62 -10.79 52.67
N ALA E 58 -6.84 -11.37 53.58
CA ALA E 58 -5.55 -11.99 53.29
C ALA E 58 -5.62 -13.44 53.76
N VAL E 59 -6.06 -14.33 52.87
CA VAL E 59 -6.15 -15.74 53.22
C VAL E 59 -4.78 -16.31 53.52
N LEU E 60 -3.79 -15.99 52.69
CA LEU E 60 -2.45 -16.54 52.80
C LEU E 60 -1.47 -15.46 53.24
N LEU E 61 -0.70 -15.77 54.28
CA LEU E 61 0.27 -14.83 54.82
C LEU E 61 1.68 -15.21 54.36
N PRO E 62 2.57 -14.21 54.20
CA PRO E 62 3.91 -14.52 53.67
C PRO E 62 4.71 -15.47 54.52
N GLU E 63 4.57 -15.44 55.84
CA GLU E 63 5.43 -16.23 56.72
C GLU E 63 4.88 -17.61 57.02
N TYR E 64 3.65 -17.92 56.63
CA TYR E 64 3.03 -19.20 56.93
C TYR E 64 2.67 -20.01 55.69
N ASP E 65 3.06 -19.57 54.50
CA ASP E 65 2.70 -20.25 53.27
C ASP E 65 3.88 -20.26 52.31
N VAL E 66 3.64 -20.69 51.09
CA VAL E 66 4.69 -20.91 50.12
C VAL E 66 4.97 -19.61 49.37
N ILE E 67 6.21 -19.14 49.43
CA ILE E 67 6.64 -17.94 48.73
C ILE E 67 7.22 -18.36 47.38
N ILE E 68 6.69 -17.79 46.31
CA ILE E 68 7.09 -18.13 44.95
C ILE E 68 7.85 -16.94 44.37
N GLN E 69 9.14 -17.13 44.13
CA GLN E 69 9.96 -16.18 43.41
C GLN E 69 10.55 -16.76 42.13
N HIS E 70 10.40 -18.06 41.91
CA HIS E 70 10.77 -18.77 40.70
C HIS E 70 9.62 -19.68 40.31
N PRO E 71 9.40 -19.90 39.01
CA PRO E 71 8.30 -20.79 38.62
C PRO E 71 8.44 -22.19 39.16
N ALA E 72 9.66 -22.67 39.39
CA ALA E 72 9.86 -24.02 39.92
C ALA E 72 9.36 -24.15 41.35
N ASP E 73 9.23 -23.05 42.09
CA ASP E 73 8.75 -23.12 43.46
C ASP E 73 7.26 -23.45 43.53
N MET E 74 6.56 -23.45 42.40
CA MET E 74 5.15 -23.81 42.36
C MET E 74 4.93 -25.31 42.51
N SER E 75 5.99 -26.11 42.49
CA SER E 75 5.83 -27.56 42.61
C SER E 75 5.33 -27.96 44.00
N TRP E 76 5.35 -27.03 44.95
CA TRP E 76 4.83 -27.28 46.30
C TRP E 76 3.43 -26.73 46.49
N CYS E 77 2.74 -26.41 45.39
CA CYS E 77 1.42 -25.78 45.43
C CYS E 77 0.29 -26.78 45.21
N SER E 78 0.30 -27.48 44.09
CA SER E 78 -0.77 -28.41 43.75
C SER E 78 -0.19 -29.67 43.15
N LYS E 79 -0.84 -30.80 43.45
CA LYS E 79 -0.43 -32.06 42.85
C LYS E 79 -0.62 -32.04 41.34
N SER E 80 -1.73 -31.47 40.87
CA SER E 80 -2.00 -31.42 39.44
C SER E 80 -1.00 -30.50 38.75
N ASP E 81 -0.35 -31.01 37.70
CA ASP E 81 0.58 -30.19 36.94
C ASP E 81 -0.15 -29.19 36.06
N ASP E 82 -1.37 -29.51 35.64
CA ASP E 82 -2.11 -28.60 34.76
C ASP E 82 -2.51 -27.33 35.49
N GLN E 83 -2.87 -27.43 36.78
CA GLN E 83 -3.17 -26.24 37.56
C GLN E 83 -1.94 -25.35 37.70
N ILE E 84 -0.77 -25.96 37.96
CA ILE E 84 0.47 -25.20 38.05
C ILE E 84 0.78 -24.53 36.73
N TRP E 85 0.58 -25.25 35.62
CA TRP E 85 0.85 -24.69 34.30
C TRP E 85 -0.06 -23.51 33.99
N LEU E 86 -1.35 -23.66 34.31
CA LEU E 86 -2.29 -22.56 34.09
C LEU E 86 -1.95 -21.35 34.95
N SER E 87 -1.57 -21.58 36.21
CA SER E 87 -1.19 -20.47 37.07
C SER E 87 0.05 -19.76 36.53
N GLN E 88 1.06 -20.51 36.13
CA GLN E 88 2.28 -19.92 35.59
C GLN E 88 1.97 -19.08 34.36
N TRP E 89 1.17 -19.62 33.44
CA TRP E 89 0.94 -18.88 32.20
C TRP E 89 -0.04 -17.74 32.40
N PHE E 90 -0.94 -17.82 33.37
CA PHE E 90 -1.75 -16.67 33.73
C PHE E 90 -0.90 -15.55 34.30
N MET E 91 0.06 -15.89 35.16
CA MET E 91 0.94 -14.86 35.70
C MET E 91 1.83 -14.27 34.63
N ASN E 92 2.27 -15.10 33.67
CA ASN E 92 3.05 -14.57 32.55
C ASN E 92 2.20 -13.64 31.69
N ALA E 93 0.95 -14.00 31.43
CA ALA E 93 0.07 -13.18 30.62
C ALA E 93 -0.26 -11.86 31.29
N VAL E 94 -0.43 -11.87 32.62
CA VAL E 94 -0.67 -10.62 33.33
C VAL E 94 0.52 -9.69 33.21
N GLY E 95 1.73 -10.23 33.29
CA GLY E 95 2.93 -9.42 33.18
C GLY E 95 3.77 -9.52 34.43
N HIS E 96 3.94 -10.74 34.95
CA HIS E 96 4.64 -10.95 36.21
C HIS E 96 6.06 -11.38 35.84
N ASP E 97 7.02 -10.46 35.99
CA ASP E 97 8.43 -10.80 35.82
C ASP E 97 8.91 -11.56 37.05
N TRP E 98 9.50 -12.73 36.83
CA TRP E 98 9.86 -13.58 37.95
C TRP E 98 11.14 -13.14 38.64
N TYR E 99 11.83 -12.12 38.12
CA TYR E 99 13.05 -11.64 38.75
C TYR E 99 12.95 -10.21 39.28
N LEU E 100 12.02 -9.41 38.77
CA LEU E 100 11.93 -8.00 39.12
C LEU E 100 10.62 -7.64 39.81
N ASP E 101 9.80 -8.63 40.16
CA ASP E 101 8.51 -8.36 40.76
C ASP E 101 8.42 -9.03 42.12
N PRO E 102 7.65 -8.47 43.04
CA PRO E 102 7.53 -9.04 44.38
C PRO E 102 6.98 -10.45 44.33
N PRO E 103 7.47 -11.34 45.20
CA PRO E 103 6.96 -12.72 45.20
C PRO E 103 5.51 -12.79 45.65
N PHE E 104 4.81 -13.80 45.16
CA PHE E 104 3.42 -14.02 45.52
C PHE E 104 3.29 -15.36 46.23
N LEU E 105 2.32 -15.43 47.13
CA LEU E 105 2.16 -16.57 48.01
C LEU E 105 1.30 -17.65 47.36
N CYS E 106 1.26 -18.81 48.01
CA CYS E 106 0.53 -19.97 47.53
C CYS E 106 0.40 -20.96 48.67
N ARG E 107 -0.59 -21.84 48.58
CA ARG E 107 -0.83 -22.78 49.65
C ARG E 107 0.00 -24.04 49.48
N ASN E 108 0.37 -24.65 50.61
CA ASN E 108 1.18 -25.85 50.58
C ASN E 108 0.40 -27.01 49.97
N ARG E 109 1.09 -27.79 49.14
CA ARG E 109 0.45 -28.94 48.51
C ARG E 109 0.02 -29.97 49.54
N THR E 110 0.85 -30.19 50.56
CA THR E 110 0.53 -31.18 51.58
C THR E 110 -0.72 -30.79 52.37
N LYS E 111 -0.88 -29.51 52.67
CA LYS E 111 -2.06 -29.04 53.37
C LYS E 111 -3.30 -29.26 52.51
N THR E 112 -4.33 -29.87 53.10
CA THR E 112 -5.55 -30.23 52.36
C THR E 112 -6.63 -29.16 52.49
N GLU E 113 -6.31 -27.92 52.11
CA GLU E 113 -7.30 -26.85 52.05
C GLU E 113 -7.43 -26.28 50.64
N GLY E 114 -7.13 -27.07 49.62
CA GLY E 114 -7.30 -26.65 48.24
C GLY E 114 -6.09 -25.92 47.69
N PHE E 115 -6.16 -25.63 46.39
CA PHE E 115 -5.09 -24.91 45.69
C PHE E 115 -5.49 -23.45 45.58
N ILE E 116 -4.79 -22.58 46.32
CA ILE E 116 -5.04 -21.15 46.31
C ILE E 116 -3.70 -20.44 46.18
N PHE E 117 -3.59 -19.51 45.25
CA PHE E 117 -2.44 -18.63 45.21
C PHE E 117 -2.90 -17.18 45.20
N GLN E 118 -2.14 -16.34 45.89
CA GLN E 118 -2.54 -14.98 46.21
C GLN E 118 -1.48 -14.01 45.71
N VAL E 119 -1.93 -12.91 45.10
CA VAL E 119 -1.06 -11.87 44.57
C VAL E 119 -1.46 -10.54 45.19
N ASN E 120 -0.47 -9.81 45.69
CA ASN E 120 -0.71 -8.50 46.31
C ASN E 120 -0.85 -7.48 45.21
N THR E 121 -2.09 -7.18 44.81
CA THR E 121 -2.39 -6.23 43.76
C THR E 121 -2.75 -4.85 44.30
N SER E 122 -2.22 -4.48 45.46
CA SER E 122 -2.58 -3.22 46.10
C SER E 122 -1.69 -2.09 45.62
N LYS E 123 -2.28 -0.92 45.41
CA LYS E 123 -1.55 0.27 44.97
C LYS E 123 -1.22 1.13 46.19
N THR E 124 -0.36 0.59 47.05
CA THR E 124 -0.01 1.22 48.33
C THR E 124 1.49 1.16 48.51
N GLY E 125 2.13 2.28 48.85
CA GLY E 125 3.52 2.27 49.23
C GLY E 125 4.42 1.77 48.11
N ILE E 126 5.32 0.84 48.46
CA ILE E 126 6.30 0.36 47.50
C ILE E 126 5.65 -0.44 46.38
N ASN E 127 4.44 -0.93 46.58
CA ASN E 127 3.74 -1.76 45.59
C ASN E 127 2.93 -0.90 44.64
N GLU E 128 3.57 0.11 44.04
CA GLU E 128 2.90 1.02 43.13
C GLU E 128 2.96 0.50 41.69
N ASN E 129 4.16 0.25 41.19
CA ASN E 129 4.32 -0.13 39.79
C ASN E 129 3.78 -1.53 39.53
N TYR E 130 3.95 -2.45 40.48
CA TYR E 130 3.53 -3.83 40.24
C TYR E 130 2.02 -3.93 40.11
N ALA E 131 1.27 -3.23 40.96
CA ALA E 131 -0.18 -3.29 40.89
C ALA E 131 -0.70 -2.60 39.63
N LYS E 132 -0.05 -1.52 39.21
CA LYS E 132 -0.40 -0.88 37.94
C LYS E 132 -0.16 -1.82 36.77
N LYS E 133 0.96 -2.54 36.79
CA LYS E 133 1.24 -3.52 35.75
C LYS E 133 0.20 -4.64 35.76
N PHE E 134 -0.21 -5.06 36.96
CA PHE E 134 -1.26 -6.08 37.08
C PHE E 134 -2.57 -5.58 36.50
N LYS E 135 -2.92 -4.32 36.76
CA LYS E 135 -4.13 -3.74 36.18
C LYS E 135 -4.04 -3.68 34.67
N THR E 136 -2.87 -3.29 34.15
CA THR E 136 -2.66 -3.28 32.70
C THR E 136 -2.90 -4.65 32.11
N GLY E 137 -2.28 -5.67 32.71
CA GLY E 137 -2.44 -7.02 32.22
C GLY E 137 -3.86 -7.51 32.27
N MET E 138 -4.57 -7.20 33.36
CA MET E 138 -5.95 -7.67 33.49
C MET E 138 -6.87 -6.96 32.51
N HIS E 139 -6.62 -5.68 32.22
CA HIS E 139 -7.38 -5.03 31.15
C HIS E 139 -7.10 -5.67 29.80
N HIS E 140 -5.85 -6.05 29.54
CA HIS E 140 -5.57 -6.76 28.29
C HIS E 140 -6.29 -8.10 28.23
N LEU E 141 -6.19 -8.90 29.28
CA LEU E 141 -6.77 -10.24 29.24
C LEU E 141 -8.29 -10.20 29.18
N TYR E 142 -8.91 -9.40 30.03
CA TYR E 142 -10.37 -9.38 30.15
C TYR E 142 -10.94 -8.11 29.51
N ARG E 143 -11.93 -8.29 28.64
CA ARG E 143 -12.58 -7.17 28.00
C ARG E 143 -13.52 -6.49 28.98
N GLU E 144 -13.31 -5.19 29.19
CA GLU E 144 -14.03 -4.41 30.21
C GLU E 144 -13.80 -5.00 31.60
N TYR E 145 -12.55 -4.91 32.04
CA TYR E 145 -12.14 -5.48 33.32
C TYR E 145 -12.70 -4.65 34.47
N PRO E 146 -13.47 -5.24 35.38
CA PRO E 146 -14.06 -4.50 36.51
C PRO E 146 -13.08 -4.30 37.67
N ASP E 147 -12.24 -3.27 37.55
CA ASP E 147 -11.22 -3.02 38.55
C ASP E 147 -11.84 -2.73 39.90
N SER E 148 -11.31 -3.37 40.94
CA SER E 148 -11.78 -3.18 42.30
C SER E 148 -10.71 -2.74 43.27
N CYS E 149 -9.44 -2.71 42.85
CA CYS E 149 -8.34 -2.37 43.74
C CYS E 149 -8.13 -0.85 43.68
N LEU E 150 -8.67 -0.15 44.67
CA LEU E 150 -8.59 1.31 44.69
C LEU E 150 -7.20 1.77 45.08
N ASP E 151 -6.90 3.03 44.78
CA ASP E 151 -5.61 3.60 45.12
C ASP E 151 -5.48 3.75 46.63
N GLY E 152 -4.32 3.37 47.16
CA GLY E 152 -4.07 3.47 48.58
C GLY E 152 -4.59 2.29 49.37
N LYS E 153 -5.84 1.92 49.14
CA LYS E 153 -6.43 0.80 49.86
C LYS E 153 -5.84 -0.52 49.39
N LEU E 154 -5.65 -1.45 50.33
CA LEU E 154 -5.05 -2.73 50.00
C LEU E 154 -6.06 -3.64 49.30
N CYS E 155 -5.58 -4.39 48.32
CA CYS E 155 -6.43 -5.25 47.50
C CYS E 155 -5.63 -6.49 47.12
N LEU E 156 -6.14 -7.66 47.47
CA LEU E 156 -5.42 -8.92 47.32
C LEU E 156 -6.23 -9.90 46.49
N MET E 157 -5.58 -10.50 45.50
CA MET E 157 -6.22 -11.43 44.57
C MET E 157 -6.11 -12.85 45.11
N LYS E 158 -7.18 -13.62 44.96
CA LYS E 158 -7.18 -15.05 45.26
C LYS E 158 -7.68 -15.82 44.05
N ALA E 159 -7.02 -16.93 43.73
CA ALA E 159 -7.43 -17.80 42.64
C ALA E 159 -7.67 -19.19 43.20
N GLN E 160 -8.90 -19.69 43.05
CA GLN E 160 -9.30 -20.98 43.57
C GLN E 160 -9.95 -21.80 42.46
N PRO E 161 -9.82 -23.13 42.51
CA PRO E 161 -10.50 -23.96 41.53
C PRO E 161 -12.01 -23.89 41.69
N THR E 162 -12.71 -23.99 40.56
CA THR E 162 -14.16 -23.93 40.57
C THR E 162 -14.68 -24.57 39.30
N SER E 163 -15.96 -24.94 39.33
CA SER E 163 -16.61 -25.48 38.15
C SER E 163 -16.77 -24.40 37.11
N TRP E 164 -16.43 -24.72 35.87
CA TRP E 164 -16.52 -23.75 34.79
C TRP E 164 -17.98 -23.45 34.49
N PRO E 165 -18.40 -22.20 34.52
CA PRO E 165 -19.81 -21.88 34.25
C PRO E 165 -20.11 -21.93 32.77
N LEU E 166 -20.94 -22.89 32.36
CA LEU E 166 -21.32 -23.01 30.96
C LEU E 166 -22.20 -21.87 30.52
N GLN E 167 -22.78 -21.12 31.46
CA GLN E 167 -23.62 -19.98 31.13
C GLN E 167 -22.82 -18.72 30.78
N CYS E 168 -21.54 -18.67 31.11
CA CYS E 168 -20.76 -17.47 30.83
C CYS E 168 -20.43 -17.39 29.34
N PRO E 169 -20.43 -16.20 28.75
CA PRO E 169 -20.23 -16.08 27.30
C PRO E 169 -18.84 -16.52 26.88
N LEU E 170 -18.75 -17.03 25.66
CA LEU E 170 -17.49 -17.49 25.09
C LEU E 170 -16.89 -16.35 24.29
N ASP E 171 -15.69 -15.91 24.68
CA ASP E 171 -15.03 -14.77 24.06
C ASP E 171 -13.68 -15.22 23.51
N HIS E 172 -13.35 -14.74 22.31
CA HIS E 172 -12.09 -15.08 21.68
C HIS E 172 -11.09 -13.93 21.66
N VAL E 173 -11.53 -12.69 21.85
CA VAL E 173 -10.61 -11.57 21.97
C VAL E 173 -9.76 -11.74 23.22
N ASN E 174 -10.37 -12.19 24.31
CA ASN E 174 -9.62 -12.45 25.53
C ASN E 174 -8.56 -13.53 25.30
N THR E 175 -8.92 -14.58 24.58
CA THR E 175 -7.95 -15.62 24.25
C THR E 175 -6.83 -15.06 23.39
N LEU E 176 -7.16 -14.18 22.45
CA LEU E 176 -6.14 -13.58 21.59
C LEU E 176 -5.16 -12.75 22.40
N HIS E 177 -5.66 -11.95 23.33
CA HIS E 177 -4.77 -11.16 24.18
C HIS E 177 -3.92 -12.06 25.08
N PHE E 178 -4.53 -13.12 25.63
CA PHE E 178 -3.80 -14.06 26.46
C PHE E 178 -2.65 -14.69 25.68
N LEU E 179 -2.91 -15.13 24.46
CA LEU E 179 -1.86 -15.75 23.65
C LEU E 179 -0.80 -14.75 23.25
N THR E 180 -1.19 -13.51 22.92
CA THR E 180 -0.21 -12.49 22.57
C THR E 180 0.73 -12.19 23.73
N ARG E 181 0.18 -12.08 24.94
CA ARG E 181 1.01 -11.78 26.11
C ARG E 181 1.70 -13.00 26.69
N GLY E 182 1.34 -14.21 26.24
CA GLY E 182 1.95 -15.41 26.80
C GLY E 182 3.35 -15.70 26.35
N LYS E 183 3.88 -14.94 25.39
CA LYS E 183 5.26 -15.06 24.90
C LYS E 183 5.34 -16.50 24.40
N ASN E 184 6.34 -17.29 24.79
CA ASN E 184 6.48 -18.66 24.31
C ASN E 184 5.69 -19.68 25.13
N ILE E 185 4.38 -19.69 24.89
CA ILE E 185 3.47 -20.58 25.62
C ILE E 185 3.36 -21.90 24.85
N GLN E 186 3.56 -23.01 25.55
CA GLN E 186 3.44 -24.35 24.96
C GLN E 186 2.02 -24.85 25.17
N LEU E 187 1.14 -24.50 24.24
CA LEU E 187 -0.25 -24.91 24.35
C LEU E 187 -0.40 -26.41 24.17
N PRO E 188 -1.22 -27.07 24.98
CA PRO E 188 -1.44 -28.51 24.78
C PRO E 188 -2.13 -28.78 23.45
N ARG E 189 -1.83 -29.95 22.89
CA ARG E 189 -2.37 -30.33 21.59
C ARG E 189 -3.85 -30.67 21.70
N GLU F 2 12.57 29.15 4.00
CA GLU F 2 11.74 30.29 3.64
C GLU F 2 10.87 29.97 2.44
N ALA F 3 9.64 30.46 2.44
CA ALA F 3 8.71 30.22 1.35
C ALA F 3 9.15 30.93 0.09
N PHE F 4 9.07 30.23 -1.04
CA PHE F 4 9.44 30.80 -2.32
C PHE F 4 8.76 30.03 -3.43
N LYS F 5 8.55 30.70 -4.56
CA LYS F 5 7.82 30.11 -5.68
C LYS F 5 8.75 29.29 -6.55
N ILE F 6 8.25 28.15 -7.03
CA ILE F 6 9.03 27.25 -7.86
C ILE F 6 8.36 26.94 -9.20
N GLY F 7 7.05 27.16 -9.32
CA GLY F 7 6.37 27.01 -10.59
C GLY F 7 5.52 28.23 -10.90
N LEU F 8 4.54 28.08 -11.80
CA LEU F 8 3.66 29.20 -12.10
C LEU F 8 2.75 29.52 -10.91
N HIS F 9 2.12 28.50 -10.34
CA HIS F 9 1.22 28.67 -9.20
C HIS F 9 1.69 27.89 -7.99
N THR F 10 2.87 27.29 -8.06
CA THR F 10 3.38 26.39 -7.03
C THR F 10 4.39 27.13 -6.16
N GLU F 11 4.25 26.98 -4.85
CA GLU F 11 5.10 27.66 -3.88
C GLU F 11 5.66 26.66 -2.89
N PHE F 12 6.98 26.70 -2.70
CA PHE F 12 7.62 25.92 -1.65
C PHE F 12 7.28 26.51 -0.29
N GLN F 13 6.85 25.67 0.65
CA GLN F 13 6.42 26.12 1.95
C GLN F 13 6.92 25.18 3.03
N THR F 14 7.06 25.71 4.24
CA THR F 14 7.60 24.96 5.38
C THR F 14 6.68 25.08 6.58
N VAL F 15 6.68 24.03 7.41
CA VAL F 15 5.98 24.02 8.69
C VAL F 15 6.92 23.46 9.74
N SER F 16 6.89 24.04 10.93
CA SER F 16 7.74 23.62 12.03
C SER F 16 6.88 23.31 13.25
N PHE F 17 7.33 22.35 14.05
CA PHE F 17 6.64 21.96 15.26
C PHE F 17 7.36 22.54 16.47
N SER F 18 6.62 23.28 17.30
CA SER F 18 7.16 23.74 18.57
C SER F 18 7.18 22.59 19.57
N MET F 19 8.24 22.53 20.37
CA MET F 19 8.44 21.40 21.27
C MET F 19 8.19 21.76 22.73
N VAL F 20 8.32 23.04 23.08
CA VAL F 20 7.87 23.48 24.39
C VAL F 20 6.38 23.23 24.55
N GLY F 21 5.61 23.42 23.48
CA GLY F 21 4.21 23.06 23.49
C GLY F 21 3.96 21.58 23.35
N LEU F 22 5.03 20.79 23.12
CA LEU F 22 4.87 19.35 23.11
C LEU F 22 5.14 18.76 24.49
N PHE F 23 6.11 19.31 25.22
CA PHE F 23 6.45 18.78 26.54
C PHE F 23 5.69 19.50 27.66
N SER F 24 5.74 20.83 27.69
CA SER F 24 5.04 21.56 28.74
C SER F 24 3.54 21.35 28.67
N ASN F 25 3.00 21.02 27.50
CA ASN F 25 1.53 20.85 27.35
C ASN F 25 1.12 19.38 27.26
N ASN F 26 1.71 18.52 28.09
CA ASN F 26 1.44 17.06 27.97
C ASN F 26 0.78 16.50 29.23
N PRO F 27 -0.10 15.49 29.12
CA PRO F 27 -0.72 14.85 30.32
C PRO F 27 0.34 14.21 31.21
N HIS F 28 1.20 13.36 30.64
CA HIS F 28 2.16 12.62 31.48
C HIS F 28 3.43 13.45 31.65
N ASP F 29 4.37 12.99 32.48
CA ASP F 29 5.68 13.68 32.65
C ASP F 29 6.69 12.89 31.83
N LEU F 30 7.24 13.51 30.80
CA LEU F 30 8.12 12.76 29.89
C LEU F 30 9.59 13.03 30.23
N PRO F 31 10.45 12.00 30.22
CA PRO F 31 11.90 12.14 30.45
C PRO F 31 12.52 13.15 29.50
N LEU F 32 13.47 13.91 30.03
CA LEU F 32 14.20 14.91 29.26
C LEU F 32 15.65 14.50 29.17
N LEU F 33 16.19 14.51 27.95
CA LEU F 33 17.56 14.13 27.68
C LEU F 33 18.17 15.20 26.77
N CYS F 34 19.13 15.96 27.29
CA CYS F 34 19.71 17.05 26.53
C CYS F 34 21.18 17.20 26.87
N THR F 35 21.89 17.91 25.99
CA THR F 35 23.34 18.02 26.05
C THR F 35 23.77 19.47 25.89
N LEU F 36 24.69 19.91 26.76
CA LEU F 36 25.37 21.19 26.56
C LEU F 36 26.70 20.94 25.88
N ASN F 37 26.98 21.67 24.81
CA ASN F 37 28.23 21.54 24.07
C ASN F 37 28.51 20.09 23.71
N LYS F 38 29.58 19.54 24.28
CA LYS F 38 29.91 18.13 24.12
C LYS F 38 30.41 17.59 25.45
N SER F 39 30.15 16.29 25.68
CA SER F 39 30.57 15.60 26.89
C SER F 39 30.03 16.27 28.15
N HIS F 40 28.81 16.79 28.09
CA HIS F 40 28.13 17.42 29.22
C HIS F 40 26.68 16.97 29.29
N LEU F 41 26.48 15.65 29.30
CA LEU F 41 25.14 15.09 29.20
C LEU F 41 24.32 15.36 30.45
N TYR F 42 23.01 15.49 30.26
CA TYR F 42 22.04 15.71 31.33
C TYR F 42 20.85 14.77 31.12
N ILE F 43 20.04 14.63 32.16
CA ILE F 43 18.83 13.82 32.10
C ILE F 43 17.87 14.34 33.16
N LYS F 44 16.57 14.24 32.88
CA LYS F 44 15.55 14.77 33.77
C LYS F 44 14.29 13.95 33.66
N GLY F 45 13.83 13.40 34.78
CA GLY F 45 12.59 12.65 34.83
C GLY F 45 11.97 12.75 36.20
N GLY F 46 10.69 13.10 36.28
CA GLY F 46 10.07 13.40 37.55
C GLY F 46 10.70 14.64 38.16
N ASN F 47 11.18 14.53 39.40
CA ASN F 47 11.93 15.61 40.03
C ASN F 47 13.44 15.44 39.92
N ALA F 48 13.92 14.21 39.82
CA ALA F 48 15.36 13.98 39.76
C ALA F 48 15.95 14.50 38.46
N SER F 49 17.13 15.10 38.57
CA SER F 49 17.85 15.62 37.41
C SER F 49 19.33 15.31 37.60
N PHE F 50 19.82 14.31 36.87
CA PHE F 50 21.19 13.87 37.01
C PHE F 50 22.09 14.53 35.96
N LYS F 51 23.40 14.41 36.17
CA LYS F 51 24.41 14.85 35.21
C LYS F 51 25.32 13.67 34.93
N ILE F 52 25.08 12.97 33.82
CA ILE F 52 25.92 11.84 33.44
C ILE F 52 27.31 12.35 33.12
N SER F 53 28.31 11.79 33.81
CA SER F 53 29.70 12.22 33.66
C SER F 53 30.58 11.00 33.48
N PHE F 54 31.43 11.03 32.47
CA PHE F 54 32.39 9.97 32.20
C PHE F 54 33.80 10.47 32.50
N ASP F 55 34.53 9.70 33.30
CA ASP F 55 35.88 10.08 33.68
C ASP F 55 36.65 8.84 34.10
N ASP F 56 37.98 8.98 34.10
CA ASP F 56 38.85 7.85 34.45
C ASP F 56 38.76 7.48 35.92
N ILE F 57 38.59 8.47 36.80
CA ILE F 57 38.64 8.20 38.23
C ILE F 57 37.41 7.42 38.68
N ALA F 58 37.56 6.70 39.78
CA ALA F 58 36.52 5.85 40.35
C ALA F 58 36.11 6.44 41.69
N VAL F 59 35.00 7.17 41.71
CA VAL F 59 34.52 7.77 42.95
C VAL F 59 34.10 6.69 43.94
N LEU F 60 33.39 5.66 43.46
CA LEU F 60 32.89 4.59 44.31
C LEU F 60 33.62 3.30 43.97
N LEU F 61 34.12 2.63 45.00
CA LEU F 61 34.81 1.35 44.83
C LEU F 61 33.93 0.21 45.34
N PRO F 62 33.98 -0.96 44.69
CA PRO F 62 33.10 -2.06 45.12
C PRO F 62 33.36 -2.55 46.53
N GLU F 63 34.55 -2.29 47.08
CA GLU F 63 34.88 -2.80 48.39
C GLU F 63 34.14 -2.07 49.50
N TYR F 64 33.85 -0.77 49.31
CA TYR F 64 33.31 0.05 50.38
C TYR F 64 31.85 0.43 50.22
N ASP F 65 31.29 0.33 49.02
CA ASP F 65 29.98 0.87 48.72
C ASP F 65 29.00 -0.23 48.34
N VAL F 66 27.79 0.21 47.96
CA VAL F 66 26.69 -0.72 47.72
C VAL F 66 26.87 -1.40 46.38
N ILE F 67 26.42 -2.65 46.29
CA ILE F 67 26.43 -3.41 45.04
C ILE F 67 24.99 -3.63 44.62
N ILE F 68 24.66 -3.24 43.39
CA ILE F 68 23.29 -3.29 42.89
C ILE F 68 23.26 -4.35 41.78
N GLN F 69 22.75 -5.53 42.11
CA GLN F 69 22.51 -6.57 41.13
C GLN F 69 21.03 -6.86 40.93
N HIS F 70 20.17 -6.32 41.77
CA HIS F 70 18.73 -6.42 41.68
C HIS F 70 18.13 -5.03 41.87
N PRO F 71 17.05 -4.69 41.18
CA PRO F 71 16.49 -3.33 41.32
C PRO F 71 16.06 -3.01 42.74
N ALA F 72 15.69 -4.01 43.55
CA ALA F 72 15.25 -3.75 44.91
C ALA F 72 16.40 -3.32 45.82
N ASP F 73 17.64 -3.56 45.42
CA ASP F 73 18.78 -3.17 46.23
C ASP F 73 19.05 -1.67 46.21
N MET F 74 18.36 -0.92 45.34
CA MET F 74 18.53 0.53 45.29
C MET F 74 17.88 1.25 46.46
N SER F 75 17.15 0.54 47.31
CA SER F 75 16.54 1.18 48.48
C SER F 75 17.58 1.73 49.45
N TRP F 76 18.84 1.31 49.31
CA TRP F 76 19.93 1.81 50.14
C TRP F 76 20.73 2.90 49.45
N CYS F 77 20.17 3.50 48.40
CA CYS F 77 20.87 4.51 47.60
C CYS F 77 20.55 5.94 48.01
N SER F 78 19.27 6.32 47.97
CA SER F 78 18.89 7.68 48.31
C SER F 78 17.50 7.69 48.93
N LYS F 79 17.27 8.69 49.78
CA LYS F 79 15.95 8.86 50.39
C LYS F 79 14.88 9.09 49.33
N SER F 80 15.18 9.94 48.34
CA SER F 80 14.20 10.30 47.33
C SER F 80 13.88 9.11 46.44
N ASP F 81 12.61 8.73 46.40
CA ASP F 81 12.19 7.61 45.56
C ASP F 81 12.19 7.99 44.08
N ASP F 82 12.01 9.28 43.77
CA ASP F 82 12.05 9.71 42.38
C ASP F 82 13.43 9.52 41.78
N GLN F 83 14.48 9.76 42.59
CA GLN F 83 15.84 9.52 42.12
C GLN F 83 16.06 8.05 41.82
N ILE F 84 15.55 7.16 42.68
CA ILE F 84 15.66 5.73 42.46
C ILE F 84 14.91 5.33 41.19
N TRP F 85 13.72 5.89 41.00
CA TRP F 85 12.93 5.59 39.80
C TRP F 85 13.66 6.01 38.55
N LEU F 86 14.20 7.24 38.54
CA LEU F 86 14.91 7.72 37.36
C LEU F 86 16.15 6.89 37.08
N SER F 87 16.89 6.51 38.13
CA SER F 87 18.08 5.70 37.94
C SER F 87 17.72 4.33 37.37
N GLN F 88 16.69 3.69 37.93
CA GLN F 88 16.27 2.39 37.44
C GLN F 88 15.86 2.45 35.98
N TRP F 89 15.08 3.48 35.62
CA TRP F 89 14.58 3.50 34.24
C TRP F 89 15.64 3.96 33.25
N PHE F 90 16.58 4.81 33.68
CA PHE F 90 17.73 5.11 32.84
C PHE F 90 18.55 3.87 32.57
N MET F 91 18.76 3.05 33.61
CA MET F 91 19.57 1.84 33.44
C MET F 91 18.82 0.81 32.60
N ASN F 92 17.49 0.77 32.68
CA ASN F 92 16.72 -0.07 31.77
C ASN F 92 16.80 0.44 30.34
N ALA F 93 16.78 1.76 30.15
CA ALA F 93 16.84 2.32 28.81
C ALA F 93 18.19 2.09 28.15
N VAL F 94 19.28 2.13 28.92
CA VAL F 94 20.61 1.93 28.36
C VAL F 94 20.85 0.44 28.10
N GLY F 95 19.84 -0.38 28.37
CA GLY F 95 19.90 -1.79 28.04
C GLY F 95 20.51 -2.69 29.08
N HIS F 96 20.49 -2.30 30.35
CA HIS F 96 21.09 -3.10 31.41
C HIS F 96 20.15 -4.22 31.81
N ASP F 97 20.63 -5.45 31.75
CA ASP F 97 19.86 -6.63 32.18
C ASP F 97 20.25 -6.94 33.61
N TRP F 98 19.25 -7.06 34.49
CA TRP F 98 19.53 -7.20 35.91
C TRP F 98 19.96 -8.60 36.30
N TYR F 99 19.97 -9.54 35.35
CA TYR F 99 20.40 -10.90 35.65
C TYR F 99 21.66 -11.33 34.92
N LEU F 100 21.95 -10.75 33.76
CA LEU F 100 23.08 -11.19 32.93
C LEU F 100 24.17 -10.13 32.80
N ASP F 101 24.12 -9.07 33.60
CA ASP F 101 25.09 -8.00 33.47
C ASP F 101 25.79 -7.76 34.79
N PRO F 102 27.03 -7.27 34.75
CA PRO F 102 27.76 -7.01 36.00
C PRO F 102 27.06 -5.98 36.85
N PRO F 103 27.08 -6.13 38.16
CA PRO F 103 26.43 -5.16 39.05
C PRO F 103 27.14 -3.83 39.03
N PHE F 104 26.38 -2.78 39.32
CA PHE F 104 26.92 -1.43 39.41
C PHE F 104 26.76 -0.90 40.83
N LEU F 105 27.68 -0.02 41.21
CA LEU F 105 27.78 0.49 42.56
C LEU F 105 26.86 1.67 42.78
N CYS F 106 26.72 2.06 44.04
CA CYS F 106 25.88 3.17 44.44
C CYS F 106 26.30 3.60 45.84
N ARG F 107 26.28 4.90 46.08
CA ARG F 107 26.70 5.38 47.39
C ARG F 107 25.64 5.05 48.44
N ASN F 108 26.12 4.69 49.63
CA ASN F 108 25.22 4.37 50.72
C ASN F 108 24.33 5.56 51.04
N ARG F 109 23.07 5.27 51.35
CA ARG F 109 22.11 6.34 51.64
C ARG F 109 22.52 7.12 52.88
N THR F 110 23.03 6.42 53.89
CA THR F 110 23.41 7.09 55.13
C THR F 110 24.67 7.93 54.96
N LYS F 111 25.60 7.48 54.13
CA LYS F 111 26.84 8.23 53.89
C LYS F 111 26.50 9.56 53.24
N THR F 112 26.72 10.66 53.97
CA THR F 112 26.20 11.97 53.58
C THR F 112 27.17 12.68 52.63
N GLU F 113 27.29 12.13 51.43
CA GLU F 113 28.00 12.78 50.33
C GLU F 113 27.21 12.64 49.03
N GLY F 114 25.90 12.78 49.11
CA GLY F 114 25.06 12.81 47.93
C GLY F 114 24.70 11.43 47.40
N PHE F 115 23.86 11.44 46.36
CA PHE F 115 23.42 10.22 45.71
C PHE F 115 24.20 10.05 44.41
N ILE F 116 25.07 9.04 44.36
CA ILE F 116 25.90 8.77 43.20
C ILE F 116 25.83 7.28 42.90
N PHE F 117 25.54 6.93 41.65
CA PHE F 117 25.68 5.55 41.21
C PHE F 117 26.59 5.52 40.00
N GLN F 118 27.48 4.53 39.97
CA GLN F 118 28.55 4.45 38.99
C GLN F 118 28.49 3.12 38.27
N VAL F 119 28.68 3.16 36.96
CA VAL F 119 28.61 1.98 36.10
C VAL F 119 29.95 1.81 35.40
N ASN F 120 30.52 0.61 35.48
CA ASN F 120 31.79 0.29 34.83
C ASN F 120 31.54 0.11 33.34
N THR F 121 31.73 1.17 32.56
CA THR F 121 31.51 1.13 31.12
C THR F 121 32.81 1.05 30.34
N SER F 122 33.89 0.63 30.98
CA SER F 122 35.19 0.56 30.31
C SER F 122 35.22 -0.60 29.32
N LYS F 123 35.73 -0.31 28.12
CA LYS F 123 35.86 -1.33 27.06
C LYS F 123 37.19 -2.05 27.19
N THR F 124 37.32 -2.81 28.28
CA THR F 124 38.59 -3.44 28.61
C THR F 124 38.35 -4.86 29.11
N GLY F 125 38.82 -5.83 28.35
CA GLY F 125 38.79 -7.21 28.81
C GLY F 125 37.37 -7.75 28.89
N ILE F 126 37.03 -8.29 30.07
CA ILE F 126 35.78 -9.00 30.25
C ILE F 126 34.57 -8.06 30.13
N ASN F 127 34.74 -6.77 30.36
CA ASN F 127 33.66 -5.80 30.35
C ASN F 127 33.35 -5.30 28.95
N GLU F 128 33.92 -5.94 27.92
CA GLU F 128 33.85 -5.39 26.56
C GLU F 128 32.42 -5.40 26.03
N ASN F 129 31.73 -6.54 26.15
CA ASN F 129 30.38 -6.63 25.59
C ASN F 129 29.41 -5.71 26.34
N TYR F 130 29.53 -5.64 27.67
CA TYR F 130 28.69 -4.73 28.43
C TYR F 130 28.96 -3.28 28.06
N ALA F 131 30.22 -2.92 27.86
CA ALA F 131 30.54 -1.55 27.46
C ALA F 131 29.98 -1.23 26.09
N LYS F 132 30.08 -2.17 25.15
CA LYS F 132 29.54 -1.93 23.81
C LYS F 132 28.02 -1.80 23.85
N LYS F 133 27.36 -2.62 24.67
CA LYS F 133 25.91 -2.51 24.81
C LYS F 133 25.52 -1.17 25.44
N PHE F 134 26.29 -0.72 26.42
CA PHE F 134 26.05 0.59 27.02
C PHE F 134 26.25 1.69 25.99
N LYS F 135 27.26 1.56 25.13
CA LYS F 135 27.48 2.54 24.07
C LYS F 135 26.29 2.58 23.11
N THR F 136 25.78 1.40 22.73
CA THR F 136 24.59 1.33 21.89
C THR F 136 23.41 2.04 22.56
N GLY F 137 23.18 1.74 23.84
CA GLY F 137 22.09 2.38 24.54
C GLY F 137 22.23 3.88 24.60
N MET F 138 23.44 4.37 24.84
CA MET F 138 23.66 5.80 24.92
C MET F 138 23.47 6.48 23.56
N HIS F 139 23.89 5.82 22.48
CA HIS F 139 23.61 6.36 21.15
C HIS F 139 22.11 6.43 20.88
N HIS F 140 21.36 5.43 21.34
CA HIS F 140 19.90 5.51 21.21
C HIS F 140 19.33 6.67 22.01
N LEU F 141 19.67 6.75 23.29
CA LEU F 141 19.07 7.76 24.15
C LEU F 141 19.47 9.17 23.74
N TYR F 142 20.74 9.38 23.40
CA TYR F 142 21.26 10.72 23.12
C TYR F 142 21.59 10.84 21.65
N ARG F 143 21.05 11.87 21.01
CA ARG F 143 21.36 12.16 19.62
C ARG F 143 22.63 13.02 19.56
N GLU F 144 23.59 12.60 18.74
CA GLU F 144 24.95 13.15 18.73
C GLU F 144 25.61 12.92 20.10
N TYR F 145 25.80 11.65 20.44
CA TYR F 145 26.30 11.27 21.75
C TYR F 145 27.81 11.48 21.81
N PRO F 146 28.31 12.31 22.73
CA PRO F 146 29.77 12.56 22.83
C PRO F 146 30.51 11.44 23.55
N ASP F 147 30.81 10.38 22.81
CA ASP F 147 31.50 9.23 23.40
C ASP F 147 32.89 9.62 23.86
N SER F 148 33.26 9.20 25.06
CA SER F 148 34.58 9.44 25.61
C SER F 148 35.25 8.18 26.15
N CYS F 149 34.58 7.04 26.10
CA CYS F 149 35.11 5.79 26.63
C CYS F 149 35.97 5.14 25.55
N LEU F 150 37.25 5.52 25.54
CA LEU F 150 38.19 4.97 24.57
C LEU F 150 38.40 3.48 24.82
N ASP F 151 38.76 2.77 23.74
CA ASP F 151 39.03 1.35 23.86
C ASP F 151 40.24 1.11 24.75
N GLY F 152 40.15 0.10 25.60
CA GLY F 152 41.25 -0.22 26.51
C GLY F 152 41.32 0.62 27.76
N LYS F 153 41.27 1.93 27.63
CA LYS F 153 41.37 2.81 28.78
C LYS F 153 40.14 2.67 29.67
N LEU F 154 40.33 2.92 30.97
CA LEU F 154 39.22 2.90 31.90
C LEU F 154 38.24 4.02 31.61
N CYS F 155 36.95 3.71 31.77
CA CYS F 155 35.90 4.69 31.58
C CYS F 155 34.72 4.30 32.47
N LEU F 156 34.54 5.03 33.57
CA LEU F 156 33.48 4.74 34.54
C LEU F 156 32.56 5.94 34.62
N MET F 157 31.26 5.71 34.40
CA MET F 157 30.31 6.81 34.45
C MET F 157 29.82 7.04 35.87
N LYS F 158 29.47 8.28 36.16
CA LYS F 158 28.93 8.70 37.44
C LYS F 158 27.68 9.53 37.18
N ALA F 159 26.69 9.42 38.05
CA ALA F 159 25.46 10.18 37.95
C ALA F 159 25.20 10.90 39.26
N GLN F 160 25.45 12.20 39.28
CA GLN F 160 25.17 13.05 40.42
C GLN F 160 23.96 13.92 40.14
N PRO F 161 23.16 14.23 41.16
CA PRO F 161 22.08 15.20 40.97
C PRO F 161 22.62 16.59 40.78
N THR F 162 21.96 17.36 39.92
CA THR F 162 22.42 18.71 39.61
C THR F 162 21.23 19.54 39.15
N SER F 163 21.42 20.85 39.21
CA SER F 163 20.38 21.77 38.74
C SER F 163 20.18 21.61 37.24
N TRP F 164 18.94 21.50 36.83
CA TRP F 164 18.62 21.32 35.41
C TRP F 164 18.97 22.59 34.64
N PRO F 165 19.76 22.51 33.58
CA PRO F 165 20.15 23.73 32.85
C PRO F 165 18.98 24.27 32.06
N LEU F 166 18.54 25.49 32.42
CA LEU F 166 17.46 26.14 31.69
C LEU F 166 17.86 26.58 30.30
N GLN F 167 19.16 26.67 30.02
CA GLN F 167 19.66 27.05 28.70
C GLN F 167 20.01 25.83 27.86
N CYS F 168 19.29 24.73 28.05
CA CYS F 168 19.62 23.53 27.29
C CYS F 168 18.54 23.26 26.25
N PRO F 169 18.93 22.91 25.03
CA PRO F 169 17.93 22.66 23.98
C PRO F 169 17.00 21.52 24.35
N LEU F 170 15.73 21.68 24.01
CA LEU F 170 14.69 20.74 24.40
C LEU F 170 14.46 19.77 23.24
N ASP F 171 15.06 18.59 23.36
CA ASP F 171 14.94 17.57 22.33
C ASP F 171 13.80 16.62 22.64
N HIS F 172 13.30 15.95 21.60
CA HIS F 172 12.19 15.03 21.75
C HIS F 172 12.47 13.66 21.16
N VAL F 173 13.37 13.56 20.18
CA VAL F 173 13.78 12.26 19.66
C VAL F 173 14.45 11.45 20.76
N ASN F 174 15.22 12.14 21.62
CA ASN F 174 15.81 11.47 22.77
C ASN F 174 14.74 10.87 23.67
N THR F 175 13.67 11.64 23.94
CA THR F 175 12.58 11.13 24.75
C THR F 175 11.88 9.96 24.06
N LEU F 176 11.71 10.04 22.73
CA LEU F 176 11.06 8.96 22.01
C LEU F 176 11.87 7.67 22.10
N HIS F 177 13.19 7.77 21.93
CA HIS F 177 14.04 6.59 22.08
C HIS F 177 14.01 6.06 23.51
N PHE F 178 14.01 6.97 24.49
CA PHE F 178 13.97 6.54 25.89
C PHE F 178 12.69 5.76 26.17
N LEU F 179 11.55 6.26 25.69
CA LEU F 179 10.29 5.56 25.92
C LEU F 179 10.23 4.25 25.17
N THR F 180 10.79 4.21 23.95
CA THR F 180 10.78 2.96 23.20
C THR F 180 11.61 1.88 23.89
N ARG F 181 12.81 2.24 24.37
CA ARG F 181 13.67 1.26 25.02
C ARG F 181 13.23 0.94 26.45
N GLY F 182 12.50 1.84 27.10
CA GLY F 182 12.12 1.64 28.49
C GLY F 182 11.06 0.59 28.72
N LYS F 183 10.49 0.04 27.65
CA LYS F 183 9.49 -1.03 27.73
C LYS F 183 8.27 -0.56 28.54
N ASN F 184 8.01 -1.23 29.66
CA ASN F 184 6.83 -0.93 30.47
C ASN F 184 7.17 0.05 31.58
N ILE F 185 7.36 1.31 31.18
CA ILE F 185 7.68 2.39 32.10
C ILE F 185 6.39 2.99 32.63
N GLN F 186 6.43 3.45 33.88
CA GLN F 186 5.30 4.10 34.54
C GLN F 186 5.63 5.58 34.70
N LEU F 187 5.19 6.38 33.74
CA LEU F 187 5.48 7.81 33.79
C LEU F 187 4.59 8.50 34.82
N PRO F 188 5.15 9.30 35.71
CA PRO F 188 4.31 10.06 36.63
C PRO F 188 3.44 11.05 35.87
N ARG F 189 2.24 11.27 36.38
CA ARG F 189 1.26 12.10 35.68
C ARG F 189 1.53 13.57 35.94
N GLY G 18 20.98 -2.58 -4.87
CA GLY G 18 19.56 -2.32 -4.96
C GLY G 18 19.07 -2.20 -6.40
N TYR G 19 19.22 -0.99 -6.96
CA TYR G 19 18.81 -0.78 -8.35
C TYR G 19 19.68 -1.58 -9.31
N CYS G 20 20.89 -1.95 -8.90
CA CYS G 20 21.81 -2.64 -9.78
C CYS G 20 22.69 -3.57 -8.95
N LEU G 21 23.18 -4.63 -9.57
CA LEU G 21 23.87 -5.70 -8.86
C LEU G 21 25.21 -6.01 -9.50
N GLU G 22 26.21 -6.30 -8.66
CA GLU G 22 27.56 -6.58 -9.13
C GLU G 22 27.75 -8.08 -9.37
N GLU G 23 28.93 -8.43 -9.91
CA GLU G 23 29.18 -9.81 -10.32
C GLU G 23 29.24 -10.76 -9.12
N TRP G 24 29.91 -10.35 -8.04
CA TRP G 24 30.01 -11.18 -6.84
C TRP G 24 28.66 -11.41 -6.18
N MET G 25 27.66 -10.58 -6.48
CA MET G 25 26.33 -10.72 -5.93
C MET G 25 25.54 -11.84 -6.58
N LEU G 26 25.99 -12.35 -7.72
CA LEU G 26 25.24 -13.31 -8.52
C LEU G 26 26.08 -14.56 -8.72
N VAL G 27 25.38 -15.68 -8.94
CA VAL G 27 26.06 -16.96 -9.11
C VAL G 27 26.94 -16.92 -10.35
N ALA G 28 26.41 -16.41 -11.45
CA ALA G 28 27.18 -16.23 -12.68
C ALA G 28 27.73 -14.81 -12.73
N ALA G 29 29.03 -14.68 -12.95
CA ALA G 29 29.67 -13.37 -12.89
C ALA G 29 29.28 -12.53 -14.09
N LYS G 30 28.25 -11.69 -13.93
CA LYS G 30 27.75 -10.87 -15.01
C LYS G 30 27.33 -9.52 -14.46
N MET G 31 27.06 -8.59 -15.37
CA MET G 31 26.69 -7.21 -15.05
C MET G 31 25.18 -7.01 -15.13
N LYS G 32 24.40 -8.01 -14.72
CA LYS G 32 22.95 -7.91 -14.76
C LYS G 32 22.47 -6.75 -13.91
N CYS G 33 21.58 -5.94 -14.47
CA CYS G 33 21.19 -4.69 -13.84
C CYS G 33 19.69 -4.49 -14.06
N PHE G 34 18.97 -4.17 -12.99
CA PHE G 34 17.51 -4.18 -13.01
C PHE G 34 16.95 -2.80 -13.31
N GLY G 35 15.63 -2.77 -13.48
CA GLY G 35 14.93 -1.57 -13.86
C GLY G 35 14.62 -0.67 -12.67
N ASN G 36 13.75 0.31 -12.92
CA ASN G 36 13.45 1.33 -11.92
C ASN G 36 12.13 1.08 -11.20
N THR G 37 11.06 0.82 -11.94
CA THR G 37 9.76 0.60 -11.31
C THR G 37 9.73 -0.69 -10.51
N ALA G 38 10.36 -1.74 -11.04
CA ALA G 38 10.37 -3.02 -10.33
C ALA G 38 11.05 -2.90 -8.97
N VAL G 39 12.20 -2.22 -8.92
CA VAL G 39 12.88 -2.04 -7.65
C VAL G 39 12.24 -0.95 -6.80
N ALA G 40 11.46 -0.06 -7.42
CA ALA G 40 10.70 0.91 -6.63
C ALA G 40 9.53 0.25 -5.93
N LYS G 41 9.02 -0.85 -6.49
CA LYS G 41 7.98 -1.60 -5.80
C LYS G 41 8.47 -2.23 -4.51
N CYS G 42 9.79 -2.30 -4.30
CA CYS G 42 10.32 -2.86 -3.06
C CYS G 42 10.02 -1.96 -1.87
N ASN G 43 10.02 -0.63 -2.08
CA ASN G 43 9.73 0.28 -0.98
C ASN G 43 8.32 0.07 -0.45
N LEU G 44 7.35 -0.13 -1.34
CA LEU G 44 5.97 -0.31 -0.92
C LEU G 44 5.70 -1.74 -0.45
N ASN G 45 6.37 -2.73 -1.06
CA ASN G 45 6.09 -4.13 -0.77
C ASN G 45 6.96 -4.60 0.39
N HIS G 46 6.31 -5.10 1.44
CA HIS G 46 7.01 -5.71 2.57
C HIS G 46 6.93 -7.23 2.55
N ASP G 47 6.39 -7.82 1.48
CA ASP G 47 6.29 -9.27 1.34
C ASP G 47 6.95 -9.65 0.03
N SER G 48 8.28 -9.74 0.06
CA SER G 48 9.07 -10.11 -1.12
C SER G 48 10.48 -10.52 -0.72
N GLU G 49 10.87 -11.75 -1.05
CA GLU G 49 12.19 -12.22 -0.70
C GLU G 49 13.27 -11.50 -1.49
N PHE G 50 12.97 -11.17 -2.75
CA PHE G 50 13.95 -10.50 -3.60
C PHE G 50 14.31 -9.13 -3.06
N CYS G 51 13.31 -8.39 -2.58
CA CYS G 51 13.59 -7.05 -2.04
C CYS G 51 14.39 -7.14 -0.74
N ASP G 52 14.11 -8.13 0.10
CA ASP G 52 14.91 -8.31 1.31
C ASP G 52 16.35 -8.66 0.95
N MET G 53 16.55 -9.52 -0.04
CA MET G 53 17.90 -9.87 -0.44
C MET G 53 18.62 -8.69 -1.06
N LEU G 54 17.90 -7.86 -1.83
CA LEU G 54 18.49 -6.63 -2.33
C LEU G 54 18.91 -5.71 -1.20
N ARG G 55 18.06 -5.56 -0.18
CA ARG G 55 18.42 -4.72 0.95
C ARG G 55 19.68 -5.24 1.64
N LEU G 56 19.74 -6.55 1.87
CA LEU G 56 20.90 -7.14 2.53
C LEU G 56 22.17 -6.92 1.71
N PHE G 57 22.09 -7.15 0.40
CA PHE G 57 23.30 -7.06 -0.43
C PHE G 57 23.71 -5.61 -0.65
N ASP G 58 22.75 -4.70 -0.78
CA ASP G 58 23.07 -3.28 -0.87
C ASP G 58 23.74 -2.81 0.42
N TYR G 59 23.24 -3.28 1.56
CA TYR G 59 23.88 -2.97 2.84
C TYR G 59 25.32 -3.46 2.88
N ASN G 60 25.54 -4.70 2.45
CA ASN G 60 26.89 -5.26 2.46
C ASN G 60 27.82 -4.49 1.54
N LYS G 61 27.37 -4.18 0.32
CA LYS G 61 28.20 -3.46 -0.63
C LYS G 61 28.47 -2.04 -0.15
N ASN G 62 27.51 -1.44 0.54
CA ASN G 62 27.72 -0.10 1.09
C ASN G 62 28.73 -0.13 2.23
N ALA G 63 28.65 -1.12 3.11
CA ALA G 63 29.43 -1.12 4.33
C ALA G 63 30.74 -1.90 4.22
N ILE G 64 31.06 -2.45 3.05
CA ILE G 64 32.32 -3.17 2.91
C ILE G 64 33.50 -2.24 3.18
N LYS G 65 33.53 -1.08 2.52
CA LYS G 65 34.60 -0.12 2.75
C LYS G 65 34.04 1.28 2.93
N THR G 66 32.94 1.58 2.25
CA THR G 66 32.32 2.90 2.37
C THR G 66 31.60 3.03 3.70
N LEU G 67 31.65 4.23 4.29
CA LEU G 67 31.04 4.52 5.58
C LEU G 67 31.58 3.63 6.70
N GLN G 80 20.77 -3.65 14.85
CA GLN G 80 20.18 -4.89 14.32
C GLN G 80 20.06 -4.74 12.81
N THR G 81 20.92 -3.94 12.21
CA THR G 81 20.72 -3.66 10.77
C THR G 81 20.46 -4.94 10.00
N ILE G 82 21.29 -5.99 10.14
CA ILE G 82 21.09 -7.22 9.30
C ILE G 82 19.67 -7.77 9.51
N ASN G 83 19.17 -7.77 10.73
CA ASN G 83 17.81 -8.33 11.00
C ASN G 83 16.72 -7.29 10.73
N ALA G 84 17.04 -6.00 10.77
CA ALA G 84 16.04 -4.96 10.44
C ALA G 84 16.15 -4.62 8.96
N LEU G 85 17.00 -5.35 8.24
CA LEU G 85 17.12 -5.18 6.78
C LEU G 85 16.23 -6.24 6.12
N ILE G 86 15.96 -7.33 6.83
CA ILE G 86 15.11 -8.42 6.29
C ILE G 86 13.76 -8.39 7.02
N SER G 87 12.69 -8.77 6.33
CA SER G 87 11.35 -8.83 6.92
C SER G 87 11.22 -10.09 7.77
N ASP G 88 11.07 -9.91 9.08
CA ASP G 88 10.97 -11.04 9.99
C ASP G 88 9.70 -11.83 9.73
N ASN G 89 8.61 -11.14 9.38
CA ASN G 89 7.34 -11.83 9.11
C ASN G 89 7.46 -12.79 7.94
N LEU G 90 8.10 -12.35 6.86
CA LEU G 90 8.23 -13.22 5.69
C LEU G 90 9.12 -14.43 5.97
N LEU G 91 10.22 -14.21 6.70
CA LEU G 91 11.10 -15.31 7.05
C LEU G 91 10.38 -16.32 7.96
N MET G 92 9.60 -15.82 8.92
CA MET G 92 8.81 -16.71 9.76
C MET G 92 7.76 -17.46 8.94
N LYS G 93 7.15 -16.78 7.98
CA LYS G 93 6.16 -17.45 7.11
C LYS G 93 6.82 -18.57 6.32
N ASN G 94 8.01 -18.34 5.79
CA ASN G 94 8.72 -19.37 5.05
C ASN G 94 9.10 -20.54 5.96
N LYS G 95 9.50 -20.24 7.20
CA LYS G 95 9.82 -21.31 8.14
C LYS G 95 8.57 -22.14 8.46
N ILE G 96 7.43 -21.48 8.66
CA ILE G 96 6.19 -22.19 8.91
C ILE G 96 5.80 -23.05 7.72
N ARG G 97 5.97 -22.51 6.51
CA ARG G 97 5.68 -23.29 5.31
C ARG G 97 6.59 -24.51 5.19
N GLU G 98 7.87 -24.35 5.56
CA GLU G 98 8.77 -25.49 5.58
C GLU G 98 8.30 -26.54 6.56
N LEU G 99 7.84 -26.11 7.75
CA LEU G 99 7.36 -27.07 8.73
C LEU G 99 6.08 -27.75 8.26
N MET G 100 5.22 -27.03 7.54
CA MET G 100 3.99 -27.60 6.99
C MET G 100 4.25 -28.53 5.82
N SER G 101 5.49 -28.60 5.32
CA SER G 101 5.83 -29.36 4.12
C SER G 101 5.05 -28.88 2.90
N VAL G 102 4.88 -27.56 2.79
CA VAL G 102 4.35 -26.92 1.60
C VAL G 102 5.49 -26.14 0.97
N PRO G 103 5.41 -25.78 -0.32
CA PRO G 103 6.55 -25.09 -0.95
C PRO G 103 6.92 -23.79 -0.23
N TYR G 104 8.22 -23.56 -0.10
CA TYR G 104 8.75 -22.38 0.58
C TYR G 104 9.91 -21.84 -0.23
N CYS G 105 10.52 -20.77 0.28
CA CYS G 105 11.60 -20.07 -0.39
C CYS G 105 12.83 -20.08 0.49
N ASN G 106 13.97 -20.52 -0.06
CA ASN G 106 15.23 -20.50 0.69
C ASN G 106 16.16 -19.40 0.20
N TYR G 107 15.61 -18.39 -0.46
CA TYR G 107 16.29 -17.12 -0.70
C TYR G 107 17.56 -17.27 -1.53
N THR G 108 17.50 -18.05 -2.60
CA THR G 108 18.68 -18.16 -3.44
C THR G 108 18.42 -17.89 -4.91
N LYS G 109 17.28 -18.31 -5.45
CA LYS G 109 17.01 -18.24 -6.88
C LYS G 109 15.68 -17.57 -7.12
N PHE G 110 15.67 -16.64 -8.06
CA PHE G 110 14.48 -15.85 -8.37
C PHE G 110 14.25 -15.83 -9.87
N TRP G 111 12.98 -15.77 -10.26
CA TRP G 111 12.60 -15.76 -11.66
C TRP G 111 11.71 -14.56 -11.95
N TYR G 112 11.75 -14.10 -13.20
CA TYR G 112 11.00 -12.92 -13.60
C TYR G 112 10.72 -13.01 -15.10
N VAL G 113 9.72 -12.25 -15.55
CA VAL G 113 9.33 -12.19 -16.94
C VAL G 113 9.79 -10.85 -17.50
N ASN G 114 10.51 -10.89 -18.61
CA ASN G 114 11.20 -9.73 -19.14
C ASN G 114 10.75 -9.49 -20.58
N HIS G 115 10.18 -8.32 -20.83
CA HIS G 115 9.85 -7.90 -22.20
C HIS G 115 11.16 -7.53 -22.89
N THR G 116 11.54 -8.33 -23.90
CA THR G 116 12.89 -8.22 -24.45
C THR G 116 13.12 -6.88 -25.14
N LEU G 117 12.17 -6.46 -25.99
CA LEU G 117 12.36 -5.23 -26.75
C LEU G 117 12.37 -4.01 -25.84
N SER G 118 11.36 -3.88 -24.98
CA SER G 118 11.25 -2.70 -24.15
C SER G 118 12.23 -2.73 -22.98
N GLY G 119 12.59 -3.92 -22.51
CA GLY G 119 13.42 -4.04 -21.33
C GLY G 119 12.69 -3.96 -20.01
N GLN G 120 11.37 -3.74 -20.04
CA GLN G 120 10.60 -3.65 -18.82
C GLN G 120 10.19 -5.03 -18.34
N HIS G 121 10.43 -5.28 -17.05
CA HIS G 121 10.28 -6.62 -16.48
C HIS G 121 9.48 -6.54 -15.21
N SER G 122 9.14 -7.71 -14.67
CA SER G 122 8.41 -7.80 -13.42
C SER G 122 9.38 -7.97 -12.26
N LEU G 123 8.85 -7.78 -11.05
CA LEU G 123 9.65 -7.97 -9.85
C LEU G 123 9.97 -9.45 -9.69
N PRO G 124 11.24 -9.82 -9.57
CA PRO G 124 11.60 -11.25 -9.53
C PRO G 124 11.02 -11.96 -8.32
N ARG G 125 10.14 -12.92 -8.59
CA ARG G 125 9.54 -13.75 -7.57
C ARG G 125 10.48 -14.91 -7.24
N CYS G 126 10.20 -15.56 -6.11
CA CYS G 126 11.08 -16.63 -5.65
C CYS G 126 10.73 -17.95 -6.33
N TRP G 127 11.78 -18.66 -6.76
CA TRP G 127 11.63 -20.02 -7.27
C TRP G 127 11.46 -20.94 -6.06
N LEU G 128 10.22 -21.31 -5.80
CA LEU G 128 9.90 -22.02 -4.57
C LEU G 128 10.55 -23.40 -4.56
N ILE G 129 10.77 -23.92 -3.36
CA ILE G 129 11.46 -25.19 -3.16
C ILE G 129 10.58 -26.13 -2.36
N LYS G 130 10.58 -27.40 -2.77
CA LYS G 130 9.94 -28.48 -2.05
C LYS G 130 10.80 -29.72 -2.20
N ASN G 131 10.85 -30.54 -1.14
CA ASN G 131 11.66 -31.76 -1.12
C ASN G 131 13.13 -31.46 -1.37
N ASN G 132 13.59 -30.31 -0.88
CA ASN G 132 14.98 -29.87 -1.04
C ASN G 132 15.37 -29.84 -2.52
N SER G 133 14.43 -29.50 -3.38
CA SER G 133 14.66 -29.42 -4.81
C SER G 133 13.79 -28.32 -5.40
N TYR G 134 14.34 -27.62 -6.39
CA TYR G 134 13.60 -26.55 -7.04
C TYR G 134 12.36 -27.10 -7.73
N LEU G 135 11.26 -26.38 -7.60
CA LEU G 135 10.04 -26.78 -8.30
C LEU G 135 10.25 -26.68 -9.80
N ASN G 136 9.66 -27.63 -10.53
CA ASN G 136 9.75 -27.59 -11.98
C ASN G 136 8.91 -26.44 -12.53
N ILE G 137 9.24 -26.03 -13.76
CA ILE G 137 8.57 -24.89 -14.37
C ILE G 137 7.08 -25.15 -14.52
N SER G 138 6.71 -26.41 -14.74
CA SER G 138 5.31 -26.76 -14.96
C SER G 138 4.46 -26.56 -13.71
N ASP G 139 5.07 -26.49 -12.53
CA ASP G 139 4.28 -26.32 -11.31
C ASP G 139 3.77 -24.89 -11.17
N PHE G 140 4.60 -23.90 -11.50
CA PHE G 140 4.20 -22.50 -11.49
C PHE G 140 4.09 -21.93 -12.90
N ARG G 141 3.75 -22.79 -13.86
CA ARG G 141 3.40 -22.32 -15.19
C ARG G 141 2.28 -21.29 -15.15
N ASN G 142 1.25 -21.55 -14.35
CA ASN G 142 0.18 -20.58 -14.19
C ASN G 142 0.72 -19.28 -13.60
N ASP G 143 1.62 -19.39 -12.63
CA ASP G 143 2.18 -18.20 -11.99
C ASP G 143 2.90 -17.32 -13.01
N TRP G 144 3.76 -17.91 -13.84
CA TRP G 144 4.49 -17.05 -14.76
C TRP G 144 3.67 -16.63 -15.97
N ILE G 145 2.65 -17.40 -16.37
CA ILE G 145 1.74 -16.93 -17.40
C ILE G 145 0.98 -15.70 -16.91
N LEU G 146 0.46 -15.77 -15.68
CA LEU G 146 -0.21 -14.61 -15.11
C LEU G 146 0.75 -13.45 -14.94
N GLU G 147 2.01 -13.73 -14.61
CA GLU G 147 3.00 -12.67 -14.47
C GLU G 147 3.25 -11.96 -15.80
N SER G 148 3.35 -12.72 -16.89
CA SER G 148 3.53 -12.11 -18.20
C SER G 148 2.32 -11.27 -18.59
N ASP G 149 1.12 -11.80 -18.37
CA ASP G 149 -0.08 -11.04 -18.69
C ASP G 149 -0.16 -9.76 -17.87
N PHE G 150 0.17 -9.85 -16.58
CA PHE G 150 0.18 -8.68 -15.72
C PHE G 150 1.23 -7.68 -16.16
N LEU G 151 2.37 -8.15 -16.67
CA LEU G 151 3.40 -7.23 -17.14
C LEU G 151 2.93 -6.47 -18.37
N ILE G 152 2.28 -7.16 -19.31
CA ILE G 152 1.75 -6.48 -20.49
C ILE G 152 0.71 -5.44 -20.07
N SER G 153 -0.21 -5.83 -19.19
CA SER G 153 -1.24 -4.92 -18.72
C SER G 153 -0.64 -3.75 -17.96
N GLU G 154 0.43 -3.99 -17.19
CA GLU G 154 1.09 -2.93 -16.45
C GLU G 154 1.74 -1.93 -17.38
N MET G 155 2.37 -2.41 -18.47
CA MET G 155 2.95 -1.47 -19.43
C MET G 155 1.88 -0.60 -20.09
N LEU G 156 0.78 -1.22 -20.53
CA LEU G 156 -0.29 -0.42 -21.14
C LEU G 156 -0.89 0.57 -20.15
N SER G 157 -1.12 0.13 -18.91
CA SER G 157 -1.68 1.02 -17.90
C SER G 157 -0.70 2.14 -17.55
N LYS G 158 0.60 1.85 -17.56
CA LYS G 158 1.59 2.88 -17.32
C LYS G 158 1.56 3.93 -18.41
N GLU G 159 1.40 3.50 -19.67
CA GLU G 159 1.28 4.46 -20.76
C GLU G 159 0.05 5.34 -20.57
N TYR G 160 -1.08 4.72 -20.18
CA TYR G 160 -2.29 5.50 -19.95
C TYR G 160 -2.13 6.49 -18.81
N SER G 161 -1.50 6.06 -17.71
CA SER G 161 -1.32 6.93 -16.56
C SER G 161 -0.36 8.07 -16.87
N ASP G 162 0.70 7.79 -17.65
CA ASP G 162 1.60 8.85 -18.07
C ASP G 162 0.87 9.87 -18.94
N ARG G 163 -0.02 9.40 -19.82
CA ARG G 163 -0.83 10.33 -20.61
C ARG G 163 -1.72 11.17 -19.69
N GLN G 164 -2.34 10.53 -18.70
CA GLN G 164 -3.29 11.24 -17.84
C GLN G 164 -2.59 12.21 -16.90
N GLY G 165 -1.31 12.01 -16.60
CA GLY G 165 -0.59 12.94 -15.75
C GLY G 165 -0.06 14.16 -16.44
N LYS G 166 -0.17 14.24 -17.76
CA LYS G 166 0.30 15.38 -18.54
C LYS G 166 -0.82 16.14 -19.22
N THR G 167 -1.78 15.45 -19.82
CA THR G 167 -2.85 16.11 -20.56
C THR G 167 -4.05 16.30 -19.65
N PRO G 168 -4.53 17.53 -19.46
CA PRO G 168 -5.71 17.73 -18.62
C PRO G 168 -6.96 17.12 -19.21
N LEU G 169 -7.87 16.69 -18.33
CA LEU G 169 -9.13 16.12 -18.76
C LEU G 169 -10.03 17.16 -19.39
N THR G 170 -9.97 18.40 -18.89
CA THR G 170 -10.82 19.46 -19.42
C THR G 170 -10.50 19.73 -20.88
N LEU G 171 -9.21 19.68 -21.25
CA LEU G 171 -8.84 19.90 -22.64
C LEU G 171 -9.33 18.79 -23.54
N VAL G 172 -9.28 17.54 -23.05
CA VAL G 172 -9.82 16.42 -23.82
C VAL G 172 -11.32 16.59 -24.01
N ASP G 173 -12.04 16.99 -22.96
CA ASP G 173 -13.47 17.21 -23.06
C ASP G 173 -13.77 18.33 -24.04
N ILE G 174 -13.00 19.42 -23.98
CA ILE G 174 -13.21 20.54 -24.89
C ILE G 174 -13.02 20.10 -26.33
N CYS G 175 -11.96 19.32 -26.60
CA CYS G 175 -11.72 18.84 -27.95
C CYS G 175 -12.85 17.94 -28.43
N PHE G 176 -13.31 17.03 -27.56
CA PHE G 176 -14.37 16.11 -27.96
C PHE G 176 -15.66 16.85 -28.27
N TRP G 177 -16.02 17.81 -27.42
CA TRP G 177 -17.25 18.56 -27.65
C TRP G 177 -17.14 19.48 -28.84
N SER G 178 -15.95 20.03 -29.09
CA SER G 178 -15.74 20.82 -30.31
C SER G 178 -15.91 19.96 -31.55
N THR G 179 -15.40 18.73 -31.53
CA THR G 179 -15.55 17.84 -32.67
C THR G 179 -17.03 17.47 -32.87
N VAL G 180 -17.75 17.19 -31.78
CA VAL G 180 -19.17 16.89 -31.89
C VAL G 180 -19.94 18.07 -32.46
N PHE G 181 -19.62 19.28 -31.99
CA PHE G 181 -20.26 20.49 -32.50
C PHE G 181 -19.96 20.69 -33.97
N PHE G 182 -18.74 20.40 -34.40
CA PHE G 182 -18.39 20.57 -35.80
C PHE G 182 -19.08 19.54 -36.69
N THR G 183 -19.23 18.31 -36.21
CA THR G 183 -19.98 17.31 -36.98
C THR G 183 -21.45 17.71 -37.11
N ALA G 184 -22.06 18.18 -36.01
CA ALA G 184 -23.43 18.66 -36.08
C ALA G 184 -23.54 19.84 -37.03
N SER G 185 -22.51 20.69 -37.05
CA SER G 185 -22.49 21.84 -37.95
C SER G 185 -22.43 21.40 -39.41
N LEU G 186 -21.62 20.39 -39.73
CA LEU G 186 -21.61 19.86 -41.08
C LEU G 186 -22.97 19.29 -41.46
N PHE G 187 -23.61 18.56 -40.53
CA PHE G 187 -24.93 18.02 -40.83
C PHE G 187 -25.93 19.12 -41.11
N LEU G 188 -25.91 20.19 -40.32
CA LEU G 188 -26.81 21.31 -40.56
C LEU G 188 -26.47 22.01 -41.87
N HIS G 189 -25.19 22.03 -42.23
CA HIS G 189 -24.77 22.62 -43.50
C HIS G 189 -25.35 21.85 -44.68
N LEU G 190 -25.35 20.51 -44.60
CA LEU G 190 -25.90 19.71 -45.68
C LEU G 190 -27.41 19.84 -45.77
N VAL G 191 -28.11 19.70 -44.63
CA VAL G 191 -29.56 19.71 -44.65
C VAL G 191 -30.09 21.08 -45.04
N GLY G 192 -29.59 22.13 -44.39
CA GLY G 192 -30.04 23.47 -44.70
C GLY G 192 -31.22 23.88 -43.86
N ILE G 193 -31.07 24.93 -43.07
CA ILE G 193 -32.13 25.43 -42.20
C ILE G 193 -32.97 26.46 -42.97
N PRO G 194 -34.29 26.31 -43.02
CA PRO G 194 -35.12 27.31 -43.72
C PRO G 194 -34.98 28.68 -43.07
N THR G 195 -35.04 29.71 -43.93
CA THR G 195 -34.74 31.07 -43.50
C THR G 195 -35.94 32.01 -43.46
N HIS G 196 -36.95 31.77 -44.29
CA HIS G 196 -38.10 32.67 -44.35
C HIS G 196 -39.37 31.84 -44.48
N ARG G 197 -40.47 32.52 -44.77
CA ARG G 197 -41.78 31.90 -44.87
C ARG G 197 -42.33 32.02 -46.28
N HIS G 198 -42.94 30.94 -46.77
CA HIS G 198 -43.57 30.91 -48.08
C HIS G 198 -44.97 30.32 -47.94
N ILE G 199 -45.73 30.37 -49.04
CA ILE G 199 -47.09 29.84 -49.10
C ILE G 199 -47.16 28.91 -50.29
N ARG G 200 -47.87 27.78 -50.13
CA ARG G 200 -47.98 26.79 -51.19
C ARG G 200 -48.47 27.43 -52.48
N GLY G 201 -47.67 27.29 -53.53
CA GLY G 201 -47.99 27.90 -54.81
C GLY G 201 -47.98 29.42 -54.78
N GLU G 202 -47.01 30.01 -54.10
CA GLU G 202 -46.92 31.45 -53.98
C GLU G 202 -45.46 31.86 -54.12
N ALA G 203 -45.23 33.07 -54.63
CA ALA G 203 -43.89 33.54 -54.97
C ALA G 203 -43.09 33.82 -53.70
N CYS G 204 -41.89 34.35 -53.86
CA CYS G 204 -41.04 34.63 -52.71
C CYS G 204 -41.40 35.98 -52.11
N PRO G 205 -41.90 36.02 -50.87
CA PRO G 205 -42.29 37.31 -50.28
C PRO G 205 -41.15 38.27 -50.04
N LEU G 206 -39.91 37.78 -50.00
CA LEU G 206 -38.78 38.66 -49.70
C LEU G 206 -38.64 39.74 -50.76
N PRO G 207 -38.14 40.93 -50.39
CA PRO G 207 -37.69 41.36 -49.06
C PRO G 207 -38.82 41.67 -48.07
N HIS G 208 -40.05 41.24 -48.30
CA HIS G 208 -41.16 41.50 -47.40
C HIS G 208 -41.40 40.24 -46.57
N ARG G 209 -41.27 40.37 -45.25
CA ARG G 209 -41.36 39.23 -44.36
C ARG G 209 -42.81 38.90 -44.02
N LEU G 210 -43.02 37.70 -43.46
CA LEU G 210 -44.34 37.20 -43.11
C LEU G 210 -44.37 36.82 -41.64
N ASN G 211 -45.54 36.98 -41.03
CA ASN G 211 -45.76 36.59 -39.65
C ASN G 211 -46.27 35.15 -39.60
N SER G 212 -46.76 34.72 -38.43
CA SER G 212 -47.32 33.38 -38.31
C SER G 212 -48.54 33.21 -39.21
N LEU G 213 -49.40 34.24 -39.27
CA LEU G 213 -50.58 34.16 -40.11
C LEU G 213 -50.22 34.18 -41.60
N GLY G 214 -49.15 34.88 -41.96
CA GLY G 214 -48.71 34.90 -43.34
C GLY G 214 -48.68 36.26 -43.99
N GLY G 215 -48.51 37.31 -43.19
CA GLY G 215 -48.43 38.65 -43.72
C GLY G 215 -48.14 39.72 -42.68
N CYS G 216 -47.20 40.59 -42.97
CA CYS G 216 -46.78 41.62 -42.01
C CYS G 216 -47.75 42.81 -42.08
N ARG G 217 -47.38 43.91 -41.43
CA ARG G 217 -48.28 45.05 -41.26
C ARG G 217 -48.10 46.14 -42.31
N CYS G 218 -47.24 45.93 -43.31
CA CYS G 218 -47.07 46.94 -44.36
C CYS G 218 -48.32 47.09 -45.22
N GLY G 219 -49.22 46.11 -45.19
CA GLY G 219 -50.42 46.14 -45.99
C GLY G 219 -50.32 45.44 -47.33
N LYS G 220 -49.09 45.23 -47.82
CA LYS G 220 -48.92 44.46 -49.05
C LYS G 220 -49.36 43.02 -48.87
N TYR G 221 -49.03 42.42 -47.72
CA TYR G 221 -49.46 41.06 -47.39
C TYR G 221 -50.31 41.10 -46.12
N PRO G 222 -51.63 41.04 -46.25
CA PRO G 222 -52.50 41.07 -45.06
C PRO G 222 -52.51 39.73 -44.35
N ASN G 223 -53.04 39.76 -43.12
CA ASN G 223 -53.16 38.57 -42.29
C ASN G 223 -54.32 37.74 -42.79
N LEU G 224 -54.06 36.92 -43.81
CA LEU G 224 -55.08 36.06 -44.40
C LEU G 224 -55.18 34.70 -43.72
N LYS G 225 -54.39 34.46 -42.67
CA LYS G 225 -54.39 33.20 -41.94
C LYS G 225 -54.04 32.02 -42.85
N LYS G 226 -53.31 32.28 -43.92
CA LYS G 226 -52.91 31.22 -44.83
C LYS G 226 -51.82 30.36 -44.19
N PRO G 227 -51.90 29.04 -44.32
CA PRO G 227 -50.81 28.18 -43.83
C PRO G 227 -49.49 28.52 -44.51
N THR G 228 -48.42 28.44 -43.75
CA THR G 228 -47.09 28.82 -44.22
C THR G 228 -46.19 27.59 -44.30
N VAL G 229 -45.40 27.53 -45.37
CA VAL G 229 -44.46 26.45 -45.61
C VAL G 229 -43.05 27.02 -45.56
N TRP G 230 -42.19 26.42 -44.75
CA TRP G 230 -40.83 26.92 -44.60
C TRP G 230 -40.00 26.59 -45.83
N ARG G 231 -39.21 27.56 -46.30
CA ARG G 231 -38.25 27.33 -47.36
C ARG G 231 -36.94 28.01 -47.01
N ARG G 232 -35.84 27.49 -47.56
CA ARG G 232 -34.52 28.00 -47.24
C ARG G 232 -34.16 29.19 -48.13
N GLY G 233 -32.99 29.78 -47.86
CA GLY G 233 -32.55 30.93 -48.62
C GLY G 233 -32.30 30.57 -50.08
N HIS G 234 -32.83 31.39 -50.97
CA HIS G 234 -32.67 31.18 -52.40
C HIS G 234 -31.27 31.55 -52.85
N GLY H 18 -9.29 -16.99 2.87
CA GLY H 18 -10.67 -17.35 3.13
C GLY H 18 -11.63 -16.84 2.07
N TYR H 19 -11.45 -17.34 0.84
CA TYR H 19 -12.34 -16.92 -0.25
C TYR H 19 -13.77 -17.36 0.00
N CYS H 20 -13.96 -18.59 0.49
CA CYS H 20 -15.26 -19.08 0.92
C CYS H 20 -15.22 -19.41 2.40
N LEU H 21 -16.40 -19.47 3.01
CA LEU H 21 -16.55 -19.77 4.43
C LEU H 21 -17.57 -20.88 4.62
N GLU H 22 -17.25 -21.86 5.46
CA GLU H 22 -18.15 -22.97 5.70
C GLU H 22 -19.16 -22.63 6.79
N GLU H 23 -20.03 -23.61 7.09
CA GLU H 23 -21.19 -23.35 7.94
C GLU H 23 -20.80 -23.15 9.40
N TRP H 24 -19.83 -23.93 9.88
CA TRP H 24 -19.45 -23.86 11.29
C TRP H 24 -18.75 -22.55 11.64
N MET H 25 -18.34 -21.77 10.65
CA MET H 25 -17.71 -20.48 10.90
C MET H 25 -18.69 -19.33 11.04
N LEU H 26 -19.97 -19.52 10.70
CA LEU H 26 -20.91 -18.42 10.66
C LEU H 26 -22.15 -18.71 11.49
N VAL H 27 -22.55 -17.74 12.30
CA VAL H 27 -23.84 -17.81 12.99
C VAL H 27 -24.93 -17.85 11.93
N ALA H 28 -25.97 -18.64 12.18
CA ALA H 28 -26.97 -19.01 11.17
C ALA H 28 -26.28 -19.70 10.00
N ALA H 29 -25.76 -20.89 10.30
CA ALA H 29 -24.83 -21.61 9.45
C ALA H 29 -25.31 -21.70 8.01
N LYS H 30 -24.54 -21.11 7.11
CA LYS H 30 -24.77 -21.18 5.68
C LYS H 30 -23.40 -21.32 5.01
N MET H 31 -23.34 -21.10 3.70
CA MET H 31 -22.08 -21.28 2.98
C MET H 31 -21.77 -19.99 2.25
N LYS H 32 -21.88 -18.86 2.97
CA LYS H 32 -21.60 -17.55 2.41
C LYS H 32 -20.16 -17.45 1.92
N CYS H 33 -19.98 -17.36 0.60
CA CYS H 33 -18.66 -17.24 0.01
C CYS H 33 -18.50 -15.86 -0.63
N PHE H 34 -17.33 -15.27 -0.43
CA PHE H 34 -17.06 -13.90 -0.85
C PHE H 34 -16.30 -13.87 -2.17
N GLY H 35 -16.15 -12.66 -2.70
CA GLY H 35 -15.56 -12.45 -4.00
C GLY H 35 -14.05 -12.57 -3.98
N ASN H 36 -13.44 -12.11 -5.08
CA ASN H 36 -12.00 -12.21 -5.25
C ASN H 36 -11.29 -10.90 -4.92
N THR H 37 -11.81 -9.77 -5.39
CA THR H 37 -11.15 -8.49 -5.11
C THR H 37 -11.23 -8.12 -3.64
N ALA H 38 -12.38 -8.37 -3.00
CA ALA H 38 -12.53 -8.05 -1.59
C ALA H 38 -11.53 -8.83 -0.74
N VAL H 39 -11.40 -10.13 -0.99
CA VAL H 39 -10.45 -10.93 -0.22
C VAL H 39 -9.01 -10.70 -0.67
N ALA H 40 -8.79 -10.18 -1.88
CA ALA H 40 -7.46 -9.80 -2.29
C ALA H 40 -7.00 -8.52 -1.62
N LYS H 41 -7.95 -7.66 -1.23
CA LYS H 41 -7.59 -6.47 -0.47
C LYS H 41 -7.05 -6.81 0.91
N CYS H 42 -7.24 -8.05 1.38
CA CYS H 42 -6.71 -8.45 2.67
C CYS H 42 -5.19 -8.59 2.65
N ASN H 43 -4.61 -8.99 1.52
CA ASN H 43 -3.17 -9.15 1.45
C ASN H 43 -2.45 -7.82 1.67
N LEU H 44 -2.92 -6.77 1.02
CA LEU H 44 -2.29 -5.46 1.18
C LEU H 44 -2.61 -4.82 2.53
N ASN H 45 -3.87 -4.91 2.96
CA ASN H 45 -4.30 -4.24 4.17
C ASN H 45 -3.94 -5.04 5.42
N HIS H 46 -3.44 -4.33 6.43
CA HIS H 46 -3.19 -4.92 7.74
C HIS H 46 -3.96 -4.19 8.84
N ASP H 47 -5.07 -3.54 8.48
CA ASP H 47 -5.91 -2.80 9.42
C ASP H 47 -7.37 -3.17 9.21
N SER H 48 -7.63 -4.47 9.11
CA SER H 48 -8.98 -4.98 8.89
C SER H 48 -9.22 -6.16 9.82
N GLU H 49 -10.23 -6.04 10.69
CA GLU H 49 -10.57 -7.13 11.59
C GLU H 49 -11.10 -8.33 10.83
N PHE H 50 -11.86 -8.09 9.76
CA PHE H 50 -12.42 -9.18 8.98
C PHE H 50 -11.31 -10.01 8.33
N CYS H 51 -10.28 -9.35 7.81
CA CYS H 51 -9.17 -10.08 7.21
C CYS H 51 -8.42 -10.89 8.24
N ASP H 52 -8.26 -10.34 9.45
CA ASP H 52 -7.61 -11.08 10.52
C ASP H 52 -8.41 -12.32 10.89
N MET H 53 -9.73 -12.21 10.97
CA MET H 53 -10.54 -13.37 11.30
C MET H 53 -10.56 -14.37 10.15
N LEU H 54 -10.49 -13.90 8.90
CA LEU H 54 -10.32 -14.83 7.79
C LEU H 54 -9.02 -15.60 7.91
N ARG H 55 -7.92 -14.91 8.24
CA ARG H 55 -6.65 -15.61 8.41
C ARG H 55 -6.74 -16.63 9.54
N LEU H 56 -7.37 -16.26 10.64
CA LEU H 56 -7.50 -17.16 11.77
C LEU H 56 -8.29 -18.41 11.40
N PHE H 57 -9.41 -18.23 10.70
CA PHE H 57 -10.25 -19.38 10.37
C PHE H 57 -9.64 -20.22 9.26
N ASP H 58 -8.91 -19.59 8.33
CA ASP H 58 -8.18 -20.33 7.31
C ASP H 58 -7.10 -21.20 7.95
N TYR H 59 -6.38 -20.65 8.93
CA TYR H 59 -5.44 -21.45 9.70
C TYR H 59 -6.14 -22.59 10.42
N ASN H 60 -7.28 -22.30 11.05
CA ASN H 60 -7.98 -23.32 11.83
C ASN H 60 -8.46 -24.48 10.96
N LYS H 61 -9.05 -24.17 9.81
CA LYS H 61 -9.58 -25.22 8.94
C LYS H 61 -8.46 -25.92 8.16
N ASN H 62 -7.38 -25.20 7.84
CA ASN H 62 -6.28 -25.79 7.10
C ASN H 62 -5.57 -26.85 7.92
N ALA H 63 -5.40 -26.61 9.22
CA ALA H 63 -4.61 -27.50 10.06
C ALA H 63 -5.46 -28.30 11.05
N ILE H 64 -6.76 -28.45 10.78
CA ILE H 64 -7.58 -29.27 11.65
C ILE H 64 -7.13 -30.72 11.61
N LYS H 65 -6.99 -31.29 10.41
CA LYS H 65 -6.44 -32.62 10.23
C LYS H 65 -5.40 -32.60 9.14
N THR H 66 -5.59 -31.72 8.15
CA THR H 66 -4.62 -31.58 7.07
C THR H 66 -3.37 -30.88 7.57
N LEU H 67 -2.21 -31.38 7.13
CA LEU H 67 -0.90 -30.85 7.53
C LEU H 67 -0.67 -30.95 9.03
N GLN H 80 4.27 -19.41 16.72
CA GLN H 80 3.27 -18.41 17.16
C GLN H 80 2.31 -18.18 16.02
N THR H 81 1.82 -19.26 15.40
CA THR H 81 0.99 -19.08 14.20
C THR H 81 -0.20 -18.21 14.56
N ILE H 82 -0.83 -18.38 15.72
CA ILE H 82 -2.08 -17.61 16.02
C ILE H 82 -1.75 -16.10 16.04
N ASN H 83 -0.66 -15.70 16.68
CA ASN H 83 -0.33 -14.25 16.78
C ASN H 83 0.28 -13.73 15.48
N ALA H 84 0.78 -14.60 14.60
CA ALA H 84 1.26 -14.10 13.28
C ALA H 84 0.07 -14.04 12.31
N LEU H 85 -1.04 -14.68 12.68
CA LEU H 85 -2.27 -14.65 11.88
C LEU H 85 -3.06 -13.36 12.14
N ILE H 86 -3.04 -12.85 13.37
CA ILE H 86 -3.83 -11.64 13.74
C ILE H 86 -2.87 -10.46 13.82
N SER H 87 -3.33 -9.26 13.48
CA SER H 87 -2.48 -8.05 13.56
C SER H 87 -2.50 -7.54 15.00
N ASP H 88 -1.34 -7.60 15.65
CA ASP H 88 -1.26 -7.16 17.03
C ASP H 88 -1.53 -5.67 17.17
N ASN H 89 -1.13 -4.88 16.16
CA ASN H 89 -1.37 -3.44 16.21
C ASN H 89 -2.85 -3.13 16.25
N LEU H 90 -3.65 -3.84 15.45
CA LEU H 90 -5.09 -3.57 15.39
C LEU H 90 -5.78 -4.02 16.68
N LEU H 91 -5.37 -5.16 17.23
CA LEU H 91 -5.90 -5.61 18.52
C LEU H 91 -5.58 -4.60 19.62
N MET H 92 -4.34 -4.11 19.64
CA MET H 92 -3.96 -3.09 20.62
C MET H 92 -4.76 -1.81 20.41
N LYS H 93 -5.01 -1.44 19.16
CA LYS H 93 -5.80 -0.25 18.88
C LYS H 93 -7.22 -0.40 19.41
N ASN H 94 -7.83 -1.56 19.21
CA ASN H 94 -9.16 -1.80 19.74
C ASN H 94 -9.17 -1.79 21.26
N LYS H 95 -8.12 -2.34 21.88
CA LYS H 95 -8.01 -2.31 23.33
C LYS H 95 -7.93 -0.87 23.84
N ILE H 96 -7.11 -0.04 23.21
CA ILE H 96 -7.00 1.36 23.61
C ILE H 96 -8.34 2.06 23.41
N ARG H 97 -9.02 1.76 22.31
CA ARG H 97 -10.30 2.41 22.03
C ARG H 97 -11.34 2.06 23.09
N GLU H 98 -11.37 0.81 23.54
CA GLU H 98 -12.32 0.48 24.60
C GLU H 98 -11.88 1.04 25.94
N LEU H 99 -10.57 1.25 26.12
CA LEU H 99 -10.12 1.95 27.32
C LEU H 99 -10.43 3.43 27.26
N MET H 100 -10.43 4.02 26.06
CA MET H 100 -10.90 5.39 25.86
C MET H 100 -12.41 5.51 25.93
N SER H 101 -13.12 4.39 26.00
CA SER H 101 -14.59 4.36 26.00
C SER H 101 -15.17 4.93 24.71
N VAL H 102 -14.45 4.80 23.61
CA VAL H 102 -14.95 5.18 22.29
C VAL H 102 -15.35 3.89 21.57
N PRO H 103 -16.13 3.95 20.49
CA PRO H 103 -16.56 2.72 19.81
C PRO H 103 -15.36 1.90 19.33
N TYR H 104 -15.50 0.58 19.47
CA TYR H 104 -14.44 -0.36 19.11
C TYR H 104 -15.07 -1.62 18.53
N CYS H 105 -14.21 -2.58 18.18
CA CYS H 105 -14.63 -3.81 17.52
C CYS H 105 -14.27 -5.00 18.41
N ASN H 106 -15.18 -5.96 18.52
CA ASN H 106 -14.91 -7.18 19.27
C ASN H 106 -14.89 -8.42 18.38
N TYR H 107 -14.66 -8.23 17.08
CA TYR H 107 -14.35 -9.31 16.14
C TYR H 107 -15.47 -10.35 16.07
N THR H 108 -16.72 -9.90 16.11
CA THR H 108 -17.87 -10.79 16.06
C THR H 108 -18.73 -10.58 14.82
N LYS H 109 -19.26 -9.38 14.63
CA LYS H 109 -20.21 -9.10 13.55
C LYS H 109 -19.59 -8.11 12.58
N PHE H 110 -19.75 -8.37 11.29
CA PHE H 110 -19.21 -7.52 10.24
C PHE H 110 -20.30 -7.19 9.24
N TRP H 111 -20.33 -5.93 8.80
CA TRP H 111 -21.29 -5.46 7.83
C TRP H 111 -20.60 -5.08 6.53
N TYR H 112 -21.27 -5.34 5.41
CA TYR H 112 -20.72 -5.06 4.10
C TYR H 112 -21.85 -4.63 3.18
N VAL H 113 -21.47 -3.94 2.11
CA VAL H 113 -22.39 -3.39 1.14
C VAL H 113 -22.28 -4.20 -0.14
N ASN H 114 -23.41 -4.71 -0.62
CA ASN H 114 -23.44 -5.71 -1.67
C ASN H 114 -24.28 -5.22 -2.85
N HIS H 115 -23.71 -5.27 -4.04
CA HIS H 115 -24.45 -5.00 -5.28
C HIS H 115 -25.14 -6.30 -5.69
N THR H 116 -26.47 -6.31 -5.65
CA THR H 116 -27.22 -7.55 -5.75
C THR H 116 -27.05 -8.20 -7.12
N LEU H 117 -27.09 -7.40 -8.19
CA LEU H 117 -27.08 -7.96 -9.54
C LEU H 117 -25.72 -8.57 -9.87
N SER H 118 -24.68 -7.74 -9.92
CA SER H 118 -23.38 -8.21 -10.34
C SER H 118 -22.68 -9.05 -9.27
N GLY H 119 -23.10 -8.94 -8.02
CA GLY H 119 -22.49 -9.68 -6.94
C GLY H 119 -21.26 -9.04 -6.34
N GLN H 120 -20.79 -7.93 -6.91
CA GLN H 120 -19.65 -7.24 -6.32
C GLN H 120 -20.04 -6.61 -4.99
N HIS H 121 -19.12 -6.68 -4.03
CA HIS H 121 -19.40 -6.21 -2.69
C HIS H 121 -18.14 -5.62 -2.09
N SER H 122 -18.33 -4.76 -1.09
CA SER H 122 -17.21 -4.17 -0.39
C SER H 122 -16.65 -5.14 0.65
N LEU H 123 -15.41 -4.89 1.03
CA LEU H 123 -14.79 -5.68 2.08
C LEU H 123 -15.51 -5.43 3.40
N PRO H 124 -15.99 -6.46 4.08
CA PRO H 124 -16.80 -6.26 5.28
C PRO H 124 -16.07 -5.48 6.35
N ARG H 125 -16.78 -4.54 6.96
CA ARG H 125 -16.28 -3.71 8.05
C ARG H 125 -16.92 -4.14 9.35
N CYS H 126 -16.21 -3.95 10.44
CA CYS H 126 -16.69 -4.41 11.74
C CYS H 126 -17.85 -3.55 12.21
N TRP H 127 -18.91 -4.21 12.67
CA TRP H 127 -20.03 -3.53 13.31
C TRP H 127 -19.57 -3.07 14.68
N LEU H 128 -19.22 -1.79 14.79
CA LEU H 128 -18.56 -1.29 15.99
C LEU H 128 -19.48 -1.41 17.20
N ILE H 129 -18.86 -1.67 18.35
CA ILE H 129 -19.56 -1.80 19.62
C ILE H 129 -19.16 -0.64 20.51
N LYS H 130 -20.11 -0.18 21.33
CA LYS H 130 -19.85 0.89 22.27
C LYS H 130 -20.76 0.69 23.48
N ASN H 131 -20.16 0.72 24.67
CA ASN H 131 -20.87 0.45 25.92
C ASN H 131 -21.58 -0.89 25.88
N ASN H 132 -20.87 -1.91 25.42
CA ASN H 132 -21.35 -3.29 25.42
C ASN H 132 -22.68 -3.42 24.67
N SER H 133 -22.80 -2.69 23.57
CA SER H 133 -24.01 -2.71 22.76
C SER H 133 -23.64 -2.37 21.32
N TYR H 134 -24.23 -3.11 20.38
CA TYR H 134 -23.97 -2.85 18.97
C TYR H 134 -24.46 -1.46 18.59
N LEU H 135 -23.63 -0.73 17.84
CA LEU H 135 -24.04 0.59 17.39
C LEU H 135 -25.25 0.50 16.48
N ASN H 136 -26.15 1.46 16.62
CA ASN H 136 -27.32 1.51 15.76
C ASN H 136 -26.92 1.92 14.35
N ILE H 137 -27.77 1.56 13.39
CA ILE H 137 -27.46 1.82 11.99
C ILE H 137 -27.33 3.31 11.73
N SER H 138 -28.08 4.13 12.47
CA SER H 138 -28.06 5.57 12.27
C SER H 138 -26.71 6.18 12.61
N ASP H 139 -25.89 5.51 13.43
CA ASP H 139 -24.60 6.07 13.80
C ASP H 139 -23.61 6.01 12.65
N PHE H 140 -23.57 4.89 11.92
CA PHE H 140 -22.69 4.74 10.77
C PHE H 140 -23.46 4.74 9.45
N ARG H 141 -24.60 5.43 9.42
CA ARG H 141 -25.28 5.71 8.16
C ARG H 141 -24.33 6.36 7.16
N ASN H 142 -23.56 7.34 7.60
CA ASN H 142 -22.58 7.97 6.72
C ASN H 142 -21.58 6.94 6.22
N ASP H 143 -21.16 6.02 7.10
CA ASP H 143 -20.20 5.00 6.73
C ASP H 143 -20.73 4.11 5.61
N TRP H 144 -21.96 3.62 5.75
CA TRP H 144 -22.41 2.70 4.70
C TRP H 144 -22.86 3.44 3.44
N ILE H 145 -23.30 4.69 3.53
CA ILE H 145 -23.56 5.47 2.31
C ILE H 145 -22.27 5.68 1.54
N LEU H 146 -21.20 6.07 2.24
CA LEU H 146 -19.92 6.24 1.57
C LEU H 146 -19.41 4.92 1.03
N GLU H 147 -19.67 3.82 1.74
CA GLU H 147 -19.25 2.51 1.26
C GLU H 147 -19.97 2.13 -0.02
N SER H 148 -21.27 2.37 -0.11
CA SER H 148 -22.00 2.09 -1.35
C SER H 148 -21.50 2.95 -2.50
N ASP H 149 -21.30 4.25 -2.25
CA ASP H 149 -20.81 5.13 -3.30
C ASP H 149 -19.44 4.68 -3.78
N PHE H 150 -18.55 4.33 -2.84
CA PHE H 150 -17.23 3.85 -3.20
C PHE H 150 -17.29 2.53 -3.94
N LEU H 151 -18.26 1.67 -3.62
CA LEU H 151 -18.39 0.40 -4.34
C LEU H 151 -18.76 0.64 -5.80
N ILE H 152 -19.72 1.53 -6.04
CA ILE H 152 -20.10 1.83 -7.42
C ILE H 152 -18.95 2.47 -8.18
N SER H 153 -18.26 3.43 -7.53
CA SER H 153 -17.12 4.06 -8.15
C SER H 153 -16.02 3.06 -8.46
N GLU H 154 -15.79 2.10 -7.56
CA GLU H 154 -14.77 1.09 -7.77
C GLU H 154 -15.15 0.16 -8.91
N MET H 155 -16.44 -0.15 -9.04
CA MET H 155 -16.88 -0.97 -10.17
C MET H 155 -16.58 -0.28 -11.50
N LEU H 156 -16.99 0.99 -11.62
CA LEU H 156 -16.73 1.72 -12.87
C LEU H 156 -15.24 1.89 -13.13
N SER H 157 -14.46 2.20 -12.08
CA SER H 157 -13.03 2.37 -12.23
C SER H 157 -12.35 1.07 -12.64
N LYS H 158 -12.83 -0.05 -12.11
CA LYS H 158 -12.30 -1.35 -12.50
C LYS H 158 -12.59 -1.63 -13.96
N GLU H 159 -13.78 -1.26 -14.42
CA GLU H 159 -14.08 -1.41 -15.85
C GLU H 159 -13.12 -0.59 -16.70
N TYR H 160 -12.86 0.66 -16.30
CA TYR H 160 -11.91 1.49 -17.04
C TYR H 160 -10.51 0.89 -17.03
N SER H 161 -10.07 0.38 -15.87
CA SER H 161 -8.73 -0.18 -15.77
C SER H 161 -8.60 -1.45 -16.62
N ASP H 162 -9.64 -2.29 -16.63
CA ASP H 162 -9.62 -3.47 -17.48
C ASP H 162 -9.55 -3.09 -18.94
N ARG H 163 -10.26 -2.02 -19.33
CA ARG H 163 -10.11 -1.52 -20.69
C ARG H 163 -8.68 -1.07 -20.97
N GLN H 164 -8.09 -0.31 -20.05
CA GLN H 164 -6.76 0.25 -20.28
C GLN H 164 -5.68 -0.80 -20.28
N GLY H 165 -5.90 -1.95 -19.63
CA GLY H 165 -4.91 -3.00 -19.64
C GLY H 165 -4.90 -3.86 -20.88
N LYS H 166 -5.87 -3.71 -21.76
CA LYS H 166 -5.96 -4.48 -22.99
C LYS H 166 -5.77 -3.64 -24.24
N THR H 167 -6.39 -2.47 -24.30
CA THR H 167 -6.33 -1.63 -25.48
C THR H 167 -5.20 -0.62 -25.33
N PRO H 168 -4.24 -0.58 -26.26
CA PRO H 168 -3.15 0.39 -26.14
C PRO H 168 -3.64 1.82 -26.33
N LEU H 169 -2.92 2.75 -25.70
CA LEU H 169 -3.26 4.16 -25.84
C LEU H 169 -2.95 4.68 -27.23
N THR H 170 -1.87 4.17 -27.84
CA THR H 170 -1.48 4.64 -29.16
C THR H 170 -2.54 4.32 -30.20
N LEU H 171 -3.18 3.15 -30.08
CA LEU H 171 -4.25 2.81 -31.01
C LEU H 171 -5.45 3.72 -30.84
N VAL H 172 -5.79 4.07 -29.60
CA VAL H 172 -6.87 5.02 -29.34
C VAL H 172 -6.55 6.37 -29.96
N ASP H 173 -5.31 6.83 -29.77
CA ASP H 173 -4.91 8.12 -30.34
C ASP H 173 -4.95 8.08 -31.87
N ILE H 174 -4.50 6.98 -32.47
CA ILE H 174 -4.53 6.84 -33.91
C ILE H 174 -5.96 6.89 -34.43
N CYS H 175 -6.87 6.19 -33.75
CA CYS H 175 -8.27 6.23 -34.17
C CYS H 175 -8.86 7.62 -34.04
N PHE H 176 -8.57 8.32 -32.94
CA PHE H 176 -9.11 9.65 -32.75
C PHE H 176 -8.60 10.61 -33.81
N TRP H 177 -7.29 10.56 -34.10
CA TRP H 177 -6.73 11.47 -35.09
C TRP H 177 -7.18 11.12 -36.50
N SER H 178 -7.39 9.84 -36.78
CA SER H 178 -7.95 9.45 -38.07
C SER H 178 -9.37 9.99 -38.24
N THR H 179 -10.17 9.91 -37.18
CA THR H 179 -11.53 10.45 -37.25
C THR H 179 -11.52 11.97 -37.43
N VAL H 180 -10.62 12.68 -36.73
CA VAL H 180 -10.52 14.12 -36.88
C VAL H 180 -10.09 14.48 -38.30
N PHE H 181 -9.11 13.75 -38.83
CA PHE H 181 -8.66 13.99 -40.19
C PHE H 181 -9.77 13.74 -41.20
N PHE H 182 -10.56 12.67 -40.99
CA PHE H 182 -11.66 12.37 -41.89
C PHE H 182 -12.74 13.45 -41.84
N THR H 183 -13.03 13.97 -40.65
CA THR H 183 -14.04 15.02 -40.54
C THR H 183 -13.58 16.30 -41.22
N ALA H 184 -12.31 16.68 -41.01
CA ALA H 184 -11.77 17.83 -41.73
C ALA H 184 -11.78 17.60 -43.23
N SER H 185 -11.55 16.36 -43.65
CA SER H 185 -11.59 16.03 -45.07
C SER H 185 -12.99 16.18 -45.64
N LEU H 186 -14.02 15.78 -44.89
CA LEU H 186 -15.39 16.05 -45.32
C LEU H 186 -15.65 17.54 -45.44
N PHE H 187 -15.15 18.32 -44.48
CA PHE H 187 -15.32 19.77 -44.56
C PHE H 187 -14.70 20.32 -45.83
N LEU H 188 -13.48 19.89 -46.15
CA LEU H 188 -12.83 20.35 -47.37
C LEU H 188 -13.56 19.87 -48.61
N HIS H 189 -14.18 18.69 -48.53
CA HIS H 189 -14.98 18.18 -49.64
C HIS H 189 -16.19 19.08 -49.89
N LEU H 190 -16.83 19.55 -48.82
CA LEU H 190 -18.00 20.40 -48.99
C LEU H 190 -17.62 21.78 -49.52
N VAL H 191 -16.67 22.45 -48.86
CA VAL H 191 -16.31 23.80 -49.24
C VAL H 191 -15.69 23.82 -50.63
N GLY H 192 -14.74 22.92 -50.89
CA GLY H 192 -14.11 22.86 -52.19
C GLY H 192 -12.92 23.80 -52.29
N ILE H 193 -11.76 23.25 -52.61
CA ILE H 193 -10.53 24.03 -52.70
C ILE H 193 -10.32 24.47 -54.15
N PRO H 194 -10.15 25.77 -54.41
CA PRO H 194 -9.91 26.21 -55.78
C PRO H 194 -8.64 25.61 -56.35
N THR H 195 -8.68 25.29 -57.65
CA THR H 195 -7.58 24.58 -58.30
C THR H 195 -6.80 25.46 -59.26
N HIS H 196 -7.46 25.99 -60.29
CA HIS H 196 -6.81 26.84 -61.28
C HIS H 196 -6.89 28.29 -60.87
N ARG H 197 -6.51 29.17 -61.79
CA ARG H 197 -6.42 30.60 -61.52
C ARG H 197 -7.03 31.34 -62.71
N HIS H 198 -8.25 31.82 -62.55
CA HIS H 198 -8.96 32.52 -63.61
C HIS H 198 -8.69 34.03 -63.50
N ILE H 199 -9.44 34.83 -64.25
CA ILE H 199 -9.33 36.28 -64.25
C ILE H 199 -10.74 36.87 -64.22
N ARG H 200 -10.90 37.97 -63.49
CA ARG H 200 -12.19 38.63 -63.36
C ARG H 200 -12.85 38.86 -64.70
N GLY H 201 -14.00 38.22 -64.91
CA GLY H 201 -14.72 38.33 -66.16
C GLY H 201 -14.22 37.38 -67.24
N GLU H 202 -12.93 37.10 -67.23
CA GLU H 202 -12.33 36.24 -68.22
C GLU H 202 -12.70 34.78 -67.97
N ALA H 203 -12.86 34.01 -69.05
CA ALA H 203 -13.37 32.65 -68.96
C ALA H 203 -12.29 31.66 -68.52
N CYS H 204 -12.56 30.36 -68.65
CA CYS H 204 -11.60 29.34 -68.23
C CYS H 204 -10.48 29.23 -69.26
N PRO H 205 -9.22 29.45 -68.88
CA PRO H 205 -8.11 29.25 -69.82
C PRO H 205 -7.67 27.80 -69.97
N LEU H 206 -8.39 26.85 -69.38
CA LEU H 206 -7.91 25.47 -69.34
C LEU H 206 -7.86 24.89 -70.75
N PRO H 207 -6.79 24.16 -71.09
CA PRO H 207 -5.56 24.00 -70.29
C PRO H 207 -4.55 25.10 -70.53
N HIS H 208 -4.37 26.03 -69.58
CA HIS H 208 -3.31 27.02 -69.66
C HIS H 208 -3.09 27.66 -68.28
N ARG H 209 -1.97 27.35 -67.64
CA ARG H 209 -1.74 27.80 -66.27
C ARG H 209 -1.33 29.27 -66.23
N LEU H 210 -1.57 29.88 -65.07
CA LEU H 210 -1.29 31.29 -64.86
C LEU H 210 -0.38 31.45 -63.64
N ASN H 211 0.43 32.50 -63.67
CA ASN H 211 1.36 32.78 -62.57
C ASN H 211 0.67 33.64 -61.53
N SER H 212 1.45 34.19 -60.58
CA SER H 212 0.87 35.07 -59.57
C SER H 212 0.25 36.32 -60.17
N LEU H 213 0.69 36.73 -61.36
CA LEU H 213 0.14 37.88 -62.06
C LEU H 213 -0.85 37.48 -63.15
N GLY H 214 -1.22 36.20 -63.22
CA GLY H 214 -2.08 35.72 -64.29
C GLY H 214 -1.43 35.68 -65.64
N GLY H 215 -0.19 35.18 -65.72
CA GLY H 215 0.53 35.10 -66.98
C GLY H 215 1.15 33.73 -67.17
N CYS H 216 1.69 33.54 -68.38
CA CYS H 216 2.28 32.26 -68.76
C CYS H 216 3.32 32.50 -69.84
N ARG H 217 4.19 31.49 -70.03
CA ARG H 217 5.25 31.62 -71.03
C ARG H 217 4.72 31.48 -72.45
N CYS H 218 3.60 30.79 -72.63
CA CYS H 218 3.09 30.56 -73.98
C CYS H 218 2.64 31.86 -74.64
N GLY H 219 2.19 32.82 -73.85
CA GLY H 219 1.65 34.06 -74.38
C GLY H 219 0.15 34.03 -74.65
N LYS H 220 -0.50 32.89 -74.47
CA LYS H 220 -1.95 32.83 -74.64
C LYS H 220 -2.66 33.77 -73.68
N TYR H 221 -2.25 33.75 -72.42
CA TYR H 221 -2.69 34.71 -71.41
C TYR H 221 -1.45 35.23 -70.68
N PRO H 222 -0.73 36.18 -71.29
CA PRO H 222 0.54 36.64 -70.70
C PRO H 222 0.35 37.50 -69.46
N ASN H 223 1.44 38.04 -68.93
CA ASN H 223 1.41 38.81 -67.69
C ASN H 223 0.74 40.15 -67.94
N LEU H 224 -0.60 40.13 -67.92
CA LEU H 224 -1.39 41.33 -68.12
C LEU H 224 -1.63 42.12 -66.85
N LYS H 225 -1.24 41.57 -65.69
CA LYS H 225 -1.41 42.23 -64.39
C LYS H 225 -2.88 42.58 -64.15
N LYS H 226 -3.69 41.53 -64.03
CA LYS H 226 -5.12 41.65 -63.83
C LYS H 226 -5.54 40.87 -62.59
N PRO H 227 -6.62 41.29 -61.91
CA PRO H 227 -7.12 40.52 -60.77
C PRO H 227 -7.50 39.11 -61.20
N THR H 228 -7.23 38.15 -60.32
CA THR H 228 -7.43 36.73 -60.61
C THR H 228 -8.55 36.18 -59.74
N VAL H 229 -9.36 35.30 -60.34
CA VAL H 229 -10.48 34.66 -59.65
C VAL H 229 -10.10 33.22 -59.39
N TRP H 230 -10.09 32.85 -58.10
CA TRP H 230 -9.81 31.48 -57.68
C TRP H 230 -11.14 30.72 -57.64
N ARG H 231 -11.56 30.20 -58.78
CA ARG H 231 -12.79 29.44 -58.84
C ARG H 231 -12.47 27.95 -58.85
N ARG H 232 -13.38 27.17 -58.29
CA ARG H 232 -13.16 25.76 -58.04
C ARG H 232 -13.14 24.97 -59.34
N GLY H 233 -12.96 23.66 -59.24
CA GLY H 233 -12.94 22.83 -60.42
C GLY H 233 -14.28 22.84 -61.13
N HIS H 234 -14.23 22.85 -62.45
CA HIS H 234 -15.44 22.93 -63.27
C HIS H 234 -16.11 21.55 -63.36
N GLY I 2 9.00 8.07 -32.87
CA GLY I 2 8.09 8.29 -31.76
C GLY I 2 7.54 6.97 -31.24
N GLN I 3 6.34 7.01 -30.67
CA GLN I 3 5.71 5.79 -30.15
C GLN I 3 5.19 4.89 -31.25
N PHE I 4 5.12 5.38 -32.49
CA PHE I 4 4.55 4.59 -33.57
C PHE I 4 5.47 3.44 -33.98
N ILE I 5 6.78 3.67 -33.96
CA ILE I 5 7.72 2.64 -34.38
C ILE I 5 7.72 1.47 -33.39
N SER I 6 7.55 1.75 -32.10
CA SER I 6 7.44 0.68 -31.12
C SER I 6 6.06 0.03 -31.15
N PHE I 7 5.03 0.82 -31.44
CA PHE I 7 3.68 0.28 -31.53
C PHE I 7 3.53 -0.67 -32.71
N MET I 8 4.26 -0.42 -33.79
CA MET I 8 4.17 -1.30 -34.95
C MET I 8 4.75 -2.68 -34.65
N GLN I 9 5.71 -2.76 -33.72
CA GLN I 9 6.31 -4.04 -33.39
C GLN I 9 5.39 -4.90 -32.54
N GLU I 10 4.49 -4.29 -31.79
CA GLU I 10 3.59 -4.99 -30.88
C GLU I 10 2.19 -5.20 -31.47
N ILE I 11 2.04 -5.03 -32.78
CA ILE I 11 0.71 -5.17 -33.40
C ILE I 11 0.14 -6.57 -33.24
N PRO I 12 0.88 -7.66 -33.54
CA PRO I 12 0.26 -8.99 -33.41
C PRO I 12 -0.24 -9.31 -32.02
N THR I 13 0.36 -8.73 -30.98
CA THR I 13 -0.14 -8.94 -29.63
C THR I 13 -1.46 -8.22 -29.39
N PHE I 14 -1.65 -7.06 -30.01
CA PHE I 14 -2.86 -6.28 -29.79
C PHE I 14 -4.07 -6.84 -30.52
N LEU I 15 -3.87 -7.48 -31.67
CA LEU I 15 -5.00 -7.96 -32.46
C LEU I 15 -5.53 -9.29 -31.96
N GLN I 16 -5.80 -9.37 -30.66
CA GLN I 16 -6.49 -10.51 -30.08
C GLN I 16 -7.83 -10.14 -29.47
N GLU I 17 -8.09 -8.85 -29.27
CA GLU I 17 -9.37 -8.37 -28.78
C GLU I 17 -10.17 -7.77 -29.93
N ALA I 18 -11.50 -7.90 -29.84
CA ALA I 18 -12.36 -7.39 -30.90
C ALA I 18 -12.25 -5.87 -31.01
N LEU I 19 -12.12 -5.19 -29.88
CA LEU I 19 -12.08 -3.73 -29.91
C LEU I 19 -10.84 -3.22 -30.63
N ASN I 20 -9.69 -3.89 -30.44
CA ASN I 20 -8.47 -3.46 -31.12
C ASN I 20 -8.59 -3.62 -32.62
N ILE I 21 -9.16 -4.73 -33.08
CA ILE I 21 -9.38 -4.94 -34.52
C ILE I 21 -10.34 -3.89 -35.04
N ALA I 22 -11.39 -3.58 -34.28
CA ALA I 22 -12.34 -2.56 -34.70
C ALA I 22 -11.65 -1.20 -34.82
N LEU I 23 -10.79 -0.87 -33.87
CA LEU I 23 -10.08 0.42 -33.92
C LEU I 23 -9.15 0.49 -35.12
N VAL I 24 -8.43 -0.60 -35.40
CA VAL I 24 -7.52 -0.61 -36.56
C VAL I 24 -8.32 -0.46 -37.85
N ALA I 25 -9.43 -1.19 -37.97
CA ALA I 25 -10.25 -1.11 -39.18
C ALA I 25 -10.82 0.28 -39.35
N VAL I 26 -11.32 0.88 -38.26
CA VAL I 26 -11.89 2.22 -38.35
C VAL I 26 -10.81 3.23 -38.72
N SER I 27 -9.61 3.09 -38.16
CA SER I 27 -8.52 4.01 -38.50
C SER I 27 -8.17 3.91 -39.98
N LEU I 28 -8.03 2.68 -40.50
CA LEU I 28 -7.67 2.51 -41.90
C LEU I 28 -8.76 3.05 -42.82
N ILE I 29 -10.02 2.75 -42.51
CA ILE I 29 -11.12 3.22 -43.34
C ILE I 29 -11.20 4.75 -43.30
N ALA I 30 -10.99 5.34 -42.12
CA ALA I 30 -11.01 6.79 -42.00
C ALA I 30 -9.90 7.43 -42.81
N ILE I 31 -8.70 6.86 -42.76
CA ILE I 31 -7.59 7.41 -43.55
C ILE I 31 -7.88 7.30 -45.03
N ILE I 32 -8.39 6.15 -45.48
CA ILE I 32 -8.67 5.95 -46.89
C ILE I 32 -9.75 6.93 -47.36
N ALA I 33 -10.82 7.07 -46.58
CA ALA I 33 -11.90 7.99 -46.93
C ALA I 33 -11.42 9.43 -46.93
N GLY I 34 -10.57 9.80 -45.96
CA GLY I 34 -10.01 11.14 -45.97
C GLY I 34 -9.20 11.41 -47.22
N VAL I 35 -8.39 10.43 -47.65
CA VAL I 35 -7.62 10.60 -48.87
C VAL I 35 -8.54 10.77 -50.06
N VAL I 36 -9.58 9.93 -50.16
CA VAL I 36 -10.41 9.98 -51.36
C VAL I 36 -11.21 11.28 -51.42
N ASN I 37 -11.71 11.78 -50.28
CA ASN I 37 -12.48 13.01 -50.38
C ASN I 37 -11.60 14.27 -50.33
N LEU I 38 -10.33 14.15 -49.95
CA LEU I 38 -9.40 15.24 -50.26
C LEU I 38 -9.11 15.28 -51.76
N TYR I 39 -8.98 14.11 -52.39
CA TYR I 39 -8.83 14.09 -53.84
C TYR I 39 -10.07 14.66 -54.53
N LYS I 40 -11.26 14.31 -54.04
CA LYS I 40 -12.49 14.88 -54.61
C LYS I 40 -12.59 16.37 -54.35
N SER I 41 -12.11 16.83 -53.19
CA SER I 41 -12.19 18.26 -52.88
C SER I 41 -11.36 19.08 -53.86
N GLY I 42 -10.16 18.61 -54.20
CA GLY I 42 -9.32 19.33 -55.13
C GLY I 42 -8.03 19.83 -54.53
N LEU I 43 -7.74 19.43 -53.29
CA LEU I 43 -6.50 19.87 -52.65
C LEU I 43 -5.29 19.36 -53.41
N PHE I 44 -5.31 18.08 -53.82
CA PHE I 44 -4.20 17.54 -54.61
C PHE I 44 -4.09 18.25 -55.95
N GLN I 45 -5.23 18.51 -56.60
CA GLN I 45 -5.20 19.24 -57.86
C GLN I 45 -4.69 20.65 -57.65
N PHE I 46 -5.07 21.29 -56.55
CA PHE I 46 -4.57 22.63 -56.25
C PHE I 46 -3.06 22.63 -56.06
N PHE I 47 -2.53 21.64 -55.35
CA PHE I 47 -1.08 21.54 -55.16
C PHE I 47 -0.39 21.30 -56.49
N VAL I 48 -0.95 20.44 -57.34
CA VAL I 48 -0.35 20.18 -58.65
C VAL I 48 -0.34 21.45 -59.49
N PHE I 49 -1.42 22.21 -59.48
CA PHE I 49 -1.46 23.47 -60.22
C PHE I 49 -0.44 24.46 -59.67
N LEU I 50 -0.32 24.53 -58.34
CA LEU I 50 0.62 25.46 -57.72
C LEU I 50 2.05 25.09 -58.10
N ALA I 51 2.35 23.79 -58.18
CA ALA I 51 3.65 23.38 -58.70
C ALA I 51 3.82 23.76 -60.16
N LEU I 52 2.78 23.59 -60.97
CA LEU I 52 2.81 23.95 -62.38
C LEU I 52 2.26 25.37 -62.58
N ALA I 53 2.90 26.32 -61.90
CA ALA I 53 2.47 27.72 -61.91
C ALA I 53 2.94 28.38 -63.20
N GLY I 54 2.25 28.04 -64.28
CA GLY I 54 2.54 28.59 -65.59
C GLY I 54 3.70 27.94 -66.32
N ARG I 55 4.37 26.97 -65.71
CA ARG I 55 5.53 26.33 -66.32
C ARG I 55 5.17 25.36 -67.43
N SER I 56 3.91 24.94 -67.52
CA SER I 56 3.48 24.02 -68.56
C SER I 56 2.02 24.27 -68.86
N CYS I 57 1.52 23.58 -69.88
CA CYS I 57 0.12 23.68 -70.26
C CYS I 57 -0.39 22.36 -70.81
C1 NAG J . 17.83 -35.44 31.66
C2 NAG J . 18.60 -36.10 32.79
C3 NAG J . 17.91 -37.41 33.16
C4 NAG J . 16.46 -37.16 33.53
C5 NAG J . 15.77 -36.45 32.36
C6 NAG J . 14.34 -36.03 32.65
C7 NAG J . 21.01 -35.73 32.98
C8 NAG J . 22.37 -36.09 32.46
N2 NAG J . 19.98 -36.37 32.43
O3 NAG J . 18.61 -38.02 34.25
O4 NAG J . 15.88 -38.44 33.76
O5 NAG J . 16.48 -35.25 32.03
O6 NAG J . 13.44 -37.12 32.48
O7 NAG J . 20.85 -34.89 33.87
C1 NAG J . 15.02 -38.66 34.84
C2 NAG J . 14.80 -40.16 34.93
C3 NAG J . 13.89 -40.48 36.11
C4 NAG J . 14.46 -39.89 37.39
C5 NAG J . 14.70 -38.39 37.20
C6 NAG J . 15.39 -37.75 38.39
C7 NAG J . 13.25 -40.56 32.92
C8 NAG J . 12.02 -40.00 33.59
N2 NAG J . 14.35 -40.72 33.66
O3 NAG J . 13.73 -41.88 36.19
O4 NAG J . 13.52 -40.02 38.46
O5 NAG J . 15.55 -38.16 36.06
O6 NAG J . 14.61 -37.89 39.57
O7 NAG J . 13.23 -40.87 31.73
C1 NAG K . 16.74 19.54 15.08
C2 NAG K . 16.31 20.53 16.17
C3 NAG K . 16.27 21.96 15.66
C4 NAG K . 17.63 22.32 15.06
C5 NAG K . 18.05 21.24 14.05
C6 NAG K . 19.42 21.50 13.50
C7 NAG K . 14.95 19.51 17.96
C8 NAG K . 13.54 19.19 18.38
N2 NAG K . 15.06 20.13 16.77
O3 NAG K . 15.92 22.77 16.75
O4 NAG K . 17.50 23.56 14.41
O5 NAG K . 18.01 19.95 14.63
O6 NAG K . 19.92 20.36 12.85
O7 NAG K . 15.90 19.22 18.66
C1 NAG K . 17.90 24.64 15.27
C2 NAG K . 18.47 25.81 14.43
C3 NAG K . 18.81 26.98 15.34
C4 NAG K . 17.59 27.37 16.16
C5 NAG K . 17.09 26.15 16.91
C6 NAG K . 15.85 26.42 17.74
C7 NAG K . 20.81 24.96 13.71
C8 NAG K . 21.32 24.66 15.09
N2 NAG K . 19.55 25.45 13.53
O3 NAG K . 19.27 28.04 14.54
O4 NAG K . 18.00 28.37 17.06
O5 NAG K . 16.79 25.13 15.99
O6 NAG K . 14.83 26.94 16.93
O7 NAG K . 21.54 24.76 12.74
C1 NAG L . -1.36 26.93 0.09
C2 NAG L . -1.86 26.79 1.52
C3 NAG L . -3.28 27.34 1.58
C4 NAG L . -3.35 28.76 1.04
C5 NAG L . -2.62 28.87 -0.31
C6 NAG L . -2.47 30.29 -0.82
C7 NAG L . -1.16 24.99 3.05
C8 NAG L . -0.41 26.06 3.82
N2 NAG L . -1.83 25.44 1.97
O3 NAG L . -3.71 27.27 2.91
O4 NAG L . -4.72 29.03 0.89
O5 NAG L . -1.34 28.30 -0.22
O6 NAG L . -1.79 31.05 0.14
O7 NAG L . -1.16 23.84 3.41
C1 NAG L . -5.06 30.22 1.64
C2 NAG L . -6.43 30.71 1.15
C3 NAG L . -6.80 31.97 1.91
C4 NAG L . -6.73 31.72 3.42
C5 NAG L . -5.36 31.15 3.76
C6 NAG L . -5.16 30.85 5.24
C7 NAG L . -6.95 30.08 -1.17
C8 NAG L . -6.81 30.51 -2.62
N2 NAG L . -6.42 30.93 -0.27
O3 NAG L . -8.09 32.37 1.49
O4 NAG L . -6.99 32.94 4.07
O5 NAG L . -5.14 29.98 3.02
O6 NAG L . -6.12 29.91 5.66
O7 NAG L . -7.50 29.03 -0.87
C1 NAG M . 0.30 -6.20 50.51
C2 NAG M . 0.64 -6.78 51.88
C3 NAG M . 0.40 -5.71 52.93
C4 NAG M . 1.19 -4.45 52.60
C5 NAG M . 0.82 -3.97 51.20
C6 NAG M . 1.63 -2.79 50.71
C7 NAG M . 0.33 -9.18 52.20
C8 NAG M . -0.66 -10.30 52.15
N2 NAG M . -0.17 -7.95 52.14
O3 NAG M . 0.75 -6.22 54.21
O4 NAG M . 0.81 -3.47 53.56
O5 NAG M . 1.05 -5.02 50.25
O6 NAG M . 3.01 -3.13 50.56
O7 NAG M . 1.54 -9.38 52.27
C1 NAG M . 1.76 -2.61 54.08
C2 NAG M . 1.00 -1.65 54.98
C3 NAG M . 1.98 -0.69 55.64
C4 NAG M . 3.05 -1.47 56.38
C5 NAG M . 3.73 -2.44 55.43
C6 NAG M . 4.74 -3.33 56.11
C7 NAG M . -1.31 -1.25 54.38
C8 NAG M . -2.28 -0.42 53.59
N2 NAG M . -0.02 -0.95 54.24
O3 NAG M . 1.27 0.19 56.51
O4 NAG M . 4.05 -0.59 56.90
O5 NAG M . 2.76 -3.30 54.81
O6 NAG M . 4.11 -4.11 57.13
O7 NAG M . -1.69 -2.16 55.11
C1 NAG N . 36.11 -1.61 35.92
C2 NAG N . 36.82 -1.76 37.26
C3 NAG N . 38.33 -1.86 37.02
C4 NAG N . 38.63 -2.99 36.06
C5 NAG N . 37.86 -2.80 34.77
C6 NAG N . 37.99 -3.94 33.79
C7 NAG N . 35.78 -0.77 39.23
C8 NAG N . 35.48 0.50 39.97
N2 NAG N . 36.53 -0.64 38.14
O3 NAG N . 38.98 -2.04 38.26
O4 NAG N . 40.03 -2.93 35.79
O5 NAG N . 36.45 -2.69 35.04
O6 NAG N . 37.38 -5.12 34.31
O7 NAG N . 35.35 -1.85 39.61
C1 NAG N . 40.81 -4.08 35.86
C2 NAG N . 42.25 -3.55 35.92
C3 NAG N . 43.19 -4.72 36.20
C4 NAG N . 42.77 -5.45 37.47
C5 NAG N . 41.33 -5.90 37.35
C6 NAG N . 40.80 -6.52 38.63
C7 NAG N . 42.20 -2.88 33.51
C8 NAG N . 42.28 -1.59 32.76
N2 NAG N . 42.72 -2.86 34.75
O3 NAG N . 44.51 -4.21 36.32
O4 NAG N . 43.63 -6.58 37.64
O5 NAG N . 40.47 -4.77 37.06
O6 NAG N . 40.84 -5.58 39.69
O7 NAG N . 41.73 -3.90 33.01
C1 NAG O . 18.28 -23.50 -1.81
C2 NAG O . 19.79 -23.49 -1.54
C3 NAG O . 20.53 -23.80 -2.83
C4 NAG O . 20.03 -25.12 -3.43
C5 NAG O . 18.50 -25.16 -3.45
C6 NAG O . 17.98 -26.53 -3.83
C7 NAG O . 20.76 -22.08 0.23
C8 NAG O . 21.13 -20.68 0.60
N2 NAG O . 20.22 -22.23 -0.99
O3 NAG O . 21.90 -23.82 -2.54
O4 NAG O . 20.50 -25.18 -4.76
O5 NAG O . 17.96 -24.80 -2.20
O6 NAG O . 18.31 -27.44 -2.82
O7 NAG O . 20.94 -23.02 1.00
C1 NAG O . 21.74 -25.91 -4.84
C2 NAG O . 21.73 -26.74 -6.13
C3 NAG O . 23.06 -27.46 -6.27
C4 NAG O . 24.18 -26.43 -6.27
C5 NAG O . 24.09 -25.62 -4.97
C6 NAG O . 25.13 -24.53 -4.85
C7 NAG O . 20.33 -28.68 -5.37
C8 NAG O . 19.08 -29.44 -5.73
N2 NAG O . 20.61 -27.65 -6.20
O3 NAG O . 23.03 -28.21 -7.45
O4 NAG O . 25.40 -27.12 -6.38
O5 NAG O . 22.82 -25.01 -4.88
O6 NAG O . 25.00 -23.63 -5.93
O7 NAG O . 21.01 -29.00 -4.40
C1 NAG P . 15.62 -7.97 -20.47
C2 NAG P . 16.78 -7.64 -19.52
C3 NAG P . 17.58 -6.48 -20.11
C4 NAG P . 18.06 -6.87 -21.50
C5 NAG P . 16.87 -7.31 -22.36
C6 NAG P . 17.25 -7.79 -23.74
C7 NAG P . 16.69 -7.93 -17.07
C8 NAG P . 17.73 -9.01 -17.26
N2 NAG P . 16.30 -7.31 -18.19
O3 NAG P . 18.64 -6.19 -19.24
O4 NAG P . 18.70 -5.73 -22.06
O5 NAG P . 16.18 -8.36 -21.70
O6 NAG P . 18.07 -8.92 -23.63
O7 NAG P . 16.28 -7.64 -15.96
C1 NAG P . 20.10 -6.01 -22.24
C2 NAG P . 20.62 -5.26 -23.46
C3 NAG P . 22.10 -5.58 -23.65
C4 NAG P . 22.87 -5.26 -22.38
C5 NAG P . 22.22 -5.97 -21.19
C6 NAG P . 22.88 -5.67 -19.86
C7 NAG P . 19.03 -4.71 -25.24
C8 NAG P . 18.33 -5.26 -26.47
N2 NAG P . 19.86 -5.57 -24.64
O3 NAG P . 22.57 -4.84 -24.75
O4 NAG P . 24.20 -5.69 -22.58
O5 NAG P . 20.85 -5.61 -21.12
O6 NAG P . 24.20 -6.13 -19.87
O7 NAG P . 18.82 -3.58 -24.86
C1 NAG Q . -19.36 -8.82 20.69
C2 NAG Q . -19.55 -10.23 21.25
C3 NAG Q . -20.95 -10.71 20.93
C4 NAG Q . -22.01 -9.73 21.42
C5 NAG Q . -21.63 -8.30 21.03
C6 NAG Q . -22.53 -7.28 21.68
C7 NAG Q . -17.77 -11.89 21.52
C8 NAG Q . -16.79 -12.78 20.79
N2 NAG Q . -18.56 -11.14 20.74
O3 NAG Q . -21.09 -11.99 21.50
O4 NAG Q . -23.23 -10.04 20.81
O5 NAG Q . -20.30 -8.00 21.35
O6 NAG Q . -22.35 -7.34 23.08
O7 NAG Q . -17.81 -11.86 22.74
C1 NAG Q . -24.00 -10.93 21.62
C2 NAG Q . -25.48 -10.56 21.47
C3 NAG Q . -26.32 -11.54 22.27
C4 NAG Q . -26.03 -12.95 21.78
C5 NAG Q . -24.53 -13.23 21.90
C6 NAG Q . -24.10 -14.58 21.40
C7 NAG Q . -25.54 -8.59 23.00
C8 NAG Q . -25.94 -7.14 23.04
N2 NAG Q . -25.76 -9.19 21.82
O3 NAG Q . -27.67 -11.18 22.11
O4 NAG Q . -26.78 -13.82 22.58
O5 NAG Q . -23.82 -12.25 21.17
O6 NAG Q . -24.47 -14.74 20.05
O7 NAG Q . -25.06 -9.14 23.99
C1 NAG R . -24.67 -10.37 -2.77
C2 NAG R . -24.00 -11.60 -2.17
C3 NAG R . -24.04 -12.72 -3.22
C4 NAG R . -25.47 -12.98 -3.67
C5 NAG R . -26.11 -11.66 -4.13
C6 NAG R . -27.57 -11.78 -4.50
C7 NAG R . -22.11 -11.72 -0.59
C8 NAG R . -23.04 -12.46 0.34
N2 NAG R . -22.65 -11.34 -1.77
O3 NAG R . -23.45 -13.86 -2.64
O4 NAG R . -25.40 -13.92 -4.71
O5 NAG R . -26.00 -10.70 -3.10
O6 NAG R . -28.31 -12.15 -3.35
O7 NAG R . -20.96 -11.47 -0.28
C1 NAG R . -26.05 -15.13 -4.27
C2 NAG R . -26.62 -15.85 -5.49
C3 NAG R . -27.35 -17.10 -5.01
C4 NAG R . -26.40 -17.96 -4.19
C5 NAG R . -25.77 -17.12 -3.06
C6 NAG R . -24.77 -17.87 -2.21
C7 NAG R . -27.20 -14.45 -7.42
C8 NAG R . -28.26 -13.57 -8.03
N2 NAG R . -27.50 -14.98 -6.23
O3 NAG R . -27.85 -17.77 -6.14
O4 NAG R . -27.14 -19.04 -3.68
O5 NAG R . -25.14 -15.99 -3.63
O6 NAG R . -24.15 -16.97 -1.31
O7 NAG R . -26.13 -14.65 -8.00
C1 NAG S . 36.61 -28.00 38.66
C2 NAG S . 37.98 -27.48 39.06
C3 NAG S . 37.86 -26.52 40.24
C4 NAG S . 36.85 -25.42 39.97
C5 NAG S . 35.51 -26.04 39.55
C6 NAG S . 34.49 -25.02 39.11
C7 NAG S . 40.02 -28.68 39.88
C8 NAG S . 40.53 -30.02 40.30
N2 NAG S . 38.75 -28.64 39.48
O3 NAG S . 39.13 -25.94 40.49
O4 NAG S . 36.66 -24.70 41.18
O5 NAG S . 35.68 -26.95 38.44
O6 NAG S . 33.22 -25.64 38.99
O7 NAG S . 40.73 -27.68 39.92
C1 NAG T . 29.91 21.32 10.79
C2 NAG T . 30.83 22.02 9.78
C3 NAG T . 31.55 23.24 10.35
C4 NAG T . 30.59 24.12 11.16
C5 NAG T . 29.98 23.23 12.24
C6 NAG T . 29.07 23.96 13.21
C7 NAG T . 32.77 20.47 9.83
C8 NAG T . 33.60 19.55 8.96
N2 NAG T . 31.76 21.10 9.19
O3 NAG T . 32.11 23.95 9.28
O4 NAG T . 31.36 25.17 11.71
O5 NAG T . 29.21 22.24 11.59
O6 NAG T . 28.29 23.01 13.91
O7 NAG T . 33.03 20.59 11.02
C1 NAG U . 22.73 28.39 1.35
C2 NAG U . 24.01 28.87 0.66
C3 NAG U . 24.25 30.34 1.02
C4 NAG U . 23.02 31.17 0.66
C5 NAG U . 21.79 30.60 1.34
C6 NAG U . 20.51 31.30 0.93
C7 NAG U . 26.27 28.38 1.57
C8 NAG U . 26.52 28.02 3.01
N2 NAG U . 25.09 28.00 1.07
O3 NAG U . 25.39 30.82 0.32
O4 NAG U . 23.23 32.51 1.11
O5 NAG U . 21.62 29.21 1.01
O6 NAG U . 20.57 32.69 1.23
O7 NAG U . 27.10 28.97 0.90
ZN ZN V . -40.70 -5.54 -65.28
ZN ZN W . -32.77 5.56 -62.87
C1 NAG X . 5.04 -27.29 53.37
C2 NAG X . 5.15 -28.78 53.65
C3 NAG X . 6.60 -29.20 53.71
C4 NAG X . 7.41 -28.70 52.53
C5 NAG X . 7.21 -27.21 52.31
C6 NAG X . 7.79 -26.69 51.02
C7 NAG X . 4.40 -30.11 55.65
C8 NAG X . 3.88 -29.95 57.05
N2 NAG X . 4.55 -28.97 54.95
O3 NAG X . 6.57 -30.63 53.71
O4 NAG X . 8.82 -28.89 52.71
O5 NAG X . 5.82 -26.85 52.27
O6 NAG X . 7.44 -25.32 50.86
O7 NAG X . 4.67 -31.21 55.18
C1 NAG Y . 25.49 1.15 54.48
C2 NAG Y . 24.92 1.77 55.76
C3 NAG Y . 24.32 0.68 56.65
C4 NAG Y . 23.34 -0.21 55.89
C5 NAG Y . 23.98 -0.72 54.61
C6 NAG Y . 23.00 -1.44 53.72
C7 NAG Y . 26.39 2.40 57.68
C8 NAG Y . 26.13 3.56 58.59
N2 NAG Y . 25.97 2.52 56.42
O3 NAG Y . 23.67 1.34 57.73
O4 NAG Y . 23.01 -1.37 56.64
O5 NAG Y . 24.54 0.33 53.81
O6 NAG Y . 23.59 -1.74 52.46
O7 NAG Y . 26.98 1.40 58.07
C1 NAG Z . 11.74 -36.24 -0.75
C2 NAG Z . 11.24 -37.23 -1.83
C3 NAG Z . 11.82 -38.62 -1.60
C4 NAG Z . 13.33 -38.56 -1.43
C5 NAG Z . 13.67 -37.55 -0.33
C6 NAG Z . 15.15 -37.41 -0.07
C7 NAG Z . 8.95 -37.61 -0.93
C8 NAG Z . 7.49 -37.54 -1.31
N2 NAG Z . 9.81 -37.26 -1.91
O3 NAG Z . 11.46 -39.41 -2.71
O4 NAG Z . 13.77 -39.86 -1.10
O5 NAG Z . 13.15 -36.29 -0.68
O6 NAG Z . 15.69 -38.62 0.38
O7 NAG Z . 9.28 -37.97 0.19
ZN ZN AA . -43.92 44.55 -45.04
ZN ZN BA . -38.13 32.93 -50.34
C1 NAG CA . -24.31 1.90 29.08
C2 NAG CA . -24.71 3.29 29.60
C3 NAG CA . -25.46 3.16 30.93
C4 NAG CA . -26.59 2.15 30.82
C5 NAG CA . -26.04 0.83 30.28
C6 NAG CA . -27.09 -0.25 30.12
C7 NAG CA . -23.33 5.28 29.07
C8 NAG CA . -24.39 5.65 28.07
N2 NAG CA . -23.56 4.14 29.75
O3 NAG CA . -25.91 4.44 31.29
O4 NAG CA . -27.14 2.00 32.12
O5 NAG CA . -25.45 1.08 29.02
O6 NAG CA . -27.51 -0.70 31.37
O7 NAG CA . -22.33 5.96 29.23
ZN ZN DA . 0.84 28.43 -71.59
ZN ZN EA . -11.35 26.84 -64.69
#